data_7STL
#
_entry.id   7STL
#
_cell.length_a   1.00
_cell.length_b   1.00
_cell.length_c   1.00
_cell.angle_alpha   90.00
_cell.angle_beta   90.00
_cell.angle_gamma   90.00
#
_symmetry.space_group_name_H-M   'P 1'
#
loop_
_entity.id
_entity.type
_entity.pdbx_description
1 polymer 'Chitin synthase'
2 non-polymer 1,2-Distearoyl-sn-glycerophosphoethanolamine
#
_entity_poly.entity_id   1
_entity_poly.type   'polypeptide(L)'
_entity_poly.pdbx_seq_one_letter_code
;MSYNNPNNSNSHLRPHAYNNSRRDDSDGDESSIEFLNQRSNTPLTQGTYNYHNTSTNSLNFQQPEPIYRNQTRTSLSDSY
YDHPIFDTSQTQIQPPHDNPFTESYEMTDTSYQGNDHHYRTGQPNHLMNPTYNQAFIPHVYDEEDNDEQEYDQRIQYNQF
QGDHFDLAAISYADDESQSQLDYVPTERVIPEGEEEEEEGETSFEKEPGSETISGPFGEERSFEEPPPQQEVRSKKLTRA
TGLNGHLVLDCPVADELLSKFPDYNPAEKSGGLSREFAFMRYTAVTCGPSNFYRDAYILRPVHYPIPRQTELMIVITMYN
EDDILLGRTLKGVFKNIKYLESKARSSTWGKDSWKKIVVCIVSDGRTKINERAQALLAGLGVYQEGLAKSRVDDKKVQAH
MFEYTTRVGISKVTDDVVKLTTEKVVPVQMLFCLKETNAKKINSHRWCFQAIGQVLDPKIVVLLDCGTQPSGRSLYELWK
EFDRDHRVAGACGEITTSLKKRQMITNPLVYGQNFEYKISNILDKPTESSFGFISVLPGAFSAYRFIALQNDINGVGPLE
KYFKGEFLHSSGELDPNDDEFQMKHLMLKEEAGIFTSNMYLAEDRILCFELVAKRGCNWLLRYCKSARAETDVPEGLAEF
ILQRRRWLNGSFFAAIYSLVHFYKVWTSSHSFGRKIFLHIEFFYQLINLIVSWFSIGSYFLVFRILTTSLGDKALGFAPG
KILSVIFLWLYLASIVTTFVLSFGNKPKGTEKFYVTIVIFFAILMAYMIFAAIFMAVHSIQDIYRSGTRITVSLFFQNSE
FRDLVVATSSTYALYFLASFLYFEPWHMFTSFVQYILLSPSYVNVLNIYAFCNIDDISWGTKGEVGGKSLGEAKLREDGT
FDVSVPISKEQINQSYLDQLEKIRDPAPPEEKVLVTNTEDYYAFIRSMTVLVWMFTNFVVIALVLETGGFNQFVEATDLA
NLKSNRAAVFLTVILWTVAFMALFRFIGCIYYLITRLGREIKASEHATKANSLEVLFQGPDYKDDDDKAHHHHHHHHHH
;
_entity_poly.pdbx_strand_id   A,B
#
loop_
_chem_comp.id
_chem_comp.type
_chem_comp.name
_chem_comp.formula
3PE non-polymer 1,2-Distearoyl-sn-glycerophosphoethanolamine 'C41 H82 N O8 P'
#
# COMPACT_ATOMS: atom_id res chain seq x y z
N GLN A 134 -42.16 23.80 4.73
CA GLN A 134 -42.49 24.32 6.05
C GLN A 134 -41.46 23.87 7.09
N ALA A 135 -40.36 24.63 7.18
CA ALA A 135 -39.31 24.28 8.14
C ALA A 135 -39.82 24.36 9.57
N PHE A 136 -40.62 25.38 9.88
CA PHE A 136 -41.14 25.60 11.21
C PHE A 136 -42.57 25.10 11.30
N ILE A 137 -42.85 24.26 12.30
CA ILE A 137 -44.17 23.68 12.48
C ILE A 137 -44.52 23.77 13.96
N PRO A 138 -45.83 23.75 14.29
CA PRO A 138 -46.22 23.79 15.71
C PRO A 138 -45.66 22.60 16.46
N HIS A 139 -45.28 22.85 17.72
CA HIS A 139 -44.68 21.82 18.54
C HIS A 139 -45.66 20.67 18.76
N VAL A 140 -45.22 19.45 18.47
CA VAL A 140 -46.03 18.25 18.62
C VAL A 140 -45.28 17.26 19.50
N TYR A 141 -45.98 16.67 20.46
CA TYR A 141 -45.39 15.72 21.40
C TYR A 141 -45.78 14.31 21.00
N ASP A 142 -44.79 13.43 20.89
CA ASP A 142 -45.02 12.05 20.47
C ASP A 142 -45.43 11.19 21.67
N GLU A 143 -45.71 9.91 21.39
CA GLU A 143 -46.21 9.02 22.43
C GLU A 143 -45.20 8.86 23.55
N GLU A 144 -43.92 8.80 23.22
CA GLU A 144 -42.85 8.63 24.21
C GLU A 144 -42.39 9.98 24.77
N ASP A 145 -42.98 11.07 24.31
CA ASP A 145 -42.62 12.42 24.75
C ASP A 145 -43.46 12.94 25.91
N ASN A 146 -44.29 12.10 26.52
CA ASN A 146 -45.14 12.59 27.61
C ASN A 146 -44.31 13.23 28.72
N ASP A 147 -43.20 12.60 29.10
CA ASP A 147 -42.35 13.17 30.14
C ASP A 147 -41.93 14.59 29.79
N GLU A 148 -41.64 14.83 28.51
CA GLU A 148 -41.24 16.18 28.09
C GLU A 148 -42.27 17.21 28.52
N GLN A 149 -43.55 16.91 28.32
CA GLN A 149 -44.59 17.86 28.73
C GLN A 149 -44.43 18.24 30.19
N GLU A 150 -44.17 17.26 31.06
CA GLU A 150 -43.98 17.53 32.47
C GLU A 150 -42.95 18.64 32.66
N TYR A 151 -41.80 18.53 32.00
CA TYR A 151 -40.76 19.54 32.15
C TYR A 151 -41.34 20.92 31.84
N ASP A 152 -42.10 21.02 30.74
CA ASP A 152 -42.61 22.32 30.32
C ASP A 152 -43.46 22.96 31.40
N GLN A 153 -44.15 22.16 32.22
CA GLN A 153 -44.99 22.75 33.26
C GLN A 153 -44.17 23.43 34.33
N ARG A 154 -42.99 22.91 34.65
CA ARG A 154 -42.16 23.52 35.68
C ARG A 154 -41.45 24.78 35.20
N ILE A 155 -41.20 24.89 33.90
CA ILE A 155 -40.47 26.03 33.34
C ILE A 155 -41.46 27.16 33.06
N GLN A 156 -41.11 28.37 33.51
CA GLN A 156 -41.98 29.53 33.32
C GLN A 156 -42.09 29.90 31.84
N TYR A 157 -40.96 29.97 31.14
CA TYR A 157 -40.85 30.28 29.72
C TYR A 157 -41.12 31.75 29.41
N ASN A 158 -41.51 32.55 30.39
CA ASN A 158 -41.74 33.97 30.18
C ASN A 158 -40.50 34.82 30.37
N GLN A 159 -39.58 34.39 31.24
CA GLN A 159 -38.42 35.18 31.63
C GLN A 159 -37.16 34.48 31.13
N PHE A 160 -36.70 34.89 29.95
CA PHE A 160 -35.46 34.39 29.36
C PHE A 160 -34.65 35.54 28.79
N GLN A 161 -34.53 36.63 29.55
CA GLN A 161 -33.72 37.76 29.14
C GLN A 161 -32.24 37.46 29.34
N GLY A 162 -31.45 37.68 28.30
CA GLY A 162 -30.03 37.44 28.38
C GLY A 162 -29.26 38.62 28.95
N ASP A 163 -28.05 38.34 29.43
CA ASP A 163 -27.20 39.37 30.00
C ASP A 163 -26.64 40.26 28.91
N HIS A 164 -26.46 41.54 29.25
CA HIS A 164 -25.92 42.52 28.31
C HIS A 164 -24.39 42.43 28.27
N PHE A 165 -23.84 42.49 27.06
CA PHE A 165 -22.40 42.47 26.87
C PHE A 165 -22.03 43.44 25.76
N ASP A 166 -20.78 43.89 25.79
CA ASP A 166 -20.30 44.87 24.82
C ASP A 166 -20.02 44.20 23.48
N LEU A 167 -20.46 44.85 22.41
CA LEU A 167 -20.24 44.36 21.05
C LEU A 167 -18.97 44.95 20.47
N ALA A 168 -18.62 44.51 19.26
CA ALA A 168 -17.49 45.04 18.52
C ALA A 168 -18.01 45.94 17.40
N ALA A 169 -17.51 47.17 17.35
CA ALA A 169 -17.97 48.12 16.35
C ALA A 169 -17.68 47.62 14.94
N ILE A 170 -18.69 47.70 14.08
CA ILE A 170 -18.58 47.30 12.68
C ILE A 170 -19.13 48.46 11.84
N SER A 171 -18.24 49.30 11.34
CA SER A 171 -18.67 50.44 10.53
C SER A 171 -19.26 49.95 9.22
N TYR A 172 -20.49 50.36 8.94
CA TYR A 172 -21.19 49.96 7.73
C TYR A 172 -21.30 48.43 7.65
N THR A 238 -15.43 47.46 4.86
CA THR A 238 -15.87 47.76 6.21
C THR A 238 -14.73 47.55 7.20
N ARG A 239 -14.73 48.34 8.27
CA ARG A 239 -13.71 48.28 9.31
C ARG A 239 -14.33 47.81 10.61
N ALA A 240 -13.69 46.83 11.25
CA ALA A 240 -14.17 46.26 12.50
C ALA A 240 -13.06 46.31 13.54
N THR A 241 -13.41 46.66 14.77
CA THR A 241 -12.46 46.75 15.87
C THR A 241 -12.38 45.38 16.56
N GLY A 242 -11.53 44.52 15.99
CA GLY A 242 -11.34 43.21 16.57
C GLY A 242 -10.77 43.30 17.98
N LEU A 243 -11.33 42.52 18.89
CA LEU A 243 -10.89 42.54 20.28
C LEU A 243 -9.52 41.91 20.41
N ASN A 244 -8.63 42.59 21.15
CA ASN A 244 -7.29 42.08 21.44
C ASN A 244 -6.50 41.79 20.16
N GLY A 245 -6.80 42.52 19.09
CA GLY A 245 -6.09 42.33 17.83
C GLY A 245 -6.44 41.07 17.09
N HIS A 246 -7.53 40.41 17.44
CA HIS A 246 -7.99 39.20 16.76
C HIS A 246 -9.21 39.53 15.91
N LEU A 247 -9.44 38.68 14.91
CA LEU A 247 -10.56 38.89 14.00
C LEU A 247 -11.84 38.38 14.65
N VAL A 248 -12.65 39.33 15.11
CA VAL A 248 -13.92 39.05 15.78
C VAL A 248 -14.98 39.96 15.19
N LEU A 249 -16.15 39.38 14.90
CA LEU A 249 -17.26 40.12 14.33
C LEU A 249 -18.56 39.72 15.01
N ASP A 250 -19.32 40.71 15.47
CA ASP A 250 -20.63 40.48 16.07
C ASP A 250 -21.69 40.87 15.03
N CYS A 251 -22.15 39.89 14.27
CA CYS A 251 -23.09 40.16 13.19
C CYS A 251 -24.52 40.00 13.66
N PRO A 252 -25.47 40.64 12.99
CA PRO A 252 -26.88 40.44 13.32
C PRO A 252 -27.44 39.21 12.65
N VAL A 253 -28.32 38.51 13.37
CA VAL A 253 -28.95 37.31 12.83
C VAL A 253 -30.14 37.69 11.95
N ALA A 254 -30.55 36.76 11.10
CA ALA A 254 -31.63 37.03 10.17
C ALA A 254 -32.89 37.47 10.92
N ASP A 255 -33.56 38.48 10.38
CA ASP A 255 -34.70 39.06 11.07
C ASP A 255 -35.84 38.07 11.27
N GLU A 256 -35.98 37.09 10.36
CA GLU A 256 -37.03 36.09 10.53
C GLU A 256 -36.79 35.23 11.76
N LEU A 257 -35.53 34.81 11.97
CA LEU A 257 -35.21 34.04 13.15
C LEU A 257 -35.51 34.82 14.42
N LEU A 258 -35.18 36.12 14.42
CA LEU A 258 -35.55 36.97 15.55
C LEU A 258 -37.06 37.05 15.73
N SER A 259 -37.79 37.16 14.62
CA SER A 259 -39.24 37.26 14.70
C SER A 259 -39.85 36.01 15.31
N LYS A 260 -39.27 34.85 15.02
CA LYS A 260 -39.75 33.62 15.63
C LYS A 260 -39.67 33.68 17.16
N PHE A 261 -38.63 34.32 17.68
CA PHE A 261 -38.40 34.32 19.12
C PHE A 261 -39.55 35.02 19.83
N PRO A 262 -40.03 34.50 20.97
CA PRO A 262 -41.20 35.12 21.62
C PRO A 262 -40.99 36.58 22.00
N ASP A 263 -39.80 36.94 22.46
CA ASP A 263 -39.56 38.29 22.97
C ASP A 263 -39.61 39.35 21.88
N TYR A 264 -39.63 38.96 20.61
CA TYR A 264 -39.56 39.92 19.52
C TYR A 264 -40.76 40.86 19.55
N ASN A 265 -40.50 42.14 19.32
CA ASN A 265 -41.53 43.15 19.17
C ASN A 265 -41.34 43.85 17.83
N PRO A 266 -42.36 43.91 16.97
CA PRO A 266 -42.15 44.55 15.66
C PRO A 266 -41.67 45.98 15.74
N ALA A 267 -42.14 46.75 16.72
CA ALA A 267 -41.77 48.15 16.82
C ALA A 267 -40.27 48.31 17.07
N GLU A 268 -39.71 47.51 17.96
CA GLU A 268 -38.29 47.62 18.28
C GLU A 268 -37.43 47.30 17.06
N LYS A 269 -36.30 47.99 16.95
CA LYS A 269 -35.42 47.80 15.81
C LYS A 269 -34.87 46.37 15.77
N SER A 270 -34.44 45.85 16.93
CA SER A 270 -33.97 44.49 17.05
C SER A 270 -35.00 43.59 17.72
N GLY A 271 -36.20 44.09 17.96
CA GLY A 271 -37.24 43.32 18.62
C GLY A 271 -37.20 43.34 20.13
N GLY A 272 -36.30 44.10 20.73
CA GLY A 272 -36.17 44.11 22.18
C GLY A 272 -35.40 42.95 22.75
N LEU A 273 -34.82 42.10 21.91
CA LEU A 273 -34.07 40.96 22.39
C LEU A 273 -32.77 41.40 23.05
N SER A 274 -32.22 40.53 23.88
CA SER A 274 -30.95 40.81 24.52
C SER A 274 -29.83 40.80 23.49
N ARG A 275 -28.68 41.35 23.89
CA ARG A 275 -27.55 41.42 22.98
C ARG A 275 -27.10 40.04 22.53
N GLU A 276 -27.04 39.09 23.46
CA GLU A 276 -26.62 37.73 23.10
C GLU A 276 -27.60 37.08 22.13
N PHE A 277 -28.90 37.26 22.36
CA PHE A 277 -29.90 36.67 21.48
C PHE A 277 -30.01 37.39 20.14
N ALA A 278 -29.53 38.63 20.07
CA ALA A 278 -29.68 39.43 18.86
C ALA A 278 -28.51 39.26 17.90
N PHE A 279 -27.29 39.10 18.40
CA PHE A 279 -26.09 39.08 17.59
C PHE A 279 -25.34 37.77 17.77
N MET A 280 -24.83 37.24 16.66
CA MET A 280 -23.99 36.04 16.67
C MET A 280 -22.54 36.44 16.46
N ARG A 281 -21.65 35.76 17.18
CA ARG A 281 -20.24 36.14 17.20
C ARG A 281 -19.41 35.17 16.36
N TYR A 282 -18.48 35.73 15.58
CA TYR A 282 -17.57 34.95 14.76
C TYR A 282 -16.14 35.34 15.10
N THR A 283 -15.29 34.33 15.33
CA THR A 283 -13.90 34.55 15.65
C THR A 283 -13.04 33.68 14.74
N ALA A 284 -11.91 34.23 14.31
CA ALA A 284 -10.94 33.49 13.50
C ALA A 284 -9.74 33.16 14.38
N VAL A 285 -9.44 31.86 14.52
CA VAL A 285 -8.35 31.39 15.36
C VAL A 285 -7.23 30.91 14.44
N THR A 286 -6.07 31.56 14.53
CA THR A 286 -4.92 31.24 13.71
C THR A 286 -3.87 30.40 14.43
N CYS A 287 -3.80 30.51 15.76
CA CYS A 287 -2.68 29.92 16.50
C CYS A 287 -2.78 28.40 16.56
N GLY A 288 -3.94 27.87 16.90
CA GLY A 288 -4.10 26.44 17.12
C GLY A 288 -4.28 26.08 18.57
N PRO A 289 -4.51 24.79 18.84
CA PRO A 289 -4.86 24.39 20.22
C PRO A 289 -3.81 24.76 21.25
N SER A 290 -2.52 24.63 20.92
CA SER A 290 -1.48 24.77 21.93
C SER A 290 -1.44 26.19 22.50
N ASN A 291 -1.55 27.19 21.63
CA ASN A 291 -1.40 28.59 22.02
C ASN A 291 -2.72 29.34 22.14
N PHE A 292 -3.85 28.62 22.09
CA PHE A 292 -5.14 29.30 22.15
C PHE A 292 -5.30 30.07 23.46
N TYR A 293 -4.92 29.46 24.58
CA TYR A 293 -5.05 30.15 25.86
C TYR A 293 -3.98 31.21 26.04
N ARG A 294 -2.76 30.95 25.55
CA ARG A 294 -1.69 31.94 25.70
C ARG A 294 -2.06 33.24 25.00
N ASP A 295 -2.60 33.16 23.79
CA ASP A 295 -3.07 34.34 23.10
C ASP A 295 -4.34 34.86 23.76
N ALA A 296 -4.67 36.11 23.45
CA ALA A 296 -5.82 36.78 24.06
C ALA A 296 -7.11 36.45 23.30
N TYR A 297 -7.39 35.15 23.20
CA TYR A 297 -8.63 34.67 22.60
C TYR A 297 -9.67 34.50 23.70
N ILE A 298 -10.74 35.28 23.63
CA ILE A 298 -11.77 35.32 24.66
C ILE A 298 -13.07 34.77 24.07
N LEU A 299 -13.66 33.81 24.77
CA LEU A 299 -14.96 33.28 24.41
C LEU A 299 -16.06 34.12 25.06
N ARG A 300 -17.21 34.19 24.38
CA ARG A 300 -18.28 35.06 24.86
C ARG A 300 -18.75 34.73 26.27
N PRO A 301 -18.93 33.47 26.66
CA PRO A 301 -19.41 33.19 28.03
C PRO A 301 -18.55 33.80 29.12
N VAL A 302 -17.23 33.86 28.94
CA VAL A 302 -16.34 34.44 29.94
C VAL A 302 -16.12 35.93 29.76
N HIS A 303 -16.65 36.53 28.69
CA HIS A 303 -16.46 37.94 28.40
C HIS A 303 -17.54 38.83 29.01
N TYR A 304 -18.56 38.25 29.64
CA TYR A 304 -19.61 39.06 30.22
C TYR A 304 -19.07 39.89 31.38
N PRO A 305 -19.69 41.04 31.68
CA PRO A 305 -19.24 41.82 32.84
C PRO A 305 -19.23 41.01 34.13
N ILE A 306 -20.22 40.14 34.30
CA ILE A 306 -20.26 39.19 35.41
C ILE A 306 -19.83 37.83 34.87
N PRO A 307 -18.65 37.31 35.23
CA PRO A 307 -18.20 36.06 34.64
C PRO A 307 -19.17 34.91 34.90
N ARG A 308 -19.29 34.03 33.92
CA ARG A 308 -20.13 32.84 34.01
C ARG A 308 -19.24 31.62 34.18
N GLN A 309 -19.57 30.79 35.16
CA GLN A 309 -18.82 29.57 35.45
C GLN A 309 -19.55 28.38 34.84
N THR A 310 -18.83 27.61 34.03
CA THR A 310 -19.41 26.48 33.35
C THR A 310 -19.48 25.27 34.28
N GLU A 311 -20.61 24.57 34.22
CA GLU A 311 -20.81 23.37 35.02
C GLU A 311 -20.82 22.09 34.20
N LEU A 312 -21.11 22.17 32.90
CA LEU A 312 -21.23 20.98 32.07
C LEU A 312 -20.96 21.38 30.62
N MET A 313 -19.83 20.93 30.08
CA MET A 313 -19.46 21.18 28.69
C MET A 313 -19.82 19.94 27.86
N ILE A 314 -20.82 20.07 27.00
CA ILE A 314 -21.33 18.95 26.22
C ILE A 314 -20.65 19.02 24.85
N VAL A 315 -19.55 18.28 24.71
CA VAL A 315 -18.81 18.24 23.46
C VAL A 315 -19.49 17.26 22.50
N ILE A 316 -19.58 17.65 21.23
CA ILE A 316 -20.12 16.80 20.18
C ILE A 316 -19.10 16.76 19.04
N THR A 317 -18.76 15.57 18.58
CA THR A 317 -17.78 15.38 17.52
C THR A 317 -18.51 15.01 16.23
N MET A 318 -18.07 15.61 15.13
CA MET A 318 -18.77 15.45 13.85
C MET A 318 -17.75 15.32 12.72
N TYR A 319 -18.10 14.51 11.73
CA TYR A 319 -17.28 14.34 10.53
C TYR A 319 -18.19 13.89 9.39
N ASN A 320 -18.48 14.80 8.46
CA ASN A 320 -19.33 14.54 7.31
C ASN A 320 -20.56 13.72 7.67
N GLU A 321 -21.21 14.05 8.78
CA GLU A 321 -22.41 13.33 9.21
C GLU A 321 -23.64 13.98 8.62
N ASP A 322 -24.63 13.15 8.30
CA ASP A 322 -25.89 13.63 7.77
C ASP A 322 -26.61 14.50 8.79
N ASP A 323 -27.44 15.41 8.30
CA ASP A 323 -28.19 16.30 9.19
C ASP A 323 -29.12 15.53 10.11
N ILE A 324 -29.49 14.30 9.76
CA ILE A 324 -30.39 13.51 10.61
C ILE A 324 -29.69 13.15 11.91
N LEU A 325 -28.45 12.68 11.83
CA LEU A 325 -27.72 12.28 13.04
C LEU A 325 -27.47 13.48 13.95
N LEU A 326 -27.05 14.60 13.36
CA LEU A 326 -26.83 15.80 14.16
C LEU A 326 -28.13 16.28 14.78
N GLY A 327 -29.24 16.20 14.03
CA GLY A 327 -30.52 16.59 14.58
C GLY A 327 -30.93 15.73 15.77
N ARG A 328 -30.73 14.41 15.66
CA ARG A 328 -31.04 13.53 16.77
C ARG A 328 -30.19 13.87 17.99
N THR A 329 -28.89 14.07 17.80
CA THR A 329 -28.03 14.39 18.92
C THR A 329 -28.45 15.69 19.57
N LEU A 330 -28.73 16.72 18.76
CA LEU A 330 -29.11 18.01 19.32
C LEU A 330 -30.46 17.93 20.02
N LYS A 331 -31.40 17.13 19.48
CA LYS A 331 -32.68 16.97 20.16
C LYS A 331 -32.48 16.33 21.52
N GLY A 332 -31.64 15.30 21.61
CA GLY A 332 -31.37 14.69 22.91
C GLY A 332 -30.74 15.67 23.88
N VAL A 333 -29.76 16.43 23.42
CA VAL A 333 -29.09 17.39 24.29
C VAL A 333 -30.06 18.46 24.77
N PHE A 334 -30.91 18.96 23.86
CA PHE A 334 -31.87 19.98 24.25
C PHE A 334 -32.88 19.44 25.25
N LYS A 335 -33.32 18.20 25.06
CA LYS A 335 -34.24 17.61 26.03
C LYS A 335 -33.58 17.49 27.41
N ASN A 336 -32.31 17.08 27.43
CA ASN A 336 -31.60 16.99 28.70
C ASN A 336 -31.47 18.35 29.37
N ILE A 337 -31.16 19.38 28.59
CA ILE A 337 -31.03 20.73 29.15
C ILE A 337 -32.38 21.22 29.68
N LYS A 338 -33.46 20.91 28.95
CA LYS A 338 -34.79 21.29 29.42
C LYS A 338 -35.12 20.60 30.73
N TYR A 339 -34.78 19.31 30.85
CA TYR A 339 -35.02 18.61 32.11
C TYR A 339 -34.22 19.24 33.24
N LEU A 340 -32.96 19.58 32.99
CA LEU A 340 -32.15 20.21 34.02
C LEU A 340 -32.74 21.55 34.44
N GLU A 341 -33.22 22.33 33.48
CA GLU A 341 -33.85 23.60 33.80
C GLU A 341 -35.12 23.40 34.63
N SER A 342 -35.92 22.39 34.28
CA SER A 342 -37.18 22.17 34.98
C SER A 342 -36.98 21.75 36.43
N LYS A 343 -35.86 21.12 36.74
CA LYS A 343 -35.62 20.63 38.09
C LYS A 343 -35.75 21.77 39.09
N ALA A 344 -36.56 21.56 40.13
CA ALA A 344 -36.90 22.61 41.08
C ALA A 344 -36.09 22.50 42.38
N ARG A 345 -36.18 21.37 43.06
CA ARG A 345 -35.51 21.18 44.35
C ARG A 345 -34.09 20.66 44.15
N SER A 346 -33.28 21.47 43.47
CA SER A 346 -31.87 21.16 43.23
C SER A 346 -31.02 22.36 43.59
N SER A 347 -29.95 22.13 44.35
CA SER A 347 -29.08 23.21 44.77
C SER A 347 -28.37 23.84 43.58
N THR A 348 -27.89 23.02 42.64
CA THR A 348 -27.11 23.52 41.51
C THR A 348 -27.97 23.79 40.28
N TRP A 349 -28.99 22.98 40.04
CA TRP A 349 -29.81 23.07 38.84
C TRP A 349 -31.13 23.77 39.14
N GLY A 350 -31.76 24.25 38.08
CA GLY A 350 -33.03 24.94 38.19
C GLY A 350 -33.11 26.18 37.34
N LYS A 351 -33.62 27.27 37.92
CA LYS A 351 -33.76 28.52 37.16
C LYS A 351 -32.39 28.99 36.70
N ASP A 352 -32.33 29.43 35.44
CA ASP A 352 -31.10 29.93 34.83
C ASP A 352 -29.99 28.89 34.84
N SER A 353 -30.35 27.61 34.71
CA SER A 353 -29.35 26.56 34.61
C SER A 353 -28.70 26.50 33.24
N TRP A 354 -29.39 27.00 32.19
CA TRP A 354 -28.82 26.95 30.85
C TRP A 354 -27.56 27.80 30.74
N LYS A 355 -27.35 28.74 31.66
CA LYS A 355 -26.14 29.55 31.62
C LYS A 355 -24.90 28.74 32.00
N LYS A 356 -25.07 27.63 32.71
CA LYS A 356 -23.96 26.80 33.14
C LYS A 356 -23.60 25.71 32.14
N ILE A 357 -24.31 25.62 31.02
CA ILE A 357 -24.13 24.55 30.05
C ILE A 357 -23.78 25.16 28.70
N VAL A 358 -22.71 24.65 28.09
CA VAL A 358 -22.27 25.08 26.77
C VAL A 358 -22.14 23.85 25.89
N VAL A 359 -22.71 23.90 24.69
CA VAL A 359 -22.65 22.80 23.74
C VAL A 359 -21.62 23.16 22.68
N CYS A 360 -20.56 22.36 22.59
CA CYS A 360 -19.47 22.59 21.66
C CYS A 360 -19.53 21.54 20.56
N ILE A 361 -19.58 22.00 19.31
CA ILE A 361 -19.60 21.12 18.15
C ILE A 361 -18.32 21.40 17.36
N VAL A 362 -17.43 20.42 17.34
CA VAL A 362 -16.12 20.57 16.70
C VAL A 362 -16.19 19.79 15.39
N SER A 363 -16.34 20.51 14.29
CA SER A 363 -16.41 19.90 12.97
C SER A 363 -15.01 19.76 12.40
N ASP A 364 -14.70 18.57 11.91
CA ASP A 364 -13.37 18.22 11.42
C ASP A 364 -13.34 18.39 9.91
N GLY A 365 -12.60 19.39 9.44
CA GLY A 365 -12.50 19.64 8.03
C GLY A 365 -13.53 20.63 7.52
N ARG A 366 -13.07 21.77 7.01
CA ARG A 366 -13.99 22.79 6.51
C ARG A 366 -14.68 22.32 5.24
N THR A 367 -13.96 21.65 4.36
CA THR A 367 -14.51 21.18 3.10
C THR A 367 -15.11 19.78 3.18
N LYS A 368 -14.99 19.10 4.32
CA LYS A 368 -15.54 17.77 4.50
C LYS A 368 -16.88 17.77 5.22
N ILE A 369 -17.26 18.87 5.85
CA ILE A 369 -18.54 18.93 6.55
C ILE A 369 -19.67 18.77 5.53
N ASN A 370 -20.69 18.01 5.91
CA ASN A 370 -21.85 17.84 5.05
C ASN A 370 -22.63 19.15 4.94
N GLU A 371 -23.16 19.41 3.75
CA GLU A 371 -23.87 20.66 3.52
C GLU A 371 -25.20 20.70 4.26
N ARG A 372 -25.87 19.57 4.43
CA ARG A 372 -27.17 19.57 5.08
C ARG A 372 -27.04 19.86 6.58
N ALA A 373 -26.03 19.29 7.24
CA ALA A 373 -25.80 19.62 8.64
C ALA A 373 -25.40 21.08 8.81
N GLN A 374 -24.59 21.59 7.88
CA GLN A 374 -24.23 23.01 7.90
C GLN A 374 -25.47 23.88 7.76
N ALA A 375 -26.39 23.48 6.88
CA ALA A 375 -27.65 24.21 6.74
C ALA A 375 -28.47 24.13 8.03
N LEU A 376 -28.48 22.98 8.69
CA LEU A 376 -29.16 22.87 9.97
C LEU A 376 -28.59 23.87 10.97
N LEU A 377 -27.26 23.91 11.08
CA LEU A 377 -26.63 24.82 12.02
C LEU A 377 -26.94 26.28 11.67
N ALA A 378 -26.94 26.61 10.38
CA ALA A 378 -27.31 27.95 9.97
C ALA A 378 -28.75 28.27 10.36
N GLY A 379 -29.66 27.32 10.17
CA GLY A 379 -31.04 27.51 10.58
C GLY A 379 -31.15 27.76 12.07
N LEU A 380 -30.36 27.05 12.87
CA LEU A 380 -30.32 27.34 14.31
C LEU A 380 -29.79 28.73 14.60
N GLY A 381 -29.08 29.33 13.65
CA GLY A 381 -28.55 30.68 13.80
C GLY A 381 -27.09 30.76 14.17
N VAL A 382 -26.43 29.61 14.37
CA VAL A 382 -25.03 29.63 14.79
C VAL A 382 -24.13 30.09 13.64
N TYR A 383 -24.35 29.57 12.44
CA TYR A 383 -23.43 29.73 11.33
C TYR A 383 -24.00 30.67 10.26
N GLN A 384 -23.12 31.48 9.69
CA GLN A 384 -23.42 32.30 8.51
C GLN A 384 -22.27 32.16 7.52
N GLU A 385 -22.61 32.15 6.23
CA GLU A 385 -21.62 31.80 5.21
C GLU A 385 -20.62 32.92 4.97
N GLY A 386 -21.09 34.17 4.93
CA GLY A 386 -20.23 35.26 4.51
C GLY A 386 -19.07 35.55 5.45
N LEU A 387 -19.27 35.29 6.76
CA LEU A 387 -18.30 35.75 7.75
C LEU A 387 -16.93 35.10 7.56
N ALA A 388 -16.90 33.81 7.25
CA ALA A 388 -15.66 33.04 7.30
C ALA A 388 -14.60 33.65 6.41
N LYS A 389 -13.37 33.75 6.94
CA LYS A 389 -12.24 34.33 6.24
C LYS A 389 -11.09 33.33 6.23
N SER A 390 -10.43 33.20 5.07
CA SER A 390 -9.36 32.21 4.93
C SER A 390 -8.10 32.63 5.66
N ARG A 391 -7.69 33.90 5.50
CA ARG A 391 -6.43 34.37 6.04
C ARG A 391 -6.62 35.69 6.77
N VAL A 392 -5.80 35.91 7.79
CA VAL A 392 -5.78 37.16 8.56
C VAL A 392 -4.33 37.56 8.78
N ASP A 393 -3.99 38.79 8.39
CA ASP A 393 -2.65 39.32 8.59
C ASP A 393 -1.58 38.37 8.05
N ASP A 394 -1.86 37.79 6.88
CA ASP A 394 -0.96 36.84 6.23
C ASP A 394 -0.72 35.61 7.09
N LYS A 395 -1.70 35.24 7.91
CA LYS A 395 -1.64 34.06 8.76
C LYS A 395 -2.84 33.18 8.48
N LYS A 396 -2.59 31.88 8.29
CA LYS A 396 -3.67 30.95 8.04
C LYS A 396 -4.58 30.84 9.26
N VAL A 397 -5.89 30.79 8.99
CA VAL A 397 -6.88 30.64 10.04
C VAL A 397 -7.10 29.15 10.28
N GLN A 398 -6.61 28.64 11.40
CA GLN A 398 -6.74 27.22 11.69
C GLN A 398 -8.19 26.83 11.96
N ALA A 399 -8.93 27.68 12.67
CA ALA A 399 -10.30 27.35 13.08
C ALA A 399 -11.20 28.57 12.95
N HIS A 400 -12.48 28.31 12.73
CA HIS A 400 -13.52 29.34 12.70
C HIS A 400 -14.53 29.03 13.78
N MET A 401 -14.72 29.94 14.73
CA MET A 401 -15.59 29.71 15.87
C MET A 401 -16.82 30.60 15.77
N PHE A 402 -18.00 29.99 15.80
CA PHE A 402 -19.27 30.70 15.80
C PHE A 402 -19.96 30.47 17.14
N GLU A 403 -20.31 31.57 17.81
CA GLU A 403 -20.91 31.51 19.13
C GLU A 403 -22.29 32.16 19.07
N TYR A 404 -23.29 31.46 19.61
CA TYR A 404 -24.64 32.02 19.62
C TYR A 404 -25.49 31.32 20.68
N THR A 405 -26.39 32.10 21.30
CA THR A 405 -27.36 31.56 22.24
C THR A 405 -28.65 31.33 21.47
N THR A 406 -28.83 30.10 20.98
CA THR A 406 -29.95 29.77 20.12
C THR A 406 -31.20 29.45 20.93
N ARG A 407 -32.34 29.94 20.46
CA ARG A 407 -33.64 29.62 21.03
C ARG A 407 -34.49 28.79 20.08
N VAL A 408 -33.84 28.04 19.19
CA VAL A 408 -34.50 27.20 18.20
C VAL A 408 -34.33 25.75 18.65
N GLY A 409 -35.44 25.02 18.73
CA GLY A 409 -35.43 23.65 19.21
C GLY A 409 -35.99 22.69 18.18
N ILE A 410 -35.33 21.56 18.01
CA ILE A 410 -35.74 20.55 17.04
C ILE A 410 -36.97 19.84 17.60
N SER A 411 -38.12 20.05 16.96
CA SER A 411 -39.36 19.44 17.45
C SER A 411 -39.35 17.93 17.23
N LYS A 412 -39.00 17.50 16.01
CA LYS A 412 -38.98 16.09 15.69
C LYS A 412 -37.97 15.85 14.59
N VAL A 413 -37.48 14.61 14.51
CA VAL A 413 -36.49 14.20 13.53
C VAL A 413 -37.04 12.95 12.84
N THR A 414 -37.68 13.14 11.70
CA THR A 414 -38.17 12.02 10.92
C THR A 414 -37.00 11.30 10.23
N ASP A 415 -37.33 10.29 9.44
CA ASP A 415 -36.29 9.54 8.74
C ASP A 415 -35.59 10.40 7.69
N ASP A 416 -36.34 11.27 7.01
CA ASP A 416 -35.82 12.02 5.87
C ASP A 416 -35.63 13.50 6.12
N VAL A 417 -36.44 14.11 7.00
CA VAL A 417 -36.39 15.56 7.21
C VAL A 417 -36.31 15.86 8.70
N VAL A 418 -35.85 17.08 8.99
CA VAL A 418 -35.72 17.58 10.36
C VAL A 418 -36.59 18.83 10.47
N LYS A 419 -37.42 18.87 11.50
CA LYS A 419 -38.33 19.99 11.75
C LYS A 419 -37.90 20.70 13.01
N LEU A 420 -37.67 22.01 12.91
CA LEU A 420 -37.28 22.84 14.05
C LEU A 420 -38.30 23.95 14.25
N THR A 421 -38.63 24.22 15.51
CA THR A 421 -39.60 25.23 15.87
C THR A 421 -39.07 26.01 17.08
N THR A 422 -39.71 27.15 17.34
CA THR A 422 -39.34 28.03 18.44
C THR A 422 -40.29 27.94 19.63
N GLU A 423 -41.30 27.08 19.57
CA GLU A 423 -42.26 26.96 20.66
C GLU A 423 -41.69 26.12 21.79
N LYS A 424 -41.75 26.66 23.01
CA LYS A 424 -41.31 25.95 24.21
C LYS A 424 -39.88 25.44 24.06
N VAL A 425 -38.98 26.37 23.76
CA VAL A 425 -37.56 26.08 23.57
C VAL A 425 -36.76 26.87 24.60
N VAL A 426 -35.91 26.17 25.35
CA VAL A 426 -35.02 26.80 26.32
C VAL A 426 -33.77 27.26 25.59
N PRO A 427 -33.27 28.47 25.85
CA PRO A 427 -32.05 28.92 25.16
C PRO A 427 -30.87 28.02 25.48
N VAL A 428 -30.00 27.83 24.48
CA VAL A 428 -28.84 26.96 24.60
C VAL A 428 -27.64 27.70 24.02
N GLN A 429 -26.53 27.70 24.76
CA GLN A 429 -25.29 28.30 24.28
C GLN A 429 -24.58 27.32 23.37
N MET A 430 -24.29 27.75 22.14
CA MET A 430 -23.71 26.90 21.10
C MET A 430 -22.40 27.52 20.64
N LEU A 431 -21.33 26.72 20.67
CA LEU A 431 -20.03 27.09 20.14
C LEU A 431 -19.68 26.08 19.05
N PHE A 432 -19.64 26.53 17.81
CA PHE A 432 -19.39 25.68 16.64
C PHE A 432 -18.00 26.01 16.12
N CYS A 433 -17.06 25.08 16.32
CA CYS A 433 -15.67 25.25 15.90
C CYS A 433 -15.46 24.41 14.64
N LEU A 434 -15.41 25.09 13.49
CA LEU A 434 -15.16 24.45 12.21
C LEU A 434 -13.66 24.52 11.91
N LYS A 435 -13.02 23.36 11.82
CA LYS A 435 -11.59 23.33 11.56
C LYS A 435 -11.32 23.50 10.08
N GLU A 436 -10.21 24.18 9.77
CA GLU A 436 -9.88 24.48 8.38
C GLU A 436 -9.52 23.20 7.62
N THR A 437 -8.70 22.34 8.23
CA THR A 437 -8.29 21.09 7.61
C THR A 437 -8.53 19.95 8.60
N ASN A 438 -8.78 18.76 8.05
CA ASN A 438 -9.06 17.59 8.87
C ASN A 438 -7.76 17.00 9.41
N ALA A 439 -7.73 16.76 10.72
CA ALA A 439 -6.59 16.15 11.38
C ALA A 439 -7.02 15.01 12.29
N LYS A 440 -8.08 14.29 11.89
CA LYS A 440 -8.60 13.15 12.64
C LYS A 440 -9.25 13.60 13.95
N LYS A 441 -9.54 12.66 14.84
CA LYS A 441 -10.31 12.94 16.04
C LYS A 441 -9.45 13.37 17.21
N ILE A 442 -8.17 12.97 17.24
CA ILE A 442 -7.30 13.38 18.33
C ILE A 442 -7.10 14.89 18.31
N ASN A 443 -6.98 15.49 17.12
CA ASN A 443 -6.85 16.94 17.03
C ASN A 443 -8.13 17.62 17.51
N SER A 444 -9.29 17.05 17.19
CA SER A 444 -10.54 17.62 17.69
C SER A 444 -10.58 17.58 19.21
N HIS A 445 -10.16 16.45 19.80
CA HIS A 445 -10.13 16.38 21.26
C HIS A 445 -9.11 17.34 21.85
N ARG A 446 -8.00 17.58 21.14
CA ARG A 446 -7.05 18.60 21.59
C ARG A 446 -7.68 19.97 21.58
N TRP A 447 -8.47 20.29 20.56
CA TRP A 447 -9.21 21.55 20.56
C TRP A 447 -10.17 21.62 21.74
N CYS A 448 -10.86 20.51 22.02
CA CYS A 448 -11.84 20.50 23.10
C CYS A 448 -11.19 20.72 24.46
N PHE A 449 -10.11 19.99 24.75
CA PHE A 449 -9.52 20.00 26.08
C PHE A 449 -8.43 21.07 26.21
N GLN A 450 -7.41 21.00 25.37
CA GLN A 450 -6.23 21.83 25.55
C GLN A 450 -6.54 23.31 25.41
N ALA A 451 -7.48 23.68 24.54
CA ALA A 451 -7.72 25.07 24.18
C ALA A 451 -9.03 25.61 24.73
N ILE A 452 -10.17 25.00 24.37
CA ILE A 452 -11.46 25.52 24.83
C ILE A 452 -11.65 25.26 26.31
N GLY A 453 -11.23 24.09 26.78
CA GLY A 453 -11.43 23.75 28.19
C GLY A 453 -10.69 24.69 29.12
N GLN A 454 -9.45 25.05 28.76
CA GLN A 454 -8.68 25.95 29.62
C GLN A 454 -9.36 27.29 29.79
N VAL A 455 -9.88 27.86 28.69
CA VAL A 455 -10.56 29.14 28.78
C VAL A 455 -11.87 29.00 29.56
N LEU A 456 -12.68 28.00 29.22
CA LEU A 456 -13.94 27.81 29.91
C LEU A 456 -13.74 27.29 31.33
N ASP A 457 -12.73 26.45 31.54
CA ASP A 457 -12.49 25.82 32.83
C ASP A 457 -13.75 25.15 33.36
N PRO A 458 -14.32 24.19 32.61
CA PRO A 458 -15.56 23.57 33.04
C PRO A 458 -15.34 22.39 33.98
N LYS A 459 -16.43 21.73 34.36
CA LYS A 459 -16.37 20.49 35.11
C LYS A 459 -17.20 19.44 34.38
N ILE A 460 -16.77 18.19 34.49
CA ILE A 460 -17.53 17.08 33.91
C ILE A 460 -17.75 17.34 32.43
N VAL A 461 -16.68 17.31 31.64
CA VAL A 461 -16.79 17.39 30.19
C VAL A 461 -17.44 16.11 29.68
N VAL A 462 -18.53 16.26 28.93
CA VAL A 462 -19.25 15.14 28.36
C VAL A 462 -18.86 15.00 26.90
N LEU A 463 -18.53 13.78 26.50
CA LEU A 463 -18.14 13.47 25.12
C LEU A 463 -19.25 12.67 24.46
N LEU A 464 -19.73 13.18 23.34
CA LEU A 464 -20.79 12.58 22.54
C LEU A 464 -20.34 12.51 21.10
N ASP A 465 -21.03 11.68 20.32
CA ASP A 465 -20.74 11.53 18.90
C ASP A 465 -22.05 11.68 18.12
N CYS A 466 -21.93 12.22 16.91
CA CYS A 466 -23.11 12.38 16.06
C CYS A 466 -23.77 11.03 15.82
N GLY A 467 -25.10 11.01 15.83
CA GLY A 467 -25.86 9.79 15.74
C GLY A 467 -26.16 9.15 17.07
N THR A 468 -25.62 9.68 18.16
CA THR A 468 -25.87 9.17 19.51
C THR A 468 -26.90 10.06 20.19
N GLN A 469 -28.06 9.48 20.49
CA GLN A 469 -29.18 10.24 21.07
C GLN A 469 -29.31 9.88 22.54
N PRO A 470 -28.88 10.73 23.47
CA PRO A 470 -29.06 10.43 24.89
C PRO A 470 -30.54 10.46 25.27
N SER A 471 -30.81 9.96 26.47
CA SER A 471 -32.17 9.88 26.97
C SER A 471 -32.60 11.26 27.47
N GLY A 472 -33.77 11.32 28.11
CA GLY A 472 -34.29 12.59 28.60
C GLY A 472 -33.64 13.07 29.89
N ARG A 473 -33.06 12.16 30.67
CA ARG A 473 -32.44 12.52 31.94
C ARG A 473 -31.04 11.92 32.08
N SER A 474 -30.45 11.48 30.97
CA SER A 474 -29.17 10.76 31.04
C SER A 474 -28.06 11.66 31.57
N LEU A 475 -27.96 12.87 31.05
CA LEU A 475 -26.87 13.75 31.46
C LEU A 475 -26.98 14.12 32.94
N TYR A 476 -28.21 14.25 33.45
CA TYR A 476 -28.37 14.43 34.88
C TYR A 476 -27.85 13.24 35.66
N GLU A 477 -28.09 12.03 35.16
CA GLU A 477 -27.58 10.84 35.82
C GLU A 477 -26.05 10.84 35.86
N LEU A 478 -25.41 11.18 34.74
CA LEU A 478 -23.96 11.24 34.72
C LEU A 478 -23.44 12.30 35.71
N TRP A 479 -24.06 13.47 35.70
CA TRP A 479 -23.63 14.53 36.61
C TRP A 479 -23.80 14.11 38.06
N LYS A 480 -24.91 13.44 38.38
CA LYS A 480 -25.13 12.99 39.75
C LYS A 480 -24.11 11.93 40.15
N GLU A 481 -23.76 11.04 39.21
CA GLU A 481 -22.70 10.08 39.49
C GLU A 481 -21.40 10.77 39.85
N PHE A 482 -21.05 11.81 39.09
CA PHE A 482 -19.84 12.56 39.41
C PHE A 482 -19.97 13.28 40.75
N ASP A 483 -21.16 13.80 41.06
CA ASP A 483 -21.33 14.63 42.24
C ASP A 483 -21.32 13.82 43.52
N ARG A 484 -21.97 12.66 43.53
CA ARG A 484 -22.12 11.89 44.76
C ARG A 484 -20.75 11.55 45.35
N ASP A 485 -19.87 10.96 44.53
CA ASP A 485 -18.55 10.52 44.96
C ASP A 485 -17.50 11.40 44.29
N HIS A 486 -16.65 12.03 45.10
CA HIS A 486 -15.64 12.94 44.57
C HIS A 486 -14.44 12.21 43.98
N ARG A 487 -14.27 10.92 44.28
CA ARG A 487 -13.15 10.16 43.73
C ARG A 487 -13.37 9.78 42.26
N VAL A 488 -14.61 9.81 41.78
CA VAL A 488 -14.90 9.40 40.42
C VAL A 488 -14.33 10.43 39.45
N ALA A 489 -13.59 9.95 38.44
CA ALA A 489 -12.99 10.80 37.43
C ALA A 489 -13.55 10.56 36.04
N GLY A 490 -14.18 9.41 35.81
CA GLY A 490 -14.75 9.12 34.51
C GLY A 490 -15.99 8.26 34.67
N ALA A 491 -16.92 8.44 33.73
CA ALA A 491 -18.18 7.71 33.78
C ALA A 491 -18.63 7.40 32.37
N CYS A 492 -19.34 6.28 32.24
CA CYS A 492 -19.91 5.85 30.98
C CYS A 492 -21.32 5.37 31.24
N GLY A 493 -22.14 5.37 30.18
CA GLY A 493 -23.52 4.97 30.30
C GLY A 493 -23.86 3.86 29.33
N GLU A 494 -25.00 3.23 29.59
CA GLU A 494 -25.44 2.12 28.76
C GLU A 494 -25.70 2.60 27.34
N ILE A 495 -25.21 1.85 26.36
CA ILE A 495 -25.36 2.19 24.95
C ILE A 495 -26.21 1.10 24.30
N THR A 496 -27.22 1.52 23.56
CA THR A 496 -28.20 0.63 22.97
C THR A 496 -28.21 0.81 21.46
N THR A 497 -28.67 -0.23 20.76
CA THR A 497 -28.74 -0.23 19.30
C THR A 497 -30.20 -0.08 18.87
N SER A 498 -30.45 0.84 17.95
CA SER A 498 -31.79 1.07 17.46
C SER A 498 -32.22 -0.06 16.52
N LEU A 499 -33.45 -0.53 16.71
CA LEU A 499 -34.03 -1.61 15.92
C LEU A 499 -35.37 -1.17 15.35
N LYS A 500 -35.46 0.10 14.95
CA LYS A 500 -36.75 0.67 14.55
C LYS A 500 -37.30 -0.01 13.29
N LYS A 501 -36.58 0.11 12.17
CA LYS A 501 -37.04 -0.38 10.88
C LYS A 501 -36.14 -1.52 10.38
N ARG A 502 -35.75 -2.42 11.28
CA ARG A 502 -34.87 -3.53 10.96
C ARG A 502 -35.48 -4.82 11.47
N GLN A 503 -35.57 -5.82 10.58
CA GLN A 503 -36.20 -7.09 10.90
C GLN A 503 -35.20 -8.04 11.57
N MET A 504 -35.75 -9.06 12.22
CA MET A 504 -34.90 -10.06 12.86
C MET A 504 -34.12 -10.87 11.85
N ILE A 505 -34.77 -11.31 10.77
CA ILE A 505 -34.13 -12.20 9.81
C ILE A 505 -33.40 -11.42 8.72
N THR A 506 -33.92 -10.26 8.33
CA THR A 506 -33.29 -9.50 7.25
C THR A 506 -31.96 -8.89 7.65
N ASN A 507 -31.73 -8.65 8.94
CA ASN A 507 -30.52 -7.99 9.43
C ASN A 507 -29.90 -8.82 10.56
N PRO A 508 -29.30 -9.97 10.23
CA PRO A 508 -28.64 -10.75 11.29
C PRO A 508 -27.52 -9.99 11.99
N LEU A 509 -26.78 -9.17 11.24
CA LEU A 509 -25.62 -8.50 11.81
C LEU A 509 -26.04 -7.48 12.86
N VAL A 510 -27.11 -6.73 12.59
CA VAL A 510 -27.58 -5.74 13.54
C VAL A 510 -27.97 -6.40 14.87
N TYR A 511 -28.69 -7.51 14.79
CA TYR A 511 -29.14 -8.18 16.01
C TYR A 511 -27.96 -8.84 16.73
N GLY A 512 -26.98 -9.36 16.00
CA GLY A 512 -25.78 -9.86 16.65
C GLY A 512 -25.06 -8.77 17.41
N GLN A 513 -24.93 -7.59 16.80
CA GLN A 513 -24.32 -6.46 17.50
C GLN A 513 -25.15 -6.05 18.70
N ASN A 514 -26.48 -6.11 18.59
CA ASN A 514 -27.34 -5.80 19.72
C ASN A 514 -27.06 -6.74 20.89
N PHE A 515 -26.97 -8.04 20.60
CA PHE A 515 -26.67 -9.01 21.66
C PHE A 515 -25.31 -8.73 22.27
N GLU A 516 -24.31 -8.42 21.45
CA GLU A 516 -22.98 -8.14 21.97
C GLU A 516 -23.02 -6.94 22.91
N TYR A 517 -23.70 -5.87 22.49
CA TYR A 517 -23.78 -4.68 23.32
C TYR A 517 -24.49 -4.96 24.64
N LYS A 518 -25.59 -5.71 24.59
CA LYS A 518 -26.34 -6.00 25.81
C LYS A 518 -25.50 -6.83 26.77
N ILE A 519 -24.82 -7.86 26.26
CA ILE A 519 -24.00 -8.69 27.13
C ILE A 519 -22.86 -7.86 27.72
N SER A 520 -22.23 -7.01 26.91
CA SER A 520 -21.19 -6.16 27.44
C SER A 520 -21.70 -5.31 28.60
N ASN A 521 -22.79 -4.57 28.37
CA ASN A 521 -23.31 -3.68 29.40
C ASN A 521 -23.81 -4.44 30.62
N ILE A 522 -24.17 -5.71 30.48
CA ILE A 522 -24.72 -6.46 31.60
C ILE A 522 -23.64 -7.17 32.41
N LEU A 523 -22.53 -7.57 31.78
CA LEU A 523 -21.52 -8.35 32.48
C LEU A 523 -20.17 -7.63 32.59
N ASP A 524 -19.65 -7.07 31.49
CA ASP A 524 -18.30 -6.51 31.53
C ASP A 524 -18.26 -5.19 32.27
N LYS A 525 -19.09 -4.23 31.87
CA LYS A 525 -19.05 -2.92 32.50
C LYS A 525 -19.31 -2.98 34.00
N PRO A 526 -20.35 -3.68 34.49
CA PRO A 526 -20.58 -3.68 35.95
C PRO A 526 -19.42 -4.26 36.74
N THR A 527 -18.80 -5.34 36.28
CA THR A 527 -17.69 -5.93 37.01
C THR A 527 -16.51 -4.98 37.08
N GLU A 528 -16.15 -4.38 35.93
CA GLU A 528 -15.03 -3.44 35.91
C GLU A 528 -15.31 -2.22 36.79
N SER A 529 -16.55 -1.74 36.78
CA SER A 529 -16.92 -0.64 37.67
C SER A 529 -16.77 -1.06 39.14
N SER A 530 -17.19 -2.28 39.46
CA SER A 530 -17.06 -2.75 40.83
C SER A 530 -15.61 -2.77 41.26
N PHE A 531 -14.72 -3.22 40.37
CA PHE A 531 -13.29 -3.21 40.69
C PHE A 531 -12.70 -1.80 40.68
N GLY A 532 -13.38 -0.84 40.07
CA GLY A 532 -12.92 0.53 40.04
C GLY A 532 -12.09 0.92 38.85
N PHE A 533 -11.80 0.00 37.94
CA PHE A 533 -11.00 0.28 36.74
C PHE A 533 -11.74 -0.27 35.53
N ILE A 534 -12.12 0.62 34.62
CA ILE A 534 -12.79 0.25 33.38
C ILE A 534 -11.79 0.34 32.25
N SER A 535 -11.66 -0.75 31.49
CA SER A 535 -10.66 -0.80 30.43
C SER A 535 -10.92 0.26 29.37
N VAL A 536 -12.17 0.43 28.97
CA VAL A 536 -12.53 1.35 27.90
C VAL A 536 -13.77 2.13 28.33
N LEU A 537 -13.73 3.45 28.15
CA LEU A 537 -14.92 4.28 28.28
C LEU A 537 -15.39 4.67 26.89
N PRO A 538 -16.59 4.29 26.46
CA PRO A 538 -16.99 4.53 25.07
C PRO A 538 -16.85 5.98 24.68
N GLY A 539 -16.19 6.23 23.54
CA GLY A 539 -16.06 7.58 23.04
C GLY A 539 -17.36 8.16 22.53
N ALA A 540 -18.29 7.31 22.11
CA ALA A 540 -19.58 7.80 21.63
C ALA A 540 -20.37 8.46 22.74
N PHE A 541 -20.23 7.99 23.98
CA PHE A 541 -20.99 8.52 25.11
C PHE A 541 -20.19 8.30 26.38
N SER A 542 -19.60 9.36 26.92
CA SER A 542 -18.81 9.24 28.14
C SER A 542 -18.71 10.61 28.80
N ALA A 543 -18.06 10.64 29.96
CA ALA A 543 -17.85 11.89 30.69
C ALA A 543 -16.60 11.78 31.53
N TYR A 544 -15.88 12.89 31.64
CA TYR A 544 -14.63 12.96 32.38
C TYR A 544 -14.63 14.18 33.29
N ARG A 545 -13.97 14.06 34.44
CA ARG A 545 -13.76 15.20 35.32
C ARG A 545 -12.55 15.99 34.85
N PHE A 546 -12.75 17.29 34.61
CA PHE A 546 -11.72 18.08 33.94
C PHE A 546 -10.44 18.16 34.76
N ILE A 547 -10.55 18.38 36.07
CA ILE A 547 -9.37 18.56 36.90
C ILE A 547 -8.53 17.29 36.92
N ALA A 548 -9.17 16.12 36.89
CA ALA A 548 -8.44 14.86 36.96
C ALA A 548 -7.51 14.69 35.76
N LEU A 549 -7.88 15.23 34.60
CA LEU A 549 -7.10 15.07 33.38
C LEU A 549 -5.91 16.01 33.29
N GLN A 550 -5.84 17.02 34.15
CA GLN A 550 -4.77 18.01 34.06
C GLN A 550 -3.41 17.38 34.30
N ASN A 551 -2.42 17.82 33.53
CA ASN A 551 -1.07 17.30 33.67
C ASN A 551 -0.40 17.85 34.93
N ASP A 552 0.70 17.19 35.31
CA ASP A 552 1.48 17.62 36.46
C ASP A 552 2.38 18.79 36.09
N ILE A 553 3.01 19.37 37.11
CA ILE A 553 3.91 20.49 36.87
C ILE A 553 5.09 20.06 36.01
N ASN A 554 5.58 18.82 36.22
CA ASN A 554 6.67 18.31 35.42
C ASN A 554 6.30 18.21 33.94
N GLY A 555 5.01 18.21 33.62
CA GLY A 555 4.54 18.12 32.25
C GLY A 555 4.07 16.76 31.81
N VAL A 556 4.10 15.76 32.70
CA VAL A 556 3.65 14.41 32.40
C VAL A 556 2.27 14.21 33.02
N GLY A 557 1.34 13.70 32.22
CA GLY A 557 -0.02 13.48 32.67
C GLY A 557 -0.82 12.73 31.64
N PRO A 558 -2.06 12.35 31.99
CA PRO A 558 -2.89 11.60 31.04
C PRO A 558 -3.08 12.29 29.70
N LEU A 559 -3.29 13.61 29.71
CA LEU A 559 -3.51 14.32 28.46
C LEU A 559 -2.25 14.33 27.59
N GLU A 560 -1.08 14.47 28.22
CA GLU A 560 0.17 14.42 27.45
C GLU A 560 0.32 13.07 26.76
N LYS A 561 0.08 11.99 27.49
CA LYS A 561 0.14 10.66 26.90
C LYS A 561 -0.85 10.52 25.76
N TYR A 562 -2.08 11.00 25.96
CA TYR A 562 -3.10 10.86 24.93
C TYR A 562 -2.74 11.64 23.67
N PHE A 563 -2.24 12.86 23.83
CA PHE A 563 -1.94 13.73 22.70
C PHE A 563 -0.66 13.37 21.98
N LYS A 564 0.29 12.72 22.65
CA LYS A 564 1.56 12.39 21.99
C LYS A 564 1.33 11.50 20.77
N GLY A 565 0.27 10.69 20.78
CA GLY A 565 0.03 9.78 19.68
C GLY A 565 -0.16 10.49 18.35
N GLU A 566 -0.91 11.59 18.35
CA GLU A 566 -1.16 12.32 17.11
C GLU A 566 0.14 12.79 16.49
N PHE A 567 1.02 13.39 17.30
CA PHE A 567 2.27 13.92 16.76
C PHE A 567 3.21 12.81 16.32
N LEU A 568 3.30 11.73 17.11
CA LEU A 568 4.23 10.66 16.74
C LEU A 568 3.75 9.88 15.52
N HIS A 569 2.44 9.60 15.44
CA HIS A 569 1.89 8.82 14.33
C HIS A 569 1.46 9.77 13.22
N SER A 570 2.45 10.24 12.46
CA SER A 570 2.21 11.11 11.33
C SER A 570 3.50 11.25 10.54
N SER A 571 3.38 11.76 9.32
CA SER A 571 4.55 11.99 8.49
C SER A 571 5.45 13.04 9.13
N GLY A 572 6.75 12.78 9.10
CA GLY A 572 7.71 13.70 9.69
C GLY A 572 8.03 14.87 8.80
N GLU A 573 7.00 15.57 8.33
CA GLU A 573 7.12 16.73 7.46
C GLU A 573 6.43 17.90 8.14
N LEU A 574 7.20 18.68 8.90
CA LEU A 574 6.68 19.82 9.64
C LEU A 574 6.88 21.10 8.82
N ASP A 575 5.81 21.86 8.67
CA ASP A 575 5.88 23.13 7.97
C ASP A 575 6.55 24.17 8.86
N PRO A 576 7.64 24.82 8.41
CA PRO A 576 8.31 25.80 9.28
C PRO A 576 7.44 27.00 9.64
N ASN A 577 6.39 27.28 8.86
CA ASN A 577 5.55 28.44 9.10
C ASN A 577 4.52 28.22 10.21
N ASP A 578 4.29 26.97 10.62
CA ASP A 578 3.36 26.71 11.70
C ASP A 578 3.86 27.32 13.01
N ASP A 579 2.93 27.89 13.78
CA ASP A 579 3.28 28.48 15.06
C ASP A 579 3.51 27.43 16.14
N GLU A 580 3.07 26.19 15.90
CA GLU A 580 3.34 25.07 16.79
C GLU A 580 4.55 24.27 16.33
N PHE A 581 5.38 24.85 15.46
CA PHE A 581 6.54 24.14 14.93
C PHE A 581 7.50 23.75 16.04
N GLN A 582 7.72 24.65 17.00
CA GLN A 582 8.66 24.37 18.08
C GLN A 582 8.22 23.16 18.90
N MET A 583 6.93 23.12 19.27
CA MET A 583 6.42 22.02 20.07
C MET A 583 6.58 20.69 19.35
N LYS A 584 6.14 20.64 18.08
CA LYS A 584 6.22 19.40 17.32
C LYS A 584 7.66 18.96 17.12
N HIS A 585 8.55 19.91 16.80
CA HIS A 585 9.95 19.57 16.61
C HIS A 585 10.57 19.03 17.89
N LEU A 586 10.27 19.66 19.02
CA LEU A 586 10.78 19.16 20.30
C LEU A 586 10.26 17.77 20.59
N MET A 587 8.97 17.52 20.34
CA MET A 587 8.41 16.20 20.60
C MET A 587 9.07 15.14 19.71
N LEU A 588 9.25 15.45 18.43
CA LEU A 588 9.92 14.48 17.55
C LEU A 588 11.37 14.27 17.96
N LYS A 589 12.03 15.31 18.49
CA LYS A 589 13.42 15.17 18.92
C LYS A 589 13.54 14.28 20.15
N GLU A 590 12.48 14.08 20.91
CA GLU A 590 12.53 13.26 22.10
C GLU A 590 12.66 11.78 21.73
N GLU A 591 13.37 11.04 22.57
CA GLU A 591 13.56 9.60 22.37
C GLU A 591 12.27 8.87 22.72
N ALA A 592 11.70 8.17 21.74
CA ALA A 592 10.43 7.47 21.89
C ALA A 592 10.66 5.96 21.84
N GLY A 593 10.11 5.25 22.82
CA GLY A 593 10.16 3.80 22.84
C GLY A 593 9.04 3.19 22.03
N ILE A 594 8.90 1.87 22.19
CA ILE A 594 7.86 1.14 21.46
C ILE A 594 6.48 1.62 21.89
N PHE A 595 6.24 1.65 23.20
CA PHE A 595 4.92 2.05 23.69
C PHE A 595 4.62 3.50 23.35
N THR A 596 5.59 4.39 23.56
CA THR A 596 5.35 5.80 23.28
C THR A 596 5.05 6.02 21.81
N SER A 597 5.80 5.36 20.93
CA SER A 597 5.60 5.51 19.50
C SER A 597 4.39 4.76 18.97
N ASN A 598 3.82 3.85 19.75
CA ASN A 598 2.62 3.11 19.35
C ASN A 598 1.39 3.47 20.18
N MET A 599 1.46 4.55 20.97
CA MET A 599 0.31 4.97 21.76
C MET A 599 -0.95 5.15 20.91
N TYR A 600 -0.78 5.48 19.63
CA TYR A 600 -1.94 5.84 18.81
C TYR A 600 -2.97 4.72 18.76
N LEU A 601 -2.56 3.47 18.98
CA LEU A 601 -3.50 2.36 18.96
C LEU A 601 -4.50 2.46 20.11
N ALA A 602 -4.02 2.81 21.31
CA ALA A 602 -4.89 2.81 22.48
C ALA A 602 -5.99 3.85 22.35
N GLU A 603 -5.64 5.07 21.96
CA GLU A 603 -6.59 6.18 21.84
C GLU A 603 -7.14 6.47 23.24
N ASP A 604 -8.43 6.78 23.36
CA ASP A 604 -8.99 7.20 24.65
C ASP A 604 -8.73 6.16 25.73
N ARG A 605 -8.62 4.88 25.34
CA ARG A 605 -8.40 3.83 26.32
C ARG A 605 -7.24 4.17 27.24
N ILE A 606 -6.15 4.71 26.67
CA ILE A 606 -4.96 4.98 27.48
C ILE A 606 -5.34 5.87 28.67
N LEU A 607 -6.13 6.90 28.42
CA LEU A 607 -6.50 7.83 29.48
C LEU A 607 -6.97 7.07 30.71
N CYS A 608 -7.84 6.09 30.50
CA CYS A 608 -8.43 5.40 31.64
C CYS A 608 -7.35 4.91 32.59
N PHE A 609 -6.38 4.16 32.05
CA PHE A 609 -5.33 3.63 32.93
C PHE A 609 -4.64 4.77 33.66
N GLU A 610 -4.24 5.80 32.92
CA GLU A 610 -3.47 6.88 33.53
C GLU A 610 -4.25 7.54 34.65
N LEU A 611 -5.58 7.46 34.64
CA LEU A 611 -6.35 8.08 35.71
C LEU A 611 -6.29 7.25 36.98
N VAL A 612 -6.37 5.92 36.85
CA VAL A 612 -6.39 5.08 38.05
C VAL A 612 -5.01 5.02 38.68
N ALA A 613 -3.99 4.82 37.87
CA ALA A 613 -2.61 4.65 38.35
C ALA A 613 -1.85 5.98 38.29
N LYS A 614 -2.37 6.99 38.98
CA LYS A 614 -1.66 8.25 39.10
C LYS A 614 -0.64 8.18 40.23
N ARG A 615 0.31 9.12 40.20
CA ARG A 615 1.45 9.06 41.11
C ARG A 615 0.99 9.19 42.56
N GLY A 616 0.11 10.14 42.85
CA GLY A 616 -0.31 10.37 44.22
C GLY A 616 -1.78 10.75 44.33
N CYS A 617 -2.56 10.45 43.30
CA CYS A 617 -3.97 10.78 43.26
C CYS A 617 -4.82 9.53 43.44
N ASN A 618 -6.04 9.75 43.94
CA ASN A 618 -7.01 8.69 44.20
C ASN A 618 -8.20 8.92 43.28
N TRP A 619 -8.22 8.24 42.13
CA TRP A 619 -9.28 8.39 41.14
C TRP A 619 -9.86 7.03 40.82
N LEU A 620 -11.14 7.03 40.45
CA LEU A 620 -11.85 5.82 40.10
C LEU A 620 -12.71 6.06 38.87
N LEU A 621 -13.01 4.98 38.16
CA LEU A 621 -13.87 4.99 36.99
C LEU A 621 -15.14 4.20 37.33
N ARG A 622 -16.30 4.79 37.03
CA ARG A 622 -17.57 4.21 37.43
C ARG A 622 -18.52 4.14 36.24
N TYR A 623 -19.34 3.09 36.22
CA TYR A 623 -20.34 2.89 35.18
C TYR A 623 -21.73 2.98 35.81
N CYS A 624 -22.60 3.76 35.18
CA CYS A 624 -23.97 3.95 35.64
C CYS A 624 -24.93 3.43 34.58
N LYS A 625 -25.88 2.59 35.01
CA LYS A 625 -26.87 2.04 34.10
C LYS A 625 -28.09 2.93 33.95
N SER A 626 -28.21 3.98 34.78
CA SER A 626 -29.32 4.91 34.64
C SER A 626 -29.20 5.75 33.38
N ALA A 627 -27.98 6.08 32.97
CA ALA A 627 -27.76 6.85 31.76
C ALA A 627 -27.79 5.94 30.54
N ARG A 628 -28.58 6.30 29.54
CA ARG A 628 -28.75 5.50 28.34
C ARG A 628 -28.64 6.39 27.11
N ALA A 629 -28.03 5.85 26.06
CA ALA A 629 -27.89 6.52 24.78
C ALA A 629 -28.05 5.51 23.66
N GLU A 630 -28.73 5.92 22.60
CA GLU A 630 -29.04 5.05 21.48
C GLU A 630 -28.22 5.47 20.26
N THR A 631 -27.63 4.49 19.57
CA THR A 631 -26.80 4.75 18.42
C THR A 631 -27.12 3.74 17.32
N ASP A 632 -26.80 4.12 16.09
CA ASP A 632 -27.03 3.27 14.93
C ASP A 632 -25.77 2.48 14.62
N VAL A 633 -25.91 1.16 14.50
CA VAL A 633 -24.79 0.28 14.22
C VAL A 633 -24.61 0.15 12.71
N PRO A 634 -23.40 -0.17 12.23
CA PRO A 634 -23.21 -0.32 10.78
C PRO A 634 -23.89 -1.57 10.25
N GLU A 635 -24.81 -1.38 9.30
CA GLU A 635 -25.51 -2.51 8.70
C GLU A 635 -24.61 -3.27 7.72
N GLY A 636 -23.79 -2.54 6.97
CA GLY A 636 -22.94 -3.19 5.98
C GLY A 636 -21.80 -3.94 6.63
N LEU A 637 -21.30 -4.94 5.91
CA LEU A 637 -20.21 -5.76 6.44
C LEU A 637 -18.88 -5.00 6.37
N ALA A 638 -18.63 -4.27 5.29
CA ALA A 638 -17.38 -3.53 5.15
C ALA A 638 -17.24 -2.47 6.23
N GLU A 639 -18.32 -1.70 6.46
CA GLU A 639 -18.27 -0.67 7.50
C GLU A 639 -18.08 -1.30 8.87
N PHE A 640 -18.73 -2.44 9.12
CA PHE A 640 -18.56 -3.13 10.39
C PHE A 640 -17.11 -3.56 10.60
N ILE A 641 -16.49 -4.12 9.55
CA ILE A 641 -15.10 -4.53 9.64
C ILE A 641 -14.21 -3.32 9.91
N LEU A 642 -14.44 -2.22 9.19
CA LEU A 642 -13.61 -1.04 9.38
C LEU A 642 -13.75 -0.49 10.80
N GLN A 643 -14.97 -0.48 11.34
CA GLN A 643 -15.17 -0.02 12.70
C GLN A 643 -14.46 -0.93 13.70
N ARG A 644 -14.59 -2.24 13.53
CA ARG A 644 -14.00 -3.17 14.49
C ARG A 644 -12.48 -3.20 14.43
N ARG A 645 -11.89 -2.82 13.30
CA ARG A 645 -10.43 -2.80 13.20
C ARG A 645 -9.81 -2.05 14.36
N ARG A 646 -10.15 -0.76 14.48
CA ARG A 646 -9.51 0.07 15.49
C ARG A 646 -9.93 -0.32 16.90
N TRP A 647 -11.16 -0.80 17.08
CA TRP A 647 -11.58 -1.28 18.38
C TRP A 647 -10.69 -2.43 18.85
N LEU A 648 -10.49 -3.43 17.98
CA LEU A 648 -9.66 -4.56 18.37
C LEU A 648 -8.21 -4.15 18.59
N ASN A 649 -7.66 -3.33 17.70
CA ASN A 649 -6.27 -2.91 17.88
C ASN A 649 -6.09 -2.15 19.18
N GLY A 650 -7.01 -1.23 19.48
CA GLY A 650 -6.93 -0.48 20.72
C GLY A 650 -7.07 -1.36 21.94
N SER A 651 -8.01 -2.29 21.91
CA SER A 651 -8.18 -3.19 23.05
C SER A 651 -6.91 -3.97 23.32
N PHE A 652 -6.32 -4.56 22.27
CA PHE A 652 -5.10 -5.34 22.45
C PHE A 652 -3.98 -4.48 23.00
N PHE A 653 -3.73 -3.33 22.38
CA PHE A 653 -2.60 -2.51 22.81
C PHE A 653 -2.81 -2.00 24.24
N ALA A 654 -4.03 -1.57 24.56
CA ALA A 654 -4.29 -1.07 25.91
C ALA A 654 -4.10 -2.17 26.94
N ALA A 655 -4.58 -3.38 26.66
CA ALA A 655 -4.38 -4.47 27.59
C ALA A 655 -2.90 -4.75 27.80
N ILE A 656 -2.12 -4.79 26.72
CA ILE A 656 -0.70 -5.06 26.84
C ILE A 656 -0.03 -3.96 27.66
N TYR A 657 -0.33 -2.71 27.35
CA TYR A 657 0.31 -1.59 28.04
C TYR A 657 -0.02 -1.59 29.52
N SER A 658 -1.30 -1.83 29.86
CA SER A 658 -1.69 -1.85 31.26
C SER A 658 -1.02 -3.00 32.01
N LEU A 659 -0.96 -4.18 31.39
CA LEU A 659 -0.37 -5.32 32.07
C LEU A 659 1.14 -5.13 32.28
N VAL A 660 1.83 -4.57 31.29
CA VAL A 660 3.27 -4.38 31.43
C VAL A 660 3.58 -3.38 32.55
N HIS A 661 2.81 -2.30 32.64
CA HIS A 661 3.04 -1.24 33.62
C HIS A 661 2.13 -1.38 34.83
N PHE A 662 1.83 -2.60 35.25
CA PHE A 662 0.93 -2.80 36.39
C PHE A 662 1.50 -2.24 37.68
N TYR A 663 2.82 -2.07 37.77
CA TYR A 663 3.44 -1.63 39.01
C TYR A 663 3.18 -0.16 39.31
N LYS A 664 2.76 0.63 38.32
CA LYS A 664 2.55 2.06 38.53
C LYS A 664 1.48 2.32 39.58
N VAL A 665 0.59 1.36 39.82
CA VAL A 665 -0.46 1.55 40.83
C VAL A 665 0.08 1.47 42.24
N TRP A 666 1.30 0.96 42.42
CA TRP A 666 1.86 0.85 43.77
C TRP A 666 2.00 2.23 44.42
N THR A 667 2.48 3.22 43.66
CA THR A 667 2.70 4.54 44.21
C THR A 667 1.42 5.36 44.35
N SER A 668 0.33 4.94 43.72
CA SER A 668 -0.91 5.68 43.82
C SER A 668 -1.45 5.64 45.25
N SER A 669 -2.12 6.72 45.64
CA SER A 669 -2.66 6.86 46.99
C SER A 669 -4.05 6.21 47.06
N HIS A 670 -4.03 4.87 47.08
CA HIS A 670 -5.23 4.06 47.22
C HIS A 670 -5.11 3.22 48.48
N SER A 671 -6.27 2.79 48.99
CA SER A 671 -6.26 1.89 50.14
C SER A 671 -5.61 0.57 49.76
N PHE A 672 -5.01 -0.08 50.75
CA PHE A 672 -4.29 -1.32 50.48
C PHE A 672 -5.21 -2.38 49.88
N GLY A 673 -6.41 -2.54 50.44
CA GLY A 673 -7.38 -3.47 49.87
C GLY A 673 -7.75 -3.10 48.44
N ARG A 674 -7.87 -1.81 48.17
CA ARG A 674 -8.15 -1.38 46.80
C ARG A 674 -7.06 -1.83 45.85
N LYS A 675 -5.80 -1.70 46.27
CA LYS A 675 -4.70 -2.16 45.44
C LYS A 675 -4.73 -3.67 45.25
N ILE A 676 -5.09 -4.41 46.30
CA ILE A 676 -5.18 -5.87 46.17
C ILE A 676 -6.25 -6.24 45.14
N PHE A 677 -7.41 -5.61 45.21
CA PHE A 677 -8.47 -5.93 44.26
C PHE A 677 -8.12 -5.47 42.85
N LEU A 678 -7.40 -4.35 42.72
CA LEU A 678 -6.94 -3.94 41.40
C LEU A 678 -5.97 -4.97 40.82
N HIS A 679 -5.12 -5.55 41.67
CA HIS A 679 -4.23 -6.61 41.19
C HIS A 679 -5.01 -7.85 40.77
N ILE A 680 -6.07 -8.18 41.51
CA ILE A 680 -6.92 -9.29 41.09
C ILE A 680 -7.53 -9.01 39.71
N GLU A 681 -7.99 -7.78 39.49
CA GLU A 681 -8.53 -7.42 38.19
C GLU A 681 -7.46 -7.50 37.11
N PHE A 682 -6.24 -7.09 37.42
CA PHE A 682 -5.15 -7.18 36.45
C PHE A 682 -4.89 -8.64 36.08
N PHE A 683 -4.92 -9.53 37.06
CA PHE A 683 -4.74 -10.95 36.77
C PHE A 683 -5.85 -11.47 35.87
N TYR A 684 -7.10 -11.07 36.13
CA TYR A 684 -8.20 -11.47 35.26
C TYR A 684 -7.99 -10.95 33.85
N GLN A 685 -7.55 -9.70 33.71
CA GLN A 685 -7.32 -9.13 32.38
C GLN A 685 -6.18 -9.85 31.67
N LEU A 686 -5.15 -10.27 32.41
CA LEU A 686 -4.09 -11.06 31.81
C LEU A 686 -4.62 -12.38 31.27
N ILE A 687 -5.47 -13.06 32.05
CA ILE A 687 -6.07 -14.30 31.57
C ILE A 687 -6.89 -14.04 30.32
N ASN A 688 -7.68 -12.96 30.32
CA ASN A 688 -8.50 -12.64 29.16
C ASN A 688 -7.64 -12.37 27.93
N LEU A 689 -6.54 -11.64 28.10
CA LEU A 689 -5.64 -11.37 26.98
C LEU A 689 -5.04 -12.67 26.44
N ILE A 690 -4.62 -13.56 27.33
CA ILE A 690 -4.06 -14.84 26.89
C ILE A 690 -5.10 -15.61 26.10
N VAL A 691 -6.34 -15.65 26.59
CA VAL A 691 -7.39 -16.37 25.87
C VAL A 691 -7.63 -15.74 24.51
N SER A 692 -7.64 -14.41 24.44
CA SER A 692 -7.96 -13.73 23.19
C SER A 692 -6.84 -13.85 22.16
N TRP A 693 -5.59 -13.96 22.61
CA TRP A 693 -4.48 -14.07 21.68
C TRP A 693 -4.54 -15.38 20.90
N PHE A 694 -4.94 -16.47 21.56
CA PHE A 694 -5.03 -17.79 20.94
C PHE A 694 -6.44 -18.13 20.48
N SER A 695 -7.23 -17.13 20.10
CA SER A 695 -8.62 -17.39 19.73
C SER A 695 -8.71 -18.18 18.44
N ILE A 696 -7.98 -17.75 17.41
CA ILE A 696 -8.09 -18.39 16.10
C ILE A 696 -7.60 -19.83 16.17
N GLY A 697 -6.46 -20.05 16.84
CA GLY A 697 -5.95 -21.41 16.97
C GLY A 697 -6.90 -22.29 17.77
N SER A 698 -7.46 -21.76 18.86
CA SER A 698 -8.41 -22.54 19.64
C SER A 698 -9.64 -22.89 18.83
N TYR A 699 -10.14 -21.95 18.04
CA TYR A 699 -11.30 -22.23 17.19
C TYR A 699 -10.99 -23.34 16.20
N PHE A 700 -9.84 -23.25 15.53
CA PHE A 700 -9.48 -24.29 14.57
C PHE A 700 -9.35 -25.63 15.27
N LEU A 701 -8.72 -25.67 16.44
CA LEU A 701 -8.53 -26.93 17.14
C LEU A 701 -9.87 -27.55 17.52
N VAL A 702 -10.78 -26.73 18.06
CA VAL A 702 -12.09 -27.26 18.46
C VAL A 702 -12.83 -27.79 17.24
N PHE A 703 -12.82 -27.02 16.14
CA PHE A 703 -13.48 -27.46 14.92
C PHE A 703 -12.92 -28.79 14.43
N ARG A 704 -11.59 -28.89 14.38
CA ARG A 704 -10.97 -30.10 13.87
C ARG A 704 -11.30 -31.29 14.74
N ILE A 705 -11.21 -31.12 16.07
CA ILE A 705 -11.49 -32.23 16.97
C ILE A 705 -12.93 -32.69 16.81
N LEU A 706 -13.88 -31.75 16.82
CA LEU A 706 -15.29 -32.14 16.73
C LEU A 706 -15.61 -32.80 15.40
N THR A 707 -15.07 -32.27 14.29
CA THR A 707 -15.36 -32.85 12.99
C THR A 707 -14.73 -34.22 12.84
N THR A 708 -13.50 -34.40 13.32
CA THR A 708 -12.85 -35.70 13.20
C THR A 708 -13.50 -36.74 14.10
N SER A 709 -14.03 -36.33 15.25
CA SER A 709 -14.68 -37.30 16.14
C SER A 709 -15.86 -37.98 15.45
N LEU A 710 -16.56 -37.27 14.56
CA LEU A 710 -17.64 -37.89 13.82
C LEU A 710 -17.15 -38.93 12.82
N GLY A 711 -15.87 -38.87 12.44
CA GLY A 711 -15.33 -39.86 11.53
C GLY A 711 -15.12 -41.22 12.16
N ASP A 712 -15.11 -41.30 13.49
CA ASP A 712 -14.92 -42.57 14.16
C ASP A 712 -16.03 -43.54 13.78
N LYS A 713 -15.65 -44.78 13.45
CA LYS A 713 -16.62 -45.78 13.07
C LYS A 713 -17.50 -46.24 14.23
N ALA A 714 -17.12 -45.93 15.47
CA ALA A 714 -17.91 -46.37 16.60
C ALA A 714 -19.32 -45.82 16.54
N LEU A 715 -19.46 -44.53 16.26
CA LEU A 715 -20.76 -43.91 16.07
C LEU A 715 -21.22 -44.07 14.63
N GLY A 716 -22.53 -44.20 14.45
CA GLY A 716 -23.11 -44.48 13.15
C GLY A 716 -23.42 -43.25 12.33
N PHE A 717 -22.37 -42.60 11.81
CA PHE A 717 -22.53 -41.45 10.92
C PHE A 717 -21.66 -41.68 9.68
N ALA A 718 -22.31 -41.92 8.55
CA ALA A 718 -21.57 -42.29 7.33
C ALA A 718 -20.85 -41.10 6.72
N PRO A 719 -21.53 -40.01 6.36
CA PRO A 719 -20.84 -38.92 5.63
C PRO A 719 -19.79 -38.19 6.45
N GLY A 720 -19.68 -38.43 7.75
CA GLY A 720 -18.77 -37.70 8.60
C GLY A 720 -17.39 -37.48 8.03
N LYS A 721 -16.72 -38.54 7.58
CA LYS A 721 -15.34 -38.40 7.09
C LYS A 721 -15.25 -37.42 5.93
N ILE A 722 -16.09 -37.62 4.90
CA ILE A 722 -16.02 -36.78 3.71
C ILE A 722 -16.35 -35.33 4.07
N LEU A 723 -17.38 -35.13 4.89
CA LEU A 723 -17.73 -33.78 5.32
C LEU A 723 -16.56 -33.14 6.05
N SER A 724 -15.89 -33.88 6.93
CA SER A 724 -14.76 -33.30 7.66
C SER A 724 -13.66 -32.88 6.71
N VAL A 725 -13.34 -33.72 5.71
CA VAL A 725 -12.31 -33.36 4.75
C VAL A 725 -12.69 -32.08 4.00
N ILE A 726 -13.93 -32.04 3.50
CA ILE A 726 -14.37 -30.88 2.73
C ILE A 726 -14.33 -29.62 3.59
N PHE A 727 -14.81 -29.71 4.83
CA PHE A 727 -14.81 -28.55 5.70
C PHE A 727 -13.40 -28.10 6.01
N LEU A 728 -12.46 -29.04 6.18
CA LEU A 728 -11.07 -28.66 6.39
C LEU A 728 -10.54 -27.86 5.22
N TRP A 729 -10.76 -28.36 4.01
CA TRP A 729 -10.27 -27.65 2.83
C TRP A 729 -10.90 -26.26 2.73
N LEU A 730 -12.22 -26.16 2.94
CA LEU A 730 -12.88 -24.86 2.86
C LEU A 730 -12.35 -23.91 3.94
N TYR A 731 -12.13 -24.41 5.15
CA TYR A 731 -11.62 -23.59 6.23
C TYR A 731 -10.25 -23.02 5.89
N LEU A 732 -9.34 -23.88 5.42
CA LEU A 732 -8.02 -23.41 5.02
C LEU A 732 -8.11 -22.37 3.92
N ALA A 733 -8.94 -22.64 2.90
CA ALA A 733 -9.07 -21.69 1.81
C ALA A 733 -9.58 -20.34 2.31
N SER A 734 -10.58 -20.38 3.19
CA SER A 734 -11.14 -19.14 3.71
C SER A 734 -10.11 -18.34 4.49
N ILE A 735 -9.34 -19.01 5.36
CA ILE A 735 -8.32 -18.30 6.14
C ILE A 735 -7.29 -17.67 5.21
N VAL A 736 -6.82 -18.44 4.22
CA VAL A 736 -5.77 -17.93 3.34
C VAL A 736 -6.28 -16.74 2.54
N THR A 737 -7.50 -16.85 2.00
CA THR A 737 -8.06 -15.73 1.25
C THR A 737 -8.28 -14.52 2.14
N THR A 738 -8.68 -14.73 3.39
CA THR A 738 -8.85 -13.62 4.29
C THR A 738 -7.54 -12.88 4.50
N PHE A 739 -6.45 -13.62 4.71
CA PHE A 739 -5.15 -12.97 4.86
C PHE A 739 -4.77 -12.19 3.60
N VAL A 740 -4.94 -12.83 2.43
CA VAL A 740 -4.54 -12.19 1.18
C VAL A 740 -5.32 -10.89 0.97
N LEU A 741 -6.64 -10.94 1.18
CA LEU A 741 -7.45 -9.74 1.00
C LEU A 741 -7.11 -8.67 2.03
N SER A 742 -6.89 -9.07 3.29
CA SER A 742 -6.54 -8.10 4.32
C SER A 742 -5.26 -7.36 3.97
N PHE A 743 -4.30 -8.05 3.35
CA PHE A 743 -3.07 -7.36 2.95
C PHE A 743 -3.25 -6.57 1.66
N GLY A 744 -4.03 -7.09 0.71
CA GLY A 744 -4.04 -6.55 -0.63
C GLY A 744 -5.10 -5.53 -0.94
N ASN A 745 -6.36 -5.87 -0.69
CA ASN A 745 -7.49 -5.08 -1.14
C ASN A 745 -8.17 -4.37 0.02
N LYS A 746 -9.18 -3.52 -0.31
CA LYS A 746 -9.97 -2.76 0.66
C LYS A 746 -11.31 -3.43 0.90
N PRO A 747 -11.84 -3.38 2.13
CA PRO A 747 -13.10 -4.10 2.41
C PRO A 747 -14.26 -3.67 1.54
N LYS A 748 -14.35 -2.37 1.22
CA LYS A 748 -15.49 -1.89 0.44
C LYS A 748 -15.51 -2.51 -0.94
N GLY A 749 -14.35 -2.68 -1.56
CA GLY A 749 -14.26 -3.26 -2.88
C GLY A 749 -14.71 -4.71 -2.92
N THR A 750 -13.97 -5.58 -2.22
CA THR A 750 -14.25 -7.01 -2.22
C THR A 750 -15.09 -7.41 -1.00
N GLU A 751 -16.32 -6.88 -0.96
CA GLU A 751 -17.23 -7.22 0.13
C GLU A 751 -17.85 -8.60 -0.04
N LYS A 752 -18.08 -9.02 -1.28
CA LYS A 752 -18.75 -10.30 -1.51
C LYS A 752 -17.91 -11.47 -1.00
N PHE A 753 -16.58 -11.36 -1.13
CA PHE A 753 -15.71 -12.40 -0.59
C PHE A 753 -15.92 -12.55 0.92
N TYR A 754 -15.94 -11.43 1.64
CA TYR A 754 -16.15 -11.49 3.09
C TYR A 754 -17.53 -12.02 3.43
N VAL A 755 -18.55 -11.63 2.65
CA VAL A 755 -19.90 -12.15 2.90
C VAL A 755 -19.92 -13.66 2.75
N THR A 756 -19.31 -14.18 1.69
CA THR A 756 -19.27 -15.61 1.48
C THR A 756 -18.53 -16.32 2.62
N ILE A 757 -17.40 -15.75 3.04
CA ILE A 757 -16.63 -16.35 4.13
C ILE A 757 -17.46 -16.39 5.42
N VAL A 758 -18.17 -15.31 5.72
CA VAL A 758 -19.00 -15.26 6.92
C VAL A 758 -20.10 -16.30 6.85
N ILE A 759 -20.75 -16.42 5.69
CA ILE A 759 -21.81 -17.42 5.55
C ILE A 759 -21.26 -18.82 5.76
N PHE A 760 -20.10 -19.11 5.16
CA PHE A 760 -19.50 -20.43 5.35
C PHE A 760 -19.19 -20.68 6.81
N PHE A 761 -18.65 -19.69 7.51
CA PHE A 761 -18.32 -19.89 8.93
C PHE A 761 -19.58 -20.12 9.75
N ALA A 762 -20.67 -19.45 9.41
CA ALA A 762 -21.94 -19.69 10.11
C ALA A 762 -22.40 -21.13 9.90
N ILE A 763 -22.35 -21.61 8.67
CA ILE A 763 -22.74 -22.98 8.38
C ILE A 763 -21.85 -23.95 9.16
N LEU A 764 -20.55 -23.67 9.20
CA LEU A 764 -19.61 -24.54 9.91
C LEU A 764 -19.91 -24.55 11.40
N MET A 765 -20.26 -23.39 11.96
CA MET A 765 -20.61 -23.35 13.38
C MET A 765 -21.84 -24.19 13.67
N ALA A 766 -22.85 -24.11 12.79
CA ALA A 766 -24.03 -24.95 12.97
C ALA A 766 -23.65 -26.43 12.93
N TYR A 767 -22.79 -26.81 11.99
CA TYR A 767 -22.37 -28.20 11.89
C TYR A 767 -21.61 -28.63 13.15
N MET A 768 -20.76 -27.74 13.68
CA MET A 768 -20.03 -28.07 14.90
C MET A 768 -20.97 -28.28 16.08
N ILE A 769 -22.00 -27.43 16.20
CA ILE A 769 -22.98 -27.61 17.27
C ILE A 769 -23.67 -28.96 17.12
N PHE A 770 -24.08 -29.28 15.89
CA PHE A 770 -24.73 -30.57 15.66
C PHE A 770 -23.81 -31.72 16.05
N ALA A 771 -22.53 -31.64 15.67
CA ALA A 771 -21.59 -32.70 15.98
C ALA A 771 -21.42 -32.87 17.49
N ALA A 772 -21.31 -31.76 18.22
CA ALA A 772 -21.17 -31.85 19.67
C ALA A 772 -22.40 -32.48 20.30
N ILE A 773 -23.59 -32.08 19.85
CA ILE A 773 -24.81 -32.68 20.41
C ILE A 773 -24.84 -34.17 20.12
N PHE A 774 -24.51 -34.56 18.88
CA PHE A 774 -24.50 -35.97 18.52
C PHE A 774 -23.54 -36.76 19.39
N MET A 775 -22.34 -36.22 19.61
CA MET A 775 -21.35 -36.90 20.42
C MET A 775 -21.84 -37.06 21.86
N ALA A 776 -22.43 -36.01 22.43
CA ALA A 776 -22.93 -36.11 23.79
C ALA A 776 -24.04 -37.14 23.91
N VAL A 777 -24.96 -37.15 22.95
CA VAL A 777 -26.05 -38.13 22.99
C VAL A 777 -25.49 -39.54 22.89
N HIS A 778 -24.50 -39.74 22.01
CA HIS A 778 -23.89 -41.07 21.89
C HIS A 778 -23.23 -41.47 23.20
N SER A 779 -22.56 -40.54 23.87
CA SER A 779 -21.92 -40.87 25.14
C SER A 779 -22.94 -41.27 26.19
N ILE A 780 -24.06 -40.55 26.25
CA ILE A 780 -25.11 -40.91 27.21
C ILE A 780 -25.68 -42.29 26.90
N GLN A 781 -25.95 -42.55 25.62
CA GLN A 781 -26.47 -43.86 25.25
C GLN A 781 -25.47 -44.96 25.59
N ASP A 782 -24.17 -44.70 25.44
CA ASP A 782 -23.18 -45.69 25.85
C ASP A 782 -23.17 -45.87 27.36
N ILE A 783 -23.38 -44.79 28.11
CA ILE A 783 -23.50 -44.90 29.56
C ILE A 783 -24.61 -45.90 29.89
N TYR A 784 -25.78 -45.73 29.27
CA TYR A 784 -26.88 -46.64 29.55
C TYR A 784 -26.57 -48.06 29.04
N ARG A 785 -25.92 -48.17 27.88
CA ARG A 785 -25.59 -49.47 27.33
C ARG A 785 -24.67 -50.27 28.26
N SER A 786 -23.74 -49.57 28.92
CA SER A 786 -22.81 -50.27 29.81
C SER A 786 -23.55 -51.03 30.90
N GLY A 787 -24.64 -50.46 31.41
CA GLY A 787 -25.41 -51.12 32.44
C GLY A 787 -24.84 -50.89 33.83
N THR A 788 -25.27 -51.75 34.75
CA THR A 788 -24.90 -51.65 36.17
C THR A 788 -25.54 -50.45 36.85
N ARG A 789 -26.63 -49.93 36.28
CA ARG A 789 -27.33 -48.78 36.83
C ARG A 789 -26.60 -47.50 36.45
N ILE A 790 -27.15 -46.35 36.83
CA ILE A 790 -26.55 -45.05 36.54
C ILE A 790 -26.62 -44.18 37.79
N THR A 791 -25.57 -43.40 38.02
CA THR A 791 -25.51 -42.45 39.11
C THR A 791 -24.99 -41.11 38.60
N VAL A 792 -25.28 -40.05 39.35
CA VAL A 792 -24.79 -38.73 38.98
C VAL A 792 -23.27 -38.73 38.87
N SER A 793 -22.60 -39.58 39.66
CA SER A 793 -21.15 -39.63 39.62
C SER A 793 -20.65 -39.99 38.24
N LEU A 794 -21.26 -40.99 37.61
CA LEU A 794 -20.86 -41.37 36.26
C LEU A 794 -21.11 -40.26 35.27
N PHE A 795 -22.23 -39.55 35.41
CA PHE A 795 -22.53 -38.44 34.51
C PHE A 795 -21.45 -37.36 34.62
N PHE A 796 -21.03 -37.03 35.85
CA PHE A 796 -19.98 -36.04 36.03
C PHE A 796 -18.58 -36.58 35.79
N GLN A 797 -18.43 -37.89 35.61
CA GLN A 797 -17.13 -38.47 35.32
C GLN A 797 -16.87 -38.67 33.83
N ASN A 798 -17.91 -38.65 33.00
CA ASN A 798 -17.75 -38.86 31.57
C ASN A 798 -17.20 -37.59 30.94
N SER A 799 -15.99 -37.68 30.38
CA SER A 799 -15.34 -36.49 29.84
C SER A 799 -16.14 -35.89 28.69
N GLU A 800 -16.60 -36.73 27.76
CA GLU A 800 -17.36 -36.23 26.62
C GLU A 800 -18.58 -35.45 27.07
N PHE A 801 -19.50 -36.12 27.78
CA PHE A 801 -20.72 -35.46 28.21
C PHE A 801 -20.41 -34.24 29.05
N ARG A 802 -19.56 -34.40 30.08
CA ARG A 802 -19.26 -33.28 30.97
C ARG A 802 -18.79 -32.08 30.17
N ASP A 803 -17.64 -32.21 29.51
CA ASP A 803 -17.04 -31.07 28.81
C ASP A 803 -18.03 -30.47 27.81
N LEU A 804 -18.62 -31.31 26.95
CA LEU A 804 -19.39 -30.77 25.84
C LEU A 804 -20.68 -30.10 26.31
N VAL A 805 -21.38 -30.70 27.27
CA VAL A 805 -22.72 -30.26 27.64
C VAL A 805 -22.71 -29.37 28.87
N VAL A 806 -22.10 -29.84 29.97
CA VAL A 806 -22.26 -29.17 31.25
C VAL A 806 -21.67 -27.76 31.20
N ALA A 807 -20.47 -27.63 30.63
CA ALA A 807 -19.80 -26.32 30.61
C ALA A 807 -20.59 -25.31 29.78
N THR A 808 -21.00 -25.70 28.57
CA THR A 808 -21.76 -24.78 27.72
C THR A 808 -23.10 -24.44 28.34
N SER A 809 -23.78 -25.42 28.92
CA SER A 809 -25.06 -25.14 29.56
C SER A 809 -24.89 -24.20 30.75
N SER A 810 -23.83 -24.38 31.52
CA SER A 810 -23.57 -23.49 32.65
C SER A 810 -23.30 -22.07 32.18
N THR A 811 -22.51 -21.91 31.12
CA THR A 811 -22.25 -20.57 30.59
C THR A 811 -23.54 -19.92 30.13
N TYR A 812 -24.36 -20.67 29.39
CA TYR A 812 -25.63 -20.12 28.91
C TYR A 812 -26.54 -19.76 30.07
N ALA A 813 -26.59 -20.60 31.10
CA ALA A 813 -27.43 -20.32 32.26
C ALA A 813 -26.96 -19.06 32.99
N LEU A 814 -25.64 -18.88 33.12
CA LEU A 814 -25.14 -17.67 33.76
C LEU A 814 -25.53 -16.44 32.96
N TYR A 815 -25.38 -16.50 31.62
CA TYR A 815 -25.81 -15.37 30.80
C TYR A 815 -27.31 -15.11 30.96
N PHE A 816 -28.10 -16.17 30.99
CA PHE A 816 -29.55 -16.03 31.10
C PHE A 816 -29.93 -15.37 32.43
N LEU A 817 -29.35 -15.84 33.53
CA LEU A 817 -29.64 -15.25 34.83
C LEU A 817 -29.20 -13.80 34.89
N ALA A 818 -28.01 -13.49 34.38
CA ALA A 818 -27.55 -12.12 34.39
C ALA A 818 -28.50 -11.22 33.60
N SER A 819 -28.98 -11.70 32.45
CA SER A 819 -29.93 -10.92 31.67
C SER A 819 -31.23 -10.71 32.44
N PHE A 820 -31.73 -11.76 33.09
CA PHE A 820 -33.00 -11.64 33.82
C PHE A 820 -32.89 -10.66 34.96
N LEU A 821 -31.80 -10.71 35.72
CA LEU A 821 -31.69 -9.89 36.92
C LEU A 821 -31.67 -8.40 36.59
N TYR A 822 -31.22 -8.04 35.39
CA TYR A 822 -31.18 -6.65 34.96
C TYR A 822 -32.46 -6.22 34.27
N PHE A 823 -33.48 -7.08 34.24
CA PHE A 823 -34.76 -6.76 33.61
C PHE A 823 -34.60 -6.40 32.14
N GLU A 824 -33.67 -7.07 31.48
CA GLU A 824 -33.45 -6.93 30.04
C GLU A 824 -33.32 -8.33 29.43
N PRO A 825 -34.41 -9.10 29.41
CA PRO A 825 -34.32 -10.50 28.96
C PRO A 825 -34.54 -10.72 27.48
N TRP A 826 -35.04 -9.73 26.74
CA TRP A 826 -35.45 -9.96 25.36
C TRP A 826 -34.27 -10.36 24.48
N HIS A 827 -33.11 -9.74 24.70
CA HIS A 827 -31.96 -10.01 23.84
C HIS A 827 -31.53 -11.47 23.87
N MET A 828 -31.90 -12.20 24.93
CA MET A 828 -31.53 -13.61 25.01
C MET A 828 -32.32 -14.49 24.04
N PHE A 829 -33.43 -13.98 23.50
CA PHE A 829 -34.26 -14.74 22.56
C PHE A 829 -34.18 -14.20 21.14
N THR A 830 -34.38 -12.89 20.95
CA THR A 830 -34.44 -12.34 19.61
C THR A 830 -33.07 -12.42 18.90
N SER A 831 -31.99 -12.12 19.62
CA SER A 831 -30.69 -11.89 19.00
C SER A 831 -29.63 -12.90 19.39
N PHE A 832 -29.96 -13.93 20.17
CA PHE A 832 -28.95 -14.88 20.61
C PHE A 832 -28.43 -15.71 19.45
N VAL A 833 -29.32 -16.23 18.61
CA VAL A 833 -28.92 -17.16 17.55
C VAL A 833 -28.00 -16.47 16.56
N GLN A 834 -28.30 -15.22 16.20
CA GLN A 834 -27.45 -14.51 15.26
C GLN A 834 -26.04 -14.35 15.80
N TYR A 835 -25.92 -13.98 17.08
CA TYR A 835 -24.60 -13.85 17.69
C TYR A 835 -23.87 -15.18 17.71
N ILE A 836 -24.56 -16.26 18.06
CA ILE A 836 -23.91 -17.56 18.09
C ILE A 836 -23.39 -17.93 16.71
N LEU A 837 -24.21 -17.72 15.67
CA LEU A 837 -23.79 -18.09 14.32
C LEU A 837 -22.68 -17.17 13.79
N LEU A 838 -22.61 -15.93 14.27
CA LEU A 838 -21.56 -15.02 13.83
C LEU A 838 -20.31 -15.10 14.69
N SER A 839 -20.34 -15.84 15.80
CA SER A 839 -19.19 -15.93 16.68
C SER A 839 -17.88 -16.25 15.97
N PRO A 840 -17.78 -17.30 15.15
CA PRO A 840 -16.48 -17.59 14.51
C PRO A 840 -15.99 -16.47 13.61
N SER A 841 -16.91 -15.75 12.97
CA SER A 841 -16.50 -14.65 12.10
C SER A 841 -15.77 -13.58 12.87
N TYR A 842 -16.28 -13.22 14.06
CA TYR A 842 -15.61 -12.22 14.89
C TYR A 842 -14.15 -12.60 15.10
N VAL A 843 -13.90 -13.86 15.47
CA VAL A 843 -12.54 -14.28 15.78
C VAL A 843 -11.68 -14.32 14.52
N ASN A 844 -12.22 -14.85 13.42
CA ASN A 844 -11.38 -15.05 12.24
C ASN A 844 -11.25 -13.77 11.41
N VAL A 845 -12.36 -13.30 10.83
CA VAL A 845 -12.27 -12.26 9.82
C VAL A 845 -11.85 -10.94 10.45
N LEU A 846 -12.54 -10.53 11.52
CA LEU A 846 -12.24 -9.24 12.13
C LEU A 846 -10.83 -9.21 12.70
N ASN A 847 -10.44 -10.28 13.39
CA ASN A 847 -9.11 -10.31 14.00
C ASN A 847 -8.02 -10.30 12.95
N ILE A 848 -8.18 -11.08 11.87
CA ILE A 848 -7.18 -11.10 10.81
C ILE A 848 -7.07 -9.73 10.16
N TYR A 849 -8.20 -9.10 9.85
CA TYR A 849 -8.15 -7.79 9.22
C TYR A 849 -7.50 -6.78 10.15
N ALA A 850 -7.82 -6.83 11.44
CA ALA A 850 -7.25 -5.88 12.38
C ALA A 850 -5.74 -6.03 12.49
N PHE A 851 -5.25 -7.26 12.61
CA PHE A 851 -3.82 -7.46 12.76
C PHE A 851 -3.05 -7.16 11.47
N CYS A 852 -3.63 -7.48 10.31
CA CYS A 852 -2.97 -7.16 9.05
C CYS A 852 -2.85 -5.66 8.84
N ASN A 853 -3.73 -4.87 9.45
CA ASN A 853 -3.78 -3.42 9.25
C ASN A 853 -3.54 -2.66 10.55
N ILE A 854 -2.57 -3.12 11.34
CA ILE A 854 -2.21 -2.41 12.55
C ILE A 854 -1.72 -1.00 12.21
N ASP A 855 -0.88 -0.89 11.19
CA ASP A 855 -0.43 0.42 10.74
C ASP A 855 -1.54 1.12 9.97
N ASP A 856 -1.78 2.37 10.30
CA ASP A 856 -2.80 3.20 9.64
C ASP A 856 -2.06 4.31 8.92
N ILE A 857 -1.62 4.02 7.70
CA ILE A 857 -0.80 4.96 6.92
C ILE A 857 -1.79 5.82 6.12
N SER A 858 -2.29 6.86 6.77
CA SER A 858 -3.17 7.80 6.09
C SER A 858 -2.38 8.71 5.15
N TRP A 859 -1.22 9.16 5.58
CA TRP A 859 -0.41 10.07 4.77
C TRP A 859 0.18 9.35 3.57
N GLY A 860 0.40 10.11 2.50
CA GLY A 860 0.92 9.56 1.26
C GLY A 860 2.43 9.42 1.27
N THR A 861 3.02 9.52 0.08
CA THR A 861 4.45 9.37 -0.11
C THR A 861 5.08 10.72 -0.42
N LYS A 862 6.14 11.06 0.33
CA LYS A 862 6.89 12.30 0.14
C LYS A 862 5.90 13.46 0.22
N GLY A 863 5.89 14.38 -0.75
CA GLY A 863 4.96 15.49 -0.72
C GLY A 863 4.83 16.17 -2.08
N LYS A 868 11.83 25.76 -9.85
CA LYS A 868 12.16 26.99 -10.55
C LYS A 868 12.07 26.79 -12.06
N SER A 869 11.10 27.45 -12.69
CA SER A 869 10.95 27.33 -14.14
C SER A 869 12.16 27.93 -14.84
N LEU A 870 12.63 27.21 -15.87
CA LEU A 870 13.84 27.63 -16.56
C LEU A 870 13.64 28.97 -17.28
N GLY A 871 12.50 29.13 -17.95
CA GLY A 871 12.26 30.36 -18.69
C GLY A 871 10.88 30.34 -19.31
N GLU A 872 10.53 31.47 -19.93
CA GLU A 872 9.24 31.64 -20.59
C GLU A 872 9.46 32.41 -21.88
N ALA A 873 9.18 31.77 -23.01
CA ALA A 873 9.29 32.40 -24.32
C ALA A 873 7.90 32.74 -24.82
N LYS A 874 7.66 34.03 -25.08
CA LYS A 874 6.37 34.52 -25.55
C LYS A 874 6.53 35.08 -26.95
N LEU A 875 5.72 34.58 -27.89
CA LEU A 875 5.75 35.08 -29.26
C LEU A 875 5.31 36.54 -29.30
N ARG A 876 6.06 37.36 -30.02
CA ARG A 876 5.78 38.77 -30.14
C ARG A 876 4.88 39.01 -31.35
N GLU A 877 4.68 40.29 -31.70
CA GLU A 877 3.87 40.61 -32.87
C GLU A 877 4.46 40.01 -34.13
N ASP A 878 5.77 40.12 -34.30
CA ASP A 878 6.46 39.48 -35.42
C ASP A 878 6.66 38.00 -35.14
N GLY A 879 7.09 37.27 -36.17
CA GLY A 879 7.31 35.84 -36.03
C GLY A 879 8.43 35.48 -35.07
N THR A 880 9.30 36.42 -34.76
CA THR A 880 10.42 36.14 -33.87
C THR A 880 9.92 35.84 -32.46
N PHE A 881 10.67 34.97 -31.76
CA PHE A 881 10.37 34.61 -30.38
C PHE A 881 11.32 35.36 -29.46
N ASP A 882 10.76 35.95 -28.39
CA ASP A 882 11.56 36.65 -27.40
C ASP A 882 12.17 35.62 -26.45
N VAL A 883 13.50 35.51 -26.48
CA VAL A 883 14.20 34.53 -25.67
C VAL A 883 15.38 35.20 -24.99
N SER A 884 15.84 34.59 -23.90
CA SER A 884 16.99 35.05 -23.13
C SER A 884 17.98 33.89 -23.05
N VAL A 885 19.00 33.93 -23.90
CA VAL A 885 20.01 32.87 -23.95
C VAL A 885 21.40 33.51 -23.88
N PRO A 886 22.42 32.80 -23.40
CA PRO A 886 23.75 33.39 -23.34
C PRO A 886 24.24 33.78 -24.72
N ILE A 887 24.93 34.92 -24.79
CA ILE A 887 25.43 35.49 -26.04
C ILE A 887 26.93 35.70 -25.98
N SER A 888 27.42 36.34 -24.93
CA SER A 888 28.83 36.69 -24.84
C SER A 888 29.70 35.44 -24.82
N LYS A 889 30.84 35.52 -25.53
CA LYS A 889 31.79 34.41 -25.54
C LYS A 889 32.28 34.08 -24.14
N GLU A 890 32.46 35.10 -23.31
CA GLU A 890 33.06 34.91 -21.98
C GLU A 890 32.20 33.98 -21.13
N GLN A 891 30.89 34.23 -21.08
CA GLN A 891 30.03 33.42 -20.22
C GLN A 891 29.90 32.00 -20.75
N ILE A 892 29.90 31.83 -22.07
CA ILE A 892 29.84 30.49 -22.64
C ILE A 892 31.09 29.70 -22.25
N ASN A 893 32.26 30.33 -22.38
CA ASN A 893 33.50 29.65 -21.99
C ASN A 893 33.50 29.35 -20.50
N GLN A 894 33.02 30.28 -19.68
CA GLN A 894 32.98 30.03 -18.25
C GLN A 894 32.07 28.86 -17.91
N SER A 895 30.91 28.78 -18.57
CA SER A 895 30.00 27.66 -18.31
C SER A 895 30.62 26.33 -18.74
N TYR A 896 31.31 26.33 -19.88
CA TYR A 896 31.96 25.09 -20.32
C TYR A 896 33.04 24.66 -19.34
N LEU A 897 33.83 25.61 -18.85
CA LEU A 897 34.84 25.29 -17.84
C LEU A 897 34.20 24.79 -16.56
N ASP A 898 33.08 25.38 -16.16
CA ASP A 898 32.38 24.93 -14.97
C ASP A 898 31.90 23.49 -15.13
N GLN A 899 31.37 23.14 -16.31
CA GLN A 899 30.95 21.78 -16.56
C GLN A 899 32.13 20.82 -16.50
N LEU A 900 33.25 21.21 -17.12
CA LEU A 900 34.45 20.38 -17.06
C LEU A 900 34.87 20.12 -15.62
N GLU A 901 34.93 21.18 -14.81
CA GLU A 901 35.31 21.01 -13.42
C GLU A 901 34.30 20.15 -12.66
N LYS A 902 33.01 20.31 -12.98
CA LYS A 902 31.98 19.51 -12.32
C LYS A 902 32.19 18.03 -12.58
N ILE A 903 32.53 17.67 -13.81
CA ILE A 903 32.72 16.25 -14.13
C ILE A 903 34.11 15.73 -13.81
N ARG A 904 35.08 16.62 -13.56
CA ARG A 904 36.44 16.16 -13.32
C ARG A 904 36.59 15.52 -11.95
N ASP A 905 35.90 16.05 -10.95
CA ASP A 905 36.16 15.64 -9.57
C ASP A 905 35.68 14.21 -9.33
N PRO A 906 36.27 13.51 -8.36
CA PRO A 906 35.80 12.17 -8.01
C PRO A 906 34.50 12.22 -7.23
N ALA A 907 33.81 11.08 -7.19
CA ALA A 907 32.52 10.99 -6.52
C ALA A 907 32.73 10.81 -5.01
N PRO A 908 32.16 11.67 -4.18
CA PRO A 908 32.27 11.48 -2.73
C PRO A 908 31.26 10.47 -2.24
N PRO A 909 31.56 9.74 -1.16
CA PRO A 909 30.58 8.80 -0.60
C PRO A 909 29.34 9.54 -0.11
N GLU A 910 28.18 8.89 -0.29
CA GLU A 910 26.92 9.50 0.12
C GLU A 910 26.87 9.70 1.63
N GLU A 911 26.88 8.60 2.38
CA GLU A 911 26.84 8.65 3.84
C GLU A 911 25.67 9.51 4.33
N LYS A 912 24.50 9.30 3.73
CA LYS A 912 23.34 10.11 4.07
C LYS A 912 22.94 9.90 5.53
N VAL A 913 22.76 8.65 5.94
CA VAL A 913 22.41 8.33 7.32
C VAL A 913 21.12 9.05 7.69
N LEU A 914 20.19 9.15 6.74
CA LEU A 914 18.95 9.86 6.98
C LEU A 914 18.05 9.09 7.94
N VAL A 915 17.19 9.82 8.65
CA VAL A 915 16.24 9.20 9.56
C VAL A 915 15.23 8.36 8.79
N THR A 916 14.86 8.79 7.59
CA THR A 916 13.86 8.11 6.76
C THR A 916 12.45 8.36 7.30
N ASN A 917 11.47 7.72 6.68
CA ASN A 917 10.07 7.95 7.00
C ASN A 917 9.55 6.92 8.00
N THR A 918 8.51 7.31 8.73
CA THR A 918 7.97 6.47 9.80
C THR A 918 7.03 5.39 9.27
N GLU A 919 6.50 5.55 8.06
CA GLU A 919 5.61 4.53 7.51
C GLU A 919 6.30 3.19 7.44
N ASP A 920 7.59 3.18 7.08
CA ASP A 920 8.35 1.93 7.08
C ASP A 920 8.41 1.34 8.48
N TYR A 921 8.62 2.18 9.49
CA TYR A 921 8.68 1.69 10.87
C TYR A 921 7.36 1.04 11.28
N TYR A 922 6.24 1.69 10.98
CA TYR A 922 4.95 1.14 11.36
C TYR A 922 4.64 -0.14 10.60
N ALA A 923 4.98 -0.18 9.30
CA ALA A 923 4.78 -1.42 8.55
C ALA A 923 5.61 -2.55 9.13
N PHE A 924 6.85 -2.27 9.51
CA PHE A 924 7.69 -3.28 10.13
C PHE A 924 7.08 -3.77 11.44
N ILE A 925 6.58 -2.86 12.27
CA ILE A 925 5.95 -3.24 13.52
C ILE A 925 4.77 -4.19 13.25
N ARG A 926 3.92 -3.82 12.30
CA ARG A 926 2.75 -4.65 12.00
C ARG A 926 3.17 -6.03 11.50
N SER A 927 4.17 -6.08 10.62
CA SER A 927 4.63 -7.36 10.10
C SER A 927 5.16 -8.25 11.21
N MET A 928 5.99 -7.69 12.11
CA MET A 928 6.50 -8.48 13.23
C MET A 928 5.35 -8.99 14.09
N THR A 929 4.37 -8.14 14.36
CA THR A 929 3.25 -8.56 15.19
C THR A 929 2.52 -9.75 14.56
N VAL A 930 2.18 -9.64 13.27
CA VAL A 930 1.44 -10.72 12.64
C VAL A 930 2.26 -12.00 12.60
N LEU A 931 3.58 -11.88 12.36
CA LEU A 931 4.41 -13.08 12.31
C LEU A 931 4.46 -13.78 13.67
N VAL A 932 4.62 -13.01 14.75
CA VAL A 932 4.64 -13.61 16.08
C VAL A 932 3.30 -14.27 16.38
N TRP A 933 2.21 -13.61 16.03
CA TRP A 933 0.88 -14.17 16.24
C TRP A 933 0.74 -15.52 15.55
N MET A 934 1.10 -15.57 14.26
CA MET A 934 1.02 -16.81 13.51
C MET A 934 1.88 -17.90 14.14
N PHE A 935 3.11 -17.55 14.52
CA PHE A 935 4.03 -18.54 15.06
C PHE A 935 3.49 -19.15 16.34
N THR A 936 3.03 -18.32 17.27
CA THR A 936 2.50 -18.85 18.54
C THR A 936 1.29 -19.73 18.30
N ASN A 937 0.35 -19.28 17.45
CA ASN A 937 -0.85 -20.07 17.21
C ASN A 937 -0.48 -21.41 16.59
N PHE A 938 0.44 -21.42 15.63
CA PHE A 938 0.79 -22.68 14.98
C PHE A 938 1.53 -23.61 15.95
N VAL A 939 2.35 -23.05 16.84
CA VAL A 939 3.00 -23.90 17.83
C VAL A 939 1.96 -24.59 18.70
N VAL A 940 0.95 -23.84 19.15
CA VAL A 940 -0.10 -24.44 19.97
C VAL A 940 -0.82 -25.54 19.18
N ILE A 941 -1.17 -25.25 17.93
CA ILE A 941 -1.91 -26.22 17.12
C ILE A 941 -1.08 -27.49 16.94
N ALA A 942 0.21 -27.33 16.62
CA ALA A 942 1.06 -28.50 16.42
C ALA A 942 1.18 -29.32 17.70
N LEU A 943 1.31 -28.65 18.85
CA LEU A 943 1.38 -29.39 20.10
C LEU A 943 0.11 -30.19 20.32
N VAL A 944 -1.07 -29.65 20.03
CA VAL A 944 -2.36 -30.34 20.34
C VAL A 944 -2.67 -31.49 19.37
N LEU A 945 -2.67 -31.24 18.06
CA LEU A 945 -3.06 -32.26 17.04
C LEU A 945 -1.87 -33.04 16.47
N GLU A 946 -0.63 -32.78 16.91
CA GLU A 946 0.60 -33.43 16.36
C GLU A 946 0.60 -33.22 14.84
N THR A 947 0.40 -31.98 14.41
CA THR A 947 0.24 -31.52 13.01
C THR A 947 1.55 -31.43 12.23
N GLY A 948 2.70 -30.86 12.77
CA GLY A 948 3.99 -30.68 12.13
C GLY A 948 4.77 -31.97 12.05
N GLY A 949 6.05 -31.92 12.40
CA GLY A 949 6.89 -33.09 12.38
C GLY A 949 6.80 -33.95 13.62
N PHE A 950 6.03 -33.51 14.62
CA PHE A 950 5.92 -34.27 15.86
C PHE A 950 5.46 -35.69 15.60
N ASN A 951 4.61 -35.88 14.60
CA ASN A 951 4.09 -37.22 14.30
C ASN A 951 5.21 -38.21 13.99
N GLN A 952 6.38 -37.72 13.59
CA GLN A 952 7.49 -38.62 13.30
C GLN A 952 8.02 -39.29 14.56
N PHE A 953 7.90 -38.63 15.71
CA PHE A 953 8.42 -39.16 16.96
C PHE A 953 7.50 -40.19 17.60
N VAL A 954 6.42 -40.60 16.92
CA VAL A 954 5.51 -41.62 17.40
C VAL A 954 5.34 -42.66 16.29
N GLU A 955 4.52 -43.67 16.56
CA GLU A 955 4.41 -44.85 15.72
C GLU A 955 3.04 -44.89 15.05
N ALA A 956 2.80 -45.98 14.33
CA ALA A 956 1.56 -46.11 13.56
C ALA A 956 0.34 -46.12 14.47
N THR A 957 0.40 -46.82 15.59
CA THR A 957 -0.75 -47.00 16.46
C THR A 957 -0.78 -46.04 17.64
N ASP A 958 0.38 -45.60 18.14
CA ASP A 958 0.40 -44.72 19.30
C ASP A 958 -0.13 -43.33 18.98
N LEU A 959 0.08 -42.87 17.74
CA LEU A 959 -0.30 -41.51 17.38
C LEU A 959 -1.79 -41.26 17.60
N ALA A 960 -2.63 -42.22 17.22
CA ALA A 960 -4.07 -42.02 17.35
C ALA A 960 -4.46 -41.78 18.81
N ASN A 961 -4.04 -42.67 19.70
CA ASN A 961 -4.41 -42.55 21.11
C ASN A 961 -3.83 -41.30 21.73
N LEU A 962 -2.57 -40.99 21.44
CA LEU A 962 -1.95 -39.79 22.01
C LEU A 962 -2.68 -38.54 21.55
N LYS A 963 -3.00 -38.46 20.26
CA LYS A 963 -3.72 -37.32 19.72
C LYS A 963 -5.10 -37.20 20.36
N SER A 964 -5.80 -38.32 20.54
CA SER A 964 -7.11 -38.28 21.16
C SER A 964 -7.03 -37.75 22.59
N ASN A 965 -6.05 -38.24 23.35
CA ASN A 965 -5.90 -37.79 24.73
C ASN A 965 -5.61 -36.29 24.78
N ARG A 966 -4.68 -35.82 23.95
CA ARG A 966 -4.34 -34.40 23.94
C ARG A 966 -5.54 -33.56 23.55
N ALA A 967 -6.32 -34.02 22.56
CA ALA A 967 -7.50 -33.28 22.14
C ALA A 967 -8.52 -33.18 23.27
N ALA A 968 -8.76 -34.28 23.98
CA ALA A 968 -9.69 -34.24 25.10
C ALA A 968 -9.24 -33.25 26.16
N VAL A 969 -7.95 -33.29 26.50
CA VAL A 969 -7.42 -32.37 27.50
C VAL A 969 -7.62 -30.93 27.06
N PHE A 970 -7.29 -30.63 25.80
CA PHE A 970 -7.45 -29.27 25.31
C PHE A 970 -8.91 -28.83 25.37
N LEU A 971 -9.84 -29.69 24.96
CA LEU A 971 -11.25 -29.33 24.97
C LEU A 971 -11.71 -29.00 26.39
N THR A 972 -11.39 -29.87 27.35
CA THR A 972 -11.84 -29.59 28.71
C THR A 972 -11.23 -28.29 29.22
N VAL A 973 -9.94 -28.08 28.95
CA VAL A 973 -9.28 -26.85 29.41
C VAL A 973 -10.00 -25.62 28.87
N ILE A 974 -10.22 -25.58 27.56
CA ILE A 974 -10.77 -24.36 26.96
C ILE A 974 -12.20 -24.13 27.43
N LEU A 975 -13.03 -25.18 27.43
CA LEU A 975 -14.42 -24.99 27.81
C LEU A 975 -14.54 -24.53 29.25
N TRP A 976 -13.76 -25.13 30.16
CA TRP A 976 -13.88 -24.72 31.55
C TRP A 976 -13.26 -23.35 31.79
N THR A 977 -12.24 -22.97 31.02
CA THR A 977 -11.74 -21.60 31.10
C THR A 977 -12.85 -20.61 30.78
N VAL A 978 -13.57 -20.86 29.69
CA VAL A 978 -14.67 -19.97 29.30
C VAL A 978 -15.73 -19.92 30.40
N ALA A 979 -16.09 -21.10 30.94
CA ALA A 979 -17.13 -21.15 31.95
C ALA A 979 -16.72 -20.38 33.20
N PHE A 980 -15.46 -20.52 33.63
CA PHE A 980 -15.02 -19.83 34.84
C PHE A 980 -14.95 -18.33 34.62
N MET A 981 -14.54 -17.88 33.43
CA MET A 981 -14.58 -16.46 33.15
C MET A 981 -16.02 -15.93 33.23
N ALA A 982 -16.97 -16.69 32.68
CA ALA A 982 -18.36 -16.28 32.76
C ALA A 982 -18.83 -16.18 34.21
N LEU A 983 -18.45 -17.16 35.04
CA LEU A 983 -18.83 -17.12 36.44
C LEU A 983 -18.24 -15.90 37.15
N PHE A 984 -16.98 -15.59 36.85
CA PHE A 984 -16.34 -14.42 37.44
C PHE A 984 -17.12 -13.15 37.10
N ARG A 985 -17.46 -12.98 35.82
CA ARG A 985 -18.20 -11.78 35.42
C ARG A 985 -19.59 -11.75 36.05
N PHE A 986 -20.22 -12.92 36.19
CA PHE A 986 -21.54 -12.99 36.81
C PHE A 986 -21.49 -12.52 38.26
N ILE A 987 -20.54 -13.03 39.03
CA ILE A 987 -20.39 -12.59 40.41
C ILE A 987 -20.15 -11.09 40.45
N GLY A 988 -19.33 -10.59 39.53
CA GLY A 988 -19.06 -9.16 39.49
C GLY A 988 -20.32 -8.34 39.29
N CYS A 989 -21.17 -8.75 38.34
CA CYS A 989 -22.36 -7.97 38.06
C CYS A 989 -23.38 -8.07 39.19
N ILE A 990 -23.46 -9.23 39.85
CA ILE A 990 -24.34 -9.32 41.02
C ILE A 990 -23.89 -8.35 42.11
N TYR A 991 -22.57 -8.31 42.36
CA TYR A 991 -22.07 -7.37 43.35
C TYR A 991 -22.36 -5.93 42.95
N TYR A 992 -22.22 -5.62 41.66
CA TYR A 992 -22.55 -4.27 41.19
C TYR A 992 -24.00 -3.93 41.49
N LEU A 993 -24.92 -4.85 41.18
CA LEU A 993 -26.33 -4.58 41.44
C LEU A 993 -26.58 -4.34 42.91
N ILE A 994 -26.00 -5.19 43.78
CA ILE A 994 -26.24 -5.06 45.21
C ILE A 994 -25.72 -3.72 45.71
N THR A 995 -24.49 -3.36 45.32
CA THR A 995 -23.91 -2.12 45.83
C THR A 995 -24.66 -0.90 45.29
N ARG A 996 -25.08 -0.93 44.03
CA ARG A 996 -25.85 0.19 43.50
C ARG A 996 -27.19 0.33 44.20
N LEU A 997 -27.87 -0.78 44.48
CA LEU A 997 -29.11 -0.71 45.23
C LEU A 997 -28.87 -0.12 46.62
N GLY A 998 -27.81 -0.56 47.29
CA GLY A 998 -27.49 0.00 48.60
C GLY A 998 -27.22 1.48 48.54
N ARG A 999 -26.49 1.92 47.53
CA ARG A 999 -26.23 3.35 47.35
C ARG A 999 -27.52 4.11 47.12
N GLU A 1000 -28.42 3.55 46.30
CA GLU A 1000 -29.69 4.22 46.03
C GLU A 1000 -30.51 4.36 47.30
N ILE A 1001 -30.52 3.32 48.15
CA ILE A 1001 -31.23 3.42 49.42
C ILE A 1001 -30.65 4.53 50.26
N LYS A 1002 -29.32 4.61 50.33
CA LYS A 1002 -28.64 5.65 51.10
C LYS A 1002 -28.96 7.03 50.53
N GLN B 134 42.59 17.89 -15.27
CA GLN B 134 42.92 17.71 -16.68
C GLN B 134 41.87 16.84 -17.37
N ALA B 135 40.80 17.48 -17.82
CA ALA B 135 39.73 16.75 -18.50
C ALA B 135 40.24 16.12 -19.79
N PHE B 136 41.06 16.86 -20.55
CA PHE B 136 41.57 16.41 -21.84
C PHE B 136 42.99 15.90 -21.66
N ILE B 137 43.24 14.68 -22.14
CA ILE B 137 44.56 14.06 -22.02
C ILE B 137 44.91 13.43 -23.37
N PRO B 138 46.20 13.23 -23.63
CA PRO B 138 46.59 12.58 -24.89
C PRO B 138 46.00 11.18 -25.01
N HIS B 139 45.62 10.82 -26.23
CA HIS B 139 44.99 9.53 -26.46
C HIS B 139 45.96 8.40 -26.11
N VAL B 140 45.50 7.47 -25.28
CA VAL B 140 46.28 6.33 -24.83
C VAL B 140 45.51 5.05 -25.13
N TYR B 141 46.19 4.07 -25.72
CA TYR B 141 45.59 2.80 -26.08
C TYR B 141 45.95 1.74 -25.05
N ASP B 142 44.94 1.03 -24.55
CA ASP B 142 45.14 0.02 -23.53
C ASP B 142 45.52 -1.32 -24.17
N GLU B 143 45.79 -2.31 -23.31
CA GLU B 143 46.27 -3.59 -23.80
C GLU B 143 45.24 -4.26 -24.73
N GLU B 144 43.96 -4.13 -24.41
CA GLU B 144 42.89 -4.72 -25.20
C GLU B 144 42.45 -3.80 -26.33
N ASP B 145 43.06 -2.62 -26.45
CA ASP B 145 42.72 -1.65 -27.48
C ASP B 145 43.57 -1.75 -28.75
N ASN B 146 44.39 -2.79 -28.88
CA ASN B 146 45.23 -2.91 -30.06
C ASN B 146 44.41 -2.85 -31.34
N ASP B 147 43.29 -3.57 -31.38
CA ASP B 147 42.44 -3.54 -32.57
C ASP B 147 42.06 -2.11 -32.94
N GLU B 148 41.77 -1.28 -31.93
CA GLU B 148 41.40 0.10 -32.20
C GLU B 148 42.44 0.79 -33.07
N GLN B 149 43.72 0.60 -32.75
CA GLN B 149 44.78 1.21 -33.55
C GLN B 149 44.63 0.85 -35.02
N GLU B 150 44.34 -0.42 -35.31
CA GLU B 150 44.14 -0.84 -36.69
C GLU B 150 43.14 0.07 -37.39
N TYR B 151 41.98 0.29 -36.76
CA TYR B 151 40.97 1.15 -37.38
C TYR B 151 41.58 2.50 -37.76
N ASP B 152 42.34 3.09 -36.84
CA ASP B 152 42.88 4.42 -37.08
C ASP B 152 43.74 4.46 -38.33
N GLN B 153 44.42 3.35 -38.67
CA GLN B 153 45.26 3.36 -39.85
C GLN B 153 44.44 3.46 -41.14
N ARG B 154 43.24 2.88 -41.17
CA ARG B 154 42.42 2.94 -42.37
C ARG B 154 41.74 4.29 -42.55
N ILE B 155 41.49 5.01 -41.45
CA ILE B 155 40.80 6.30 -41.50
C ILE B 155 41.81 7.40 -41.79
N GLN B 156 41.48 8.26 -42.76
CA GLN B 156 42.38 9.34 -43.14
C GLN B 156 42.50 10.38 -42.02
N TYR B 157 41.37 10.78 -41.44
CA TYR B 157 41.27 11.74 -40.33
C TYR B 157 41.57 13.17 -40.75
N ASN B 158 41.97 13.41 -42.01
CA ASN B 158 42.23 14.76 -42.49
C ASN B 158 41.01 15.43 -43.07
N GLN B 159 40.08 14.66 -43.63
CA GLN B 159 38.93 15.20 -44.36
C GLN B 159 37.67 14.84 -43.58
N PHE B 160 37.21 15.78 -42.75
CA PHE B 160 35.97 15.64 -42.00
C PHE B 160 35.18 16.93 -42.05
N GLN B 161 35.07 17.53 -43.24
CA GLN B 161 34.29 18.74 -43.40
C GLN B 161 32.80 18.40 -43.44
N GLY B 162 32.02 19.11 -42.64
CA GLY B 162 30.60 18.89 -42.62
C GLY B 162 29.85 19.67 -43.68
N ASP B 163 28.64 19.21 -43.97
CA ASP B 163 27.80 19.87 -44.97
C ASP B 163 27.26 21.19 -44.43
N HIS B 164 27.10 22.15 -45.34
CA HIS B 164 26.58 23.47 -44.98
C HIS B 164 25.07 23.44 -44.90
N PHE B 165 24.52 24.08 -43.87
CA PHE B 165 23.08 24.18 -43.70
C PHE B 165 22.73 25.57 -43.19
N ASP B 166 21.49 25.98 -43.44
CA ASP B 166 21.03 27.30 -43.05
C ASP B 166 20.75 27.35 -41.55
N LEU B 167 21.21 28.43 -40.91
CA LEU B 167 20.99 28.64 -39.49
C LEU B 167 19.73 29.47 -39.27
N ALA B 168 19.38 29.66 -38.00
CA ALA B 168 18.26 30.50 -37.60
C ALA B 168 18.81 31.81 -37.04
N ALA B 169 18.32 32.93 -37.58
CA ALA B 169 18.81 34.23 -37.15
C ALA B 169 18.52 34.45 -35.67
N ILE B 170 19.53 34.92 -34.95
CA ILE B 170 19.42 35.24 -33.52
C ILE B 170 19.99 36.64 -33.34
N SER B 171 19.13 37.64 -33.30
CA SER B 171 19.57 39.02 -33.13
C SER B 171 20.17 39.21 -31.73
N TYR B 172 21.41 39.67 -31.69
CA TYR B 172 22.10 39.88 -30.41
C TYR B 172 22.19 38.57 -29.63
N THR B 238 16.31 39.15 -26.73
CA THR B 238 16.75 38.75 -28.07
C THR B 238 15.61 38.12 -28.85
N ARG B 239 15.61 38.32 -30.16
CA ARG B 239 14.57 37.80 -31.05
C ARG B 239 15.19 36.75 -31.96
N ALA B 240 14.53 35.60 -32.07
CA ALA B 240 14.98 34.50 -32.90
C ALA B 240 13.87 34.06 -33.84
N THR B 241 14.24 33.79 -35.09
CA THR B 241 13.28 33.35 -36.11
C THR B 241 13.17 31.83 -36.05
N GLY B 242 12.31 31.35 -35.16
CA GLY B 242 12.09 29.93 -35.05
C GLY B 242 11.51 29.35 -36.33
N LEU B 243 12.06 28.22 -36.76
CA LEU B 243 11.61 27.59 -37.99
C LEU B 243 10.21 27.00 -37.82
N ASN B 244 9.33 27.26 -38.79
CA ASN B 244 7.99 26.70 -38.81
C ASN B 244 7.20 27.07 -37.55
N GLY B 245 7.51 28.22 -36.95
CA GLY B 245 6.81 28.66 -35.77
C GLY B 245 7.15 27.90 -34.50
N HIS B 246 8.22 27.13 -34.49
CA HIS B 246 8.65 26.38 -33.32
C HIS B 246 9.88 27.04 -32.72
N LEU B 247 10.12 26.77 -31.44
CA LEU B 247 11.24 27.37 -30.72
C LEU B 247 12.50 26.58 -31.06
N VAL B 248 13.34 27.18 -31.91
CA VAL B 248 14.58 26.59 -32.37
C VAL B 248 15.68 27.66 -32.27
N LEU B 249 16.83 27.26 -31.74
CA LEU B 249 17.96 28.17 -31.57
C LEU B 249 19.24 27.47 -31.98
N ASP B 250 20.02 28.11 -32.84
CA ASP B 250 21.33 27.60 -33.26
C ASP B 250 22.39 28.41 -32.53
N CYS B 251 22.84 27.90 -31.39
CA CYS B 251 23.78 28.63 -30.56
C CYS B 251 25.22 28.24 -30.90
N PRO B 252 26.18 29.11 -30.60
CA PRO B 252 27.58 28.73 -30.80
C PRO B 252 28.13 27.96 -29.62
N VAL B 253 28.98 26.99 -29.91
CA VAL B 253 29.59 26.18 -28.86
C VAL B 253 30.79 26.91 -28.27
N ALA B 254 31.20 26.49 -27.07
CA ALA B 254 32.29 27.14 -26.38
C ALA B 254 33.54 27.15 -27.25
N ASP B 255 34.25 28.29 -27.24
CA ASP B 255 35.39 28.45 -28.12
C ASP B 255 36.51 27.46 -27.81
N GLU B 256 36.63 27.03 -26.56
CA GLU B 256 37.66 26.05 -26.23
C GLU B 256 37.39 24.71 -26.90
N LEU B 257 36.14 24.27 -26.89
CA LEU B 257 35.78 23.02 -27.57
C LEU B 257 36.10 23.11 -29.06
N LEU B 258 35.80 24.26 -29.67
CA LEU B 258 36.17 24.45 -31.07
C LEU B 258 37.69 24.41 -31.25
N SER B 259 38.42 25.03 -30.33
CA SER B 259 39.88 25.06 -30.44
C SER B 259 40.45 23.64 -30.38
N LYS B 260 39.86 22.77 -29.58
CA LYS B 260 40.31 21.39 -29.53
C LYS B 260 40.22 20.73 -30.90
N PHE B 261 39.19 21.06 -31.67
CA PHE B 261 38.96 20.38 -32.94
C PHE B 261 40.13 20.65 -33.89
N PRO B 262 40.58 19.64 -34.65
CA PRO B 262 41.76 19.85 -35.51
C PRO B 262 41.58 20.96 -36.53
N ASP B 263 40.39 21.07 -37.12
CA ASP B 263 40.18 22.02 -38.21
C ASP B 263 40.24 23.47 -37.75
N TYR B 264 40.26 23.72 -36.44
CA TYR B 264 40.22 25.09 -35.94
C TYR B 264 41.44 25.88 -36.41
N ASN B 265 41.20 27.12 -36.82
CA ASN B 265 42.25 28.06 -37.16
C ASN B 265 42.09 29.33 -36.32
N PRO B 266 43.11 29.77 -35.59
CA PRO B 266 42.92 30.95 -34.73
C PRO B 266 42.47 32.18 -35.48
N ALA B 267 42.95 32.37 -36.71
CA ALA B 267 42.60 33.58 -37.47
C ALA B 267 41.11 33.64 -37.76
N GLU B 268 40.52 32.51 -38.16
CA GLU B 268 39.11 32.48 -38.51
C GLU B 268 38.25 32.79 -37.29
N LYS B 269 37.12 33.47 -37.53
CA LYS B 269 36.25 33.86 -36.43
C LYS B 269 35.67 32.64 -35.73
N SER B 270 35.23 31.65 -36.50
CA SER B 270 34.73 30.39 -35.97
C SER B 270 35.73 29.26 -36.13
N GLY B 271 36.96 29.56 -36.57
CA GLY B 271 37.98 28.56 -36.77
C GLY B 271 37.92 27.85 -38.11
N GLY B 272 37.03 28.26 -39.01
CA GLY B 272 36.90 27.59 -40.29
C GLY B 272 36.11 26.30 -40.24
N LEU B 273 35.52 25.98 -39.10
CA LEU B 273 34.74 24.76 -38.98
C LEU B 273 33.44 24.86 -39.78
N SER B 274 32.87 23.70 -40.11
CA SER B 274 31.61 23.67 -40.81
C SER B 274 30.49 24.17 -39.91
N ARG B 275 29.35 24.48 -40.52
CA ARG B 275 28.22 25.01 -39.76
C ARG B 275 27.75 24.01 -38.71
N GLU B 276 27.67 22.73 -39.07
CA GLU B 276 27.22 21.72 -38.12
C GLU B 276 28.20 21.58 -36.95
N PHE B 277 29.51 21.61 -37.23
CA PHE B 277 30.49 21.49 -36.17
C PHE B 277 30.61 22.75 -35.34
N ALA B 278 30.17 23.89 -35.86
CA ALA B 278 30.33 25.17 -35.18
C ALA B 278 29.17 25.50 -34.25
N PHE B 279 27.94 25.13 -34.63
CA PHE B 279 26.75 25.52 -33.91
C PHE B 279 25.98 24.30 -33.45
N MET B 280 25.45 24.37 -32.23
CA MET B 280 24.60 23.34 -31.66
C MET B 280 23.15 23.81 -31.67
N ARG B 281 22.24 22.89 -31.99
CA ARG B 281 20.84 23.24 -32.21
C ARG B 281 20.01 22.81 -31.00
N TYR B 282 19.09 23.68 -30.59
CA TYR B 282 18.16 23.40 -29.50
C TYR B 282 16.74 23.61 -29.99
N THR B 283 15.88 22.63 -29.72
CA THR B 283 14.48 22.69 -30.11
C THR B 283 13.61 22.38 -28.90
N ALA B 284 12.49 23.09 -28.78
CA ALA B 284 11.52 22.84 -27.73
C ALA B 284 10.30 22.16 -28.34
N VAL B 285 9.98 20.96 -27.87
CA VAL B 285 8.87 20.17 -28.38
C VAL B 285 7.75 20.20 -27.35
N THR B 286 6.61 20.75 -27.75
CA THR B 286 5.45 20.88 -26.88
C THR B 286 4.38 19.82 -27.12
N CYS B 287 4.30 19.28 -28.34
CA CYS B 287 3.17 18.44 -28.70
C CYS B 287 3.23 17.07 -28.04
N GLY B 288 4.40 16.42 -28.08
CA GLY B 288 4.53 15.06 -27.59
C GLY B 288 4.69 14.04 -28.71
N PRO B 289 4.89 12.77 -28.32
CA PRO B 289 5.22 11.76 -29.34
C PRO B 289 4.17 11.62 -30.43
N SER B 290 2.88 11.69 -30.09
CA SER B 290 1.85 11.35 -31.05
C SER B 290 1.83 12.33 -32.22
N ASN B 291 1.96 13.62 -31.94
CA ASN B 291 1.83 14.67 -32.94
C ASN B 291 3.17 15.25 -33.39
N PHE B 292 4.29 14.62 -33.02
CA PHE B 292 5.59 15.16 -33.38
C PHE B 292 5.77 15.22 -34.89
N TYR B 293 5.36 14.16 -35.59
CA TYR B 293 5.50 14.14 -37.05
C TYR B 293 4.44 15.02 -37.71
N ARG B 294 3.22 15.05 -37.18
CA ARG B 294 2.17 15.86 -37.77
C ARG B 294 2.57 17.34 -37.78
N ASP B 295 3.11 17.82 -36.66
CA ASP B 295 3.61 19.18 -36.62
C ASP B 295 4.90 19.31 -37.44
N ALA B 296 5.26 20.55 -37.76
CA ALA B 296 6.41 20.82 -38.61
C ALA B 296 7.70 20.87 -37.78
N TYR B 297 7.94 19.77 -37.07
CA TYR B 297 9.17 19.60 -36.31
C TYR B 297 10.21 18.92 -37.19
N ILE B 298 11.29 19.61 -37.49
CA ILE B 298 12.32 19.13 -38.41
C ILE B 298 13.60 18.91 -37.63
N LEU B 299 14.19 17.73 -37.79
CA LEU B 299 15.48 17.42 -37.20
C LEU B 299 16.58 17.81 -38.17
N ARG B 300 17.74 18.17 -37.61
CA ARG B 300 18.83 18.69 -38.44
C ARG B 300 19.27 17.72 -39.52
N PRO B 301 19.43 16.42 -39.27
CA PRO B 301 19.91 15.52 -40.33
C PRO B 301 19.06 15.55 -41.58
N VAL B 302 17.74 15.72 -41.45
CA VAL B 302 16.85 15.77 -42.62
C VAL B 302 16.66 17.18 -43.16
N HIS B 303 17.22 18.19 -42.51
CA HIS B 303 17.04 19.57 -42.93
C HIS B 303 18.13 20.05 -43.88
N TYR B 304 19.14 19.22 -44.16
CA TYR B 304 20.21 19.63 -45.05
C TYR B 304 19.68 19.83 -46.47
N PRO B 305 20.31 20.68 -47.27
CA PRO B 305 19.87 20.83 -48.67
C PRO B 305 19.85 19.51 -49.41
N ILE B 306 20.82 18.64 -49.15
CA ILE B 306 20.83 17.27 -49.68
C ILE B 306 20.37 16.35 -48.55
N PRO B 307 19.19 15.74 -48.64
CA PRO B 307 18.71 14.92 -47.52
C PRO B 307 19.66 13.78 -47.20
N ARG B 308 19.77 13.47 -45.92
CA ARG B 308 20.58 12.36 -45.43
C ARG B 308 19.68 11.22 -45.00
N GLN B 309 19.99 10.01 -45.47
CA GLN B 309 19.21 8.83 -45.15
C GLN B 309 19.92 8.06 -44.05
N THR B 310 19.19 7.78 -42.96
CA THR B 310 19.75 7.09 -41.82
C THR B 310 19.80 5.59 -42.08
N GLU B 311 20.91 4.97 -41.68
CA GLU B 311 21.09 3.53 -41.81
C GLU B 311 21.07 2.79 -40.48
N LEU B 312 21.37 3.48 -39.38
CA LEU B 312 21.47 2.82 -38.07
C LEU B 312 21.21 3.87 -37.00
N MET B 313 20.08 3.75 -36.31
CA MET B 313 19.73 4.63 -35.21
C MET B 313 20.06 3.93 -33.89
N ILE B 314 21.06 4.44 -33.19
CA ILE B 314 21.55 3.82 -31.96
C ILE B 314 20.89 4.54 -30.80
N VAL B 315 19.78 3.98 -30.34
CA VAL B 315 19.04 4.55 -29.21
C VAL B 315 19.71 4.13 -27.90
N ILE B 316 19.81 5.07 -26.97
CA ILE B 316 20.34 4.81 -25.63
C ILE B 316 19.33 5.34 -24.63
N THR B 317 18.97 4.52 -23.65
CA THR B 317 17.99 4.86 -22.63
C THR B 317 18.71 5.14 -21.32
N MET B 318 18.30 6.20 -20.64
CA MET B 318 18.99 6.65 -19.43
C MET B 318 17.98 7.09 -18.38
N TYR B 319 18.32 6.83 -17.12
CA TYR B 319 17.50 7.28 -16.00
C TYR B 319 18.41 7.41 -14.77
N ASN B 320 18.71 8.65 -14.39
CA ASN B 320 19.57 8.96 -13.24
C ASN B 320 20.79 8.04 -13.16
N GLU B 321 21.44 7.78 -14.29
CA GLU B 321 22.61 6.93 -14.33
C GLU B 321 23.87 7.75 -14.10
N ASP B 322 24.84 7.15 -13.43
CA ASP B 322 26.11 7.81 -13.18
C ASP B 322 26.84 8.07 -14.49
N ASP B 323 27.69 9.10 -14.49
CA ASP B 323 28.45 9.43 -15.69
C ASP B 323 29.37 8.29 -16.14
N ILE B 324 29.71 7.37 -15.24
CA ILE B 324 30.59 6.27 -15.61
C ILE B 324 29.87 5.34 -16.60
N LEU B 325 28.63 4.98 -16.29
CA LEU B 325 27.88 4.08 -17.17
C LEU B 325 27.66 4.71 -18.54
N LEU B 326 27.25 5.98 -18.56
CA LEU B 326 27.06 6.67 -19.84
C LEU B 326 28.37 6.77 -20.61
N GLY B 327 29.47 7.02 -19.90
CA GLY B 327 30.76 7.08 -20.56
C GLY B 327 31.15 5.75 -21.19
N ARG B 328 30.92 4.65 -20.47
CA ARG B 328 31.21 3.34 -21.03
C ARG B 328 30.37 3.07 -22.28
N THR B 329 29.07 3.37 -22.20
CA THR B 329 28.20 3.14 -23.35
C THR B 329 28.64 3.97 -24.54
N LEU B 330 28.96 5.25 -24.31
CA LEU B 330 29.36 6.11 -25.41
C LEU B 330 30.71 5.69 -25.99
N LYS B 331 31.63 5.22 -25.14
CA LYS B 331 32.89 4.72 -25.65
C LYS B 331 32.68 3.51 -26.55
N GLY B 332 31.83 2.59 -26.13
CA GLY B 332 31.53 1.45 -26.98
C GLY B 332 30.92 1.85 -28.31
N VAL B 333 29.95 2.77 -28.27
CA VAL B 333 29.29 3.21 -29.49
C VAL B 333 30.29 3.90 -30.42
N PHE B 334 31.15 4.76 -29.85
CA PHE B 334 32.13 5.46 -30.67
C PHE B 334 33.12 4.49 -31.29
N LYS B 335 33.55 3.47 -30.54
CA LYS B 335 34.44 2.47 -31.11
C LYS B 335 33.78 1.72 -32.26
N ASN B 336 32.49 1.38 -32.10
CA ASN B 336 31.78 0.71 -33.17
C ASN B 336 31.68 1.60 -34.41
N ILE B 337 31.38 2.88 -34.21
CA ILE B 337 31.28 3.80 -35.35
C ILE B 337 32.64 3.94 -36.03
N LYS B 338 33.71 4.01 -35.25
CA LYS B 338 35.04 4.09 -35.83
C LYS B 338 35.36 2.85 -36.66
N TYR B 339 35.00 1.67 -36.16
CA TYR B 339 35.21 0.45 -36.93
C TYR B 339 34.42 0.48 -38.22
N LEU B 340 33.17 0.93 -38.17
CA LEU B 340 32.37 1.00 -39.39
C LEU B 340 32.98 1.96 -40.39
N GLU B 341 33.48 3.11 -39.90
CA GLU B 341 34.13 4.07 -40.79
C GLU B 341 35.39 3.47 -41.42
N SER B 342 36.17 2.73 -40.63
CA SER B 342 37.43 2.18 -41.13
C SER B 342 37.22 1.13 -42.21
N LYS B 343 36.07 0.45 -42.19
CA LYS B 343 35.81 -0.62 -43.15
C LYS B 343 35.97 -0.09 -44.57
N ALA B 344 36.77 -0.79 -45.38
CA ALA B 344 37.12 -0.33 -46.71
C ALA B 344 36.31 -1.02 -47.80
N ARG B 345 36.36 -2.34 -47.87
CA ARG B 345 35.68 -3.11 -48.92
C ARG B 345 34.26 -3.44 -48.50
N SER B 346 33.46 -2.39 -48.30
CA SER B 346 32.06 -2.53 -47.94
C SER B 346 31.22 -1.62 -48.83
N SER B 347 30.15 -2.17 -49.39
CA SER B 347 29.29 -1.40 -50.29
C SER B 347 28.61 -0.25 -49.53
N THR B 348 28.12 -0.53 -48.33
CA THR B 348 27.35 0.46 -47.57
C THR B 348 28.22 1.26 -46.62
N TRP B 349 29.23 0.64 -46.01
CA TRP B 349 30.05 1.28 -45.00
C TRP B 349 31.38 1.73 -45.58
N GLY B 350 32.03 2.65 -44.87
CA GLY B 350 33.32 3.18 -45.29
C GLY B 350 33.42 4.67 -45.13
N LYS B 351 33.95 5.34 -46.16
CA LYS B 351 34.12 6.79 -46.08
C LYS B 351 32.76 7.46 -45.90
N ASP B 352 32.71 8.45 -44.99
CA ASP B 352 31.50 9.20 -44.72
C ASP B 352 30.36 8.30 -44.24
N SER B 353 30.71 7.23 -43.51
CA SER B 353 29.68 6.37 -42.92
C SER B 353 29.04 6.99 -41.69
N TRP B 354 29.73 7.90 -41.01
CA TRP B 354 29.18 8.51 -39.81
C TRP B 354 27.94 9.33 -40.12
N LYS B 355 27.74 9.73 -41.37
CA LYS B 355 26.54 10.48 -41.74
C LYS B 355 25.29 9.61 -41.69
N LYS B 356 25.43 8.30 -41.78
CA LYS B 356 24.30 7.38 -41.78
C LYS B 356 23.93 6.91 -40.38
N ILE B 357 24.64 7.35 -39.34
CA ILE B 357 24.45 6.86 -37.99
C ILE B 357 24.11 8.05 -37.09
N VAL B 358 23.04 7.91 -36.32
CA VAL B 358 22.61 8.93 -35.36
C VAL B 358 22.47 8.25 -34.00
N VAL B 359 23.04 8.87 -32.97
CA VAL B 359 22.97 8.36 -31.61
C VAL B 359 21.96 9.19 -30.85
N CYS B 360 20.88 8.55 -30.40
CA CYS B 360 19.80 9.21 -29.70
C CYS B 360 19.84 8.81 -28.23
N ILE B 361 19.90 9.81 -27.35
CA ILE B 361 19.92 9.59 -25.91
C ILE B 361 18.66 10.23 -25.35
N VAL B 362 17.73 9.40 -24.88
CA VAL B 362 16.44 9.86 -24.38
C VAL B 362 16.49 9.79 -22.87
N SER B 363 16.66 10.94 -22.24
CA SER B 363 16.72 11.03 -20.79
C SER B 363 15.32 11.21 -20.22
N ASP B 364 14.99 10.39 -19.22
CA ASP B 364 13.66 10.35 -18.64
C ASP B 364 13.64 11.21 -17.39
N GLY B 365 12.92 12.33 -17.46
CA GLY B 365 12.83 13.23 -16.32
C GLY B 365 13.89 14.32 -16.35
N ARG B 366 13.45 15.57 -16.45
CA ARG B 366 14.39 16.68 -16.48
C ARG B 366 15.09 16.86 -15.14
N THR B 367 14.34 16.70 -14.04
CA THR B 367 14.89 16.88 -12.70
C THR B 367 15.47 15.60 -12.12
N LYS B 368 15.33 14.47 -12.80
CA LYS B 368 15.86 13.19 -12.32
C LYS B 368 17.20 12.82 -12.94
N ILE B 369 17.59 13.49 -14.04
CA ILE B 369 18.88 13.19 -14.66
C ILE B 369 20.00 13.51 -13.69
N ASN B 370 21.00 12.65 -13.66
CA ASN B 370 22.17 12.88 -12.82
C ASN B 370 22.96 14.06 -13.33
N GLU B 371 23.51 14.85 -12.40
CA GLU B 371 24.25 16.05 -12.79
C GLU B 371 25.58 15.71 -13.46
N ARG B 372 26.21 14.61 -13.06
CA ARG B 372 27.51 14.28 -13.63
C ARG B 372 27.38 13.83 -15.09
N ALA B 373 26.36 13.04 -15.41
CA ALA B 373 26.13 12.66 -16.80
C ALA B 373 25.75 13.87 -17.64
N GLN B 374 24.96 14.79 -17.06
CA GLN B 374 24.62 16.02 -17.76
C GLN B 374 25.89 16.83 -18.05
N ALA B 375 26.81 16.88 -17.09
CA ALA B 375 28.08 17.56 -17.30
C ALA B 375 28.90 16.88 -18.38
N LEU B 376 28.87 15.54 -18.42
CA LEU B 376 29.55 14.83 -19.50
C LEU B 376 28.99 15.23 -20.86
N LEU B 377 27.66 15.26 -20.97
CA LEU B 377 27.04 15.63 -22.24
C LEU B 377 27.38 17.06 -22.62
N ALA B 378 27.39 17.96 -21.64
CA ALA B 378 27.80 19.34 -21.91
C ALA B 378 29.24 19.40 -22.40
N GLY B 379 30.12 18.63 -21.77
CA GLY B 379 31.50 18.58 -22.23
C GLY B 379 31.62 18.10 -23.66
N LEU B 380 30.81 17.10 -24.03
CA LEU B 380 30.77 16.67 -25.42
C LEU B 380 30.26 17.77 -26.35
N GLY B 381 29.56 18.77 -25.80
CA GLY B 381 29.07 19.89 -26.57
C GLY B 381 27.60 19.81 -26.94
N VAL B 382 26.92 18.72 -26.58
CA VAL B 382 25.52 18.56 -26.96
C VAL B 382 24.63 19.53 -26.18
N TYR B 383 24.86 19.65 -24.87
CA TYR B 383 23.94 20.33 -23.98
C TYR B 383 24.53 21.65 -23.48
N GLN B 384 23.67 22.66 -23.36
CA GLN B 384 23.99 23.92 -22.72
C GLN B 384 22.85 24.30 -21.78
N GLU B 385 23.19 24.90 -20.64
CA GLU B 385 22.21 25.08 -19.58
C GLU B 385 21.22 26.21 -19.91
N GLY B 386 21.72 27.32 -20.46
CA GLY B 386 20.87 28.49 -20.61
C GLY B 386 19.73 28.31 -21.59
N LEU B 387 19.90 27.48 -22.61
CA LEU B 387 18.94 27.42 -23.71
C LEU B 387 17.56 26.97 -23.25
N ALA B 388 17.52 25.98 -22.35
CA ALA B 388 16.26 25.30 -22.05
C ALA B 388 15.20 26.28 -21.54
N LYS B 389 13.99 26.15 -22.07
CA LYS B 389 12.85 27.01 -21.73
C LYS B 389 11.69 26.15 -21.25
N SER B 390 11.04 26.60 -20.18
CA SER B 390 9.96 25.81 -19.59
C SER B 390 8.69 25.87 -20.43
N ARG B 391 8.32 27.06 -20.90
CA ARG B 391 7.05 27.24 -21.61
C ARG B 391 7.27 28.06 -22.87
N VAL B 392 6.45 27.78 -23.87
CA VAL B 392 6.45 28.52 -25.14
C VAL B 392 5.01 28.79 -25.54
N ASP B 393 4.69 30.06 -25.78
CA ASP B 393 3.35 30.45 -26.22
C ASP B 393 2.28 29.90 -25.29
N ASP B 394 2.56 29.94 -23.99
CA ASP B 394 1.64 29.44 -22.97
C ASP B 394 1.37 27.95 -23.15
N LYS B 395 2.34 27.22 -23.69
CA LYS B 395 2.24 25.77 -23.88
C LYS B 395 3.44 25.11 -23.20
N LYS B 396 3.16 24.06 -22.42
CA LYS B 396 4.23 23.35 -21.74
C LYS B 396 5.13 22.66 -22.76
N VAL B 397 6.44 22.70 -22.50
CA VAL B 397 7.42 22.05 -23.35
C VAL B 397 7.62 20.63 -22.85
N GLN B 398 7.10 19.66 -23.60
CA GLN B 398 7.21 18.27 -23.18
C GLN B 398 8.64 17.77 -23.23
N ALA B 399 9.41 18.16 -24.25
CA ALA B 399 10.75 17.65 -24.45
C ALA B 399 11.67 18.78 -24.90
N HIS B 400 12.96 18.62 -24.58
CA HIS B 400 14.01 19.53 -25.04
C HIS B 400 15.01 18.71 -25.85
N MET B 401 15.21 19.06 -27.11
CA MET B 401 16.08 18.30 -28.00
C MET B 401 17.32 19.11 -28.33
N PHE B 402 18.49 18.54 -28.06
CA PHE B 402 19.77 19.14 -28.39
C PHE B 402 20.45 18.29 -29.46
N GLU B 403 20.82 18.93 -30.57
CA GLU B 403 21.42 18.24 -31.70
C GLU B 403 22.81 18.81 -31.95
N TYR B 404 23.80 17.92 -32.08
CA TYR B 404 25.15 18.38 -32.35
C TYR B 404 25.98 17.25 -32.95
N THR B 405 26.89 17.62 -33.86
CA THR B 405 27.85 16.68 -34.43
C THR B 405 29.14 16.82 -33.63
N THR B 406 29.30 15.96 -32.62
CA THR B 406 30.42 16.07 -31.70
C THR B 406 31.65 15.37 -32.26
N ARG B 407 32.81 16.01 -32.07
CA ARG B 407 34.10 15.43 -32.42
C ARG B 407 34.93 15.13 -31.17
N VAL B 408 34.28 14.91 -30.04
CA VAL B 408 34.93 14.62 -28.77
C VAL B 408 34.73 13.15 -28.48
N GLY B 409 35.82 12.44 -28.19
CA GLY B 409 35.78 11.01 -27.96
C GLY B 409 36.33 10.64 -26.60
N ILE B 410 35.64 9.73 -25.91
CA ILE B 410 36.05 9.31 -24.58
C ILE B 410 37.26 8.39 -24.73
N SER B 411 38.42 8.85 -24.26
CA SER B 411 39.64 8.06 -24.40
C SER B 411 39.61 6.85 -23.48
N LYS B 412 39.25 7.04 -22.21
CA LYS B 412 39.21 5.95 -21.26
C LYS B 412 38.20 6.29 -20.18
N VAL B 413 37.69 5.24 -19.53
CA VAL B 413 36.69 5.37 -18.47
C VAL B 413 37.22 4.58 -17.28
N THR B 414 37.86 5.28 -16.35
CA THR B 414 38.34 4.65 -15.13
C THR B 414 37.17 4.37 -14.20
N ASP B 415 37.47 3.85 -13.01
CA ASP B 415 36.42 3.55 -12.05
C ASP B 415 35.75 4.81 -11.53
N ASP B 416 36.52 5.88 -11.35
CA ASP B 416 36.02 7.09 -10.70
C ASP B 416 35.86 8.28 -11.63
N VAL B 417 36.67 8.40 -12.69
CA VAL B 417 36.65 9.56 -13.55
C VAL B 417 36.56 9.12 -15.01
N VAL B 418 36.12 10.06 -15.85
CA VAL B 418 36.00 9.86 -17.29
C VAL B 418 36.89 10.89 -17.99
N LYS B 419 37.73 10.42 -18.91
CA LYS B 419 38.65 11.27 -19.65
C LYS B 419 38.23 11.31 -21.11
N LEU B 420 38.02 12.51 -21.64
CA LEU B 420 37.64 12.71 -23.03
C LEU B 420 38.68 13.56 -23.73
N THR B 421 39.01 13.20 -24.97
CA THR B 421 40.00 13.90 -25.77
C THR B 421 39.48 14.02 -27.19
N THR B 422 40.13 14.89 -27.96
CA THR B 422 39.77 15.14 -29.35
C THR B 422 40.72 14.49 -30.35
N GLU B 423 41.72 13.73 -29.88
CA GLU B 423 42.67 13.10 -30.78
C GLU B 423 42.08 11.83 -31.39
N LYS B 424 42.14 11.72 -32.71
CA LYS B 424 41.68 10.54 -33.43
C LYS B 424 40.24 10.19 -33.06
N VAL B 425 39.36 11.17 -33.24
CA VAL B 425 37.94 11.02 -32.95
C VAL B 425 37.15 11.24 -34.24
N VAL B 426 36.28 10.29 -34.56
CA VAL B 426 35.40 10.41 -35.72
C VAL B 426 34.16 11.19 -35.30
N PRO B 427 33.68 12.14 -36.11
CA PRO B 427 32.48 12.88 -35.72
C PRO B 427 31.27 11.95 -35.58
N VAL B 428 30.41 12.29 -34.62
CA VAL B 428 29.23 11.49 -34.31
C VAL B 428 28.04 12.43 -34.15
N GLN B 429 26.93 12.11 -34.81
CA GLN B 429 25.71 12.88 -34.69
C GLN B 429 24.98 12.46 -33.42
N MET B 430 24.71 13.43 -32.54
CA MET B 430 24.11 13.20 -31.24
C MET B 430 22.82 13.98 -31.13
N LEU B 431 21.74 13.28 -30.78
CA LEU B 431 20.45 13.87 -30.49
C LEU B 431 20.08 13.52 -29.05
N PHE B 432 20.06 14.51 -28.17
CA PHE B 432 19.79 14.32 -26.75
C PHE B 432 18.41 14.88 -26.46
N CYS B 433 17.46 13.99 -26.19
CA CYS B 433 16.07 14.37 -25.90
C CYS B 433 15.85 14.23 -24.40
N LEU B 434 15.82 15.38 -23.72
CA LEU B 434 15.56 15.42 -22.28
C LEU B 434 14.08 15.65 -22.05
N LYS B 435 13.41 14.69 -21.44
CA LYS B 435 11.97 14.81 -21.20
C LYS B 435 11.72 15.67 -19.97
N GLU B 436 10.63 16.44 -20.03
CA GLU B 436 10.31 17.37 -18.95
C GLU B 436 9.92 16.61 -17.68
N THR B 437 9.09 15.59 -17.80
CA THR B 437 8.65 14.77 -16.67
C THR B 437 8.87 13.31 -17.00
N ASN B 438 9.10 12.52 -15.95
CA ASN B 438 9.36 11.09 -16.11
C ASN B 438 8.05 10.34 -16.31
N ALA B 439 7.99 9.50 -17.34
CA ALA B 439 6.84 8.68 -17.65
C ALA B 439 7.26 7.24 -17.90
N LYS B 440 8.29 6.77 -17.21
CA LYS B 440 8.78 5.40 -17.33
C LYS B 440 9.44 5.17 -18.69
N LYS B 441 9.71 3.91 -19.01
CA LYS B 441 10.48 3.57 -20.21
C LYS B 441 9.62 3.41 -21.45
N ILE B 442 8.33 3.07 -21.29
CA ILE B 442 7.46 2.93 -22.44
C ILE B 442 7.29 4.27 -23.15
N ASN B 443 7.19 5.36 -22.38
CA ASN B 443 7.09 6.67 -22.99
C ASN B 443 8.38 7.03 -23.74
N SER B 444 9.53 6.66 -23.18
CA SER B 444 10.79 6.90 -23.88
C SER B 444 10.82 6.14 -25.20
N HIS B 445 10.38 4.88 -25.19
CA HIS B 445 10.34 4.12 -26.44
C HIS B 445 9.33 4.71 -27.41
N ARG B 446 8.23 5.28 -26.91
CA ARG B 446 7.30 5.97 -27.79
C ARG B 446 7.96 7.17 -28.44
N TRP B 447 8.75 7.92 -27.69
CA TRP B 447 9.52 9.02 -28.27
C TRP B 447 10.48 8.50 -29.35
N CYS B 448 11.14 7.38 -29.06
CA CYS B 448 12.12 6.84 -30.01
C CYS B 448 11.47 6.41 -31.31
N PHE B 449 10.37 5.64 -31.23
CA PHE B 449 9.77 5.03 -32.41
C PHE B 449 8.71 5.93 -33.03
N GLN B 450 7.69 6.28 -32.26
CA GLN B 450 6.52 6.95 -32.82
C GLN B 450 6.85 8.33 -33.39
N ALA B 451 7.82 9.04 -32.80
CA ALA B 451 8.08 10.43 -33.15
C ALA B 451 9.40 10.61 -33.89
N ILE B 452 10.53 10.23 -33.27
CA ILE B 452 11.82 10.45 -33.90
C ILE B 452 12.00 9.51 -35.09
N GLY B 453 11.55 8.26 -34.95
CA GLY B 453 11.74 7.29 -36.02
C GLY B 453 11.02 7.69 -37.30
N GLN B 454 9.79 8.20 -37.16
CA GLN B 454 9.03 8.59 -38.35
C GLN B 454 9.74 9.69 -39.13
N VAL B 455 10.27 10.69 -38.43
CA VAL B 455 10.98 11.77 -39.10
C VAL B 455 12.27 11.25 -39.72
N LEU B 456 13.06 10.52 -38.94
CA LEU B 456 14.33 10.00 -39.47
C LEU B 456 14.10 8.87 -40.47
N ASP B 457 13.08 8.05 -40.25
CA ASP B 457 12.82 6.89 -41.09
C ASP B 457 14.06 6.02 -41.23
N PRO B 458 14.61 5.53 -40.11
CA PRO B 458 15.85 4.74 -40.20
C PRO B 458 15.60 3.28 -40.46
N LYS B 459 16.68 2.49 -40.48
CA LYS B 459 16.59 1.05 -40.55
C LYS B 459 17.40 0.45 -39.41
N ILE B 460 16.95 -0.70 -38.91
CA ILE B 460 17.68 -1.40 -37.88
C ILE B 460 17.93 -0.48 -36.69
N VAL B 461 16.84 -0.11 -35.99
CA VAL B 461 16.97 0.64 -34.75
C VAL B 461 17.60 -0.25 -33.69
N VAL B 462 18.70 0.22 -33.09
CA VAL B 462 19.40 -0.52 -32.05
C VAL B 462 19.01 0.06 -30.70
N LEU B 463 18.66 -0.82 -29.77
CA LEU B 463 18.28 -0.42 -28.42
C LEU B 463 19.37 -0.84 -27.45
N LEU B 464 19.87 0.14 -26.69
CA LEU B 464 20.92 -0.03 -25.71
C LEU B 464 20.47 0.60 -24.41
N ASP B 465 21.15 0.23 -23.32
CA ASP B 465 20.88 0.78 -22.01
C ASP B 465 22.18 1.25 -21.39
N CYS B 466 22.08 2.30 -20.58
CA CYS B 466 23.27 2.82 -19.90
C CYS B 466 23.90 1.73 -19.04
N GLY B 467 25.23 1.69 -19.04
CA GLY B 467 25.97 0.64 -18.37
C GLY B 467 26.24 -0.57 -19.24
N THR B 468 25.72 -0.60 -20.46
CA THR B 468 25.95 -1.70 -21.39
C THR B 468 26.99 -1.25 -22.41
N GLN B 469 28.14 -1.92 -22.40
CA GLN B 469 29.26 -1.55 -23.26
C GLN B 469 29.38 -2.58 -24.38
N PRO B 470 28.97 -2.26 -25.61
CA PRO B 470 29.14 -3.21 -26.71
C PRO B 470 30.60 -3.39 -27.06
N SER B 471 30.86 -4.40 -27.88
CA SER B 471 32.23 -4.73 -28.28
C SER B 471 32.67 -3.77 -29.37
N GLY B 472 33.85 -4.03 -29.96
CA GLY B 472 34.37 -3.16 -30.99
C GLY B 472 33.74 -3.35 -32.34
N ARG B 473 33.13 -4.50 -32.61
CA ARG B 473 32.52 -4.79 -33.89
C ARG B 473 31.10 -5.34 -33.74
N SER B 474 30.51 -5.20 -32.56
CA SER B 474 29.22 -5.83 -32.29
C SER B 474 28.12 -5.27 -33.18
N LEU B 475 28.05 -3.95 -33.31
CA LEU B 475 26.97 -3.36 -34.09
C LEU B 475 27.09 -3.74 -35.56
N TYR B 476 28.30 -3.89 -36.07
CA TYR B 476 28.47 -4.41 -37.43
C TYR B 476 27.92 -5.82 -37.54
N GLU B 477 28.15 -6.65 -36.51
CA GLU B 477 27.60 -8.01 -36.54
C GLU B 477 26.08 -7.99 -36.58
N LEU B 478 25.45 -7.15 -35.76
CA LEU B 478 23.99 -7.06 -35.78
C LEU B 478 23.50 -6.58 -37.15
N TRP B 479 24.14 -5.55 -37.70
CA TRP B 479 23.73 -5.05 -39.00
C TRP B 479 23.88 -6.12 -40.08
N LYS B 480 24.97 -6.88 -40.04
CA LYS B 480 25.18 -7.93 -41.03
C LYS B 480 24.14 -9.04 -40.88
N GLU B 481 23.77 -9.36 -39.64
CA GLU B 481 22.70 -10.33 -39.43
C GLU B 481 21.41 -9.86 -40.07
N PHE B 482 21.08 -8.57 -39.91
CA PHE B 482 19.88 -8.05 -40.56
C PHE B 482 20.01 -8.05 -42.08
N ASP B 483 21.22 -7.76 -42.58
CA ASP B 483 21.40 -7.58 -44.02
C ASP B 483 21.37 -8.92 -44.76
N ARG B 484 22.00 -9.95 -44.21
CA ARG B 484 22.12 -11.22 -44.93
C ARG B 484 20.74 -11.78 -45.29
N ASP B 485 19.86 -11.88 -44.30
CA ASP B 485 18.52 -12.45 -44.48
C ASP B 485 17.49 -11.34 -44.31
N HIS B 486 16.65 -11.15 -45.32
CA HIS B 486 15.66 -10.09 -45.30
C HIS B 486 14.45 -10.42 -44.43
N ARG B 487 14.25 -11.70 -44.09
CA ARG B 487 13.13 -12.08 -43.24
C ARG B 487 13.35 -11.72 -41.77
N VAL B 488 14.59 -11.49 -41.36
CA VAL B 488 14.88 -11.20 -39.96
C VAL B 488 14.33 -9.83 -39.60
N ALA B 489 13.58 -9.77 -38.49
CA ALA B 489 13.01 -8.52 -38.01
C ALA B 489 13.57 -8.09 -36.67
N GLY B 490 14.18 -8.99 -35.91
CA GLY B 490 14.75 -8.65 -34.62
C GLY B 490 15.97 -9.49 -34.36
N ALA B 491 16.91 -8.92 -33.61
CA ALA B 491 18.16 -9.61 -33.30
C ALA B 491 18.61 -9.22 -31.91
N CYS B 492 19.30 -10.16 -31.26
CA CYS B 492 19.87 -9.94 -29.94
C CYS B 492 21.27 -10.52 -29.94
N GLY B 493 22.09 -10.04 -29.00
CA GLY B 493 23.46 -10.47 -28.91
C GLY B 493 23.78 -10.99 -27.53
N GLU B 494 24.92 -11.69 -27.45
CA GLU B 494 25.33 -12.28 -26.19
C GLU B 494 25.62 -11.19 -25.18
N ILE B 495 25.11 -11.37 -23.96
CA ILE B 495 25.27 -10.41 -22.88
C ILE B 495 26.11 -11.07 -21.80
N THR B 496 27.13 -10.38 -21.33
CA THR B 496 28.09 -10.90 -20.37
C THR B 496 28.11 -10.02 -19.13
N THR B 497 28.56 -10.61 -18.03
CA THR B 497 28.65 -9.92 -16.75
C THR B 497 30.10 -9.62 -16.42
N SER B 498 30.36 -8.36 -16.05
CA SER B 498 31.72 -7.96 -15.71
C SER B 498 32.13 -8.52 -14.36
N LEU B 499 33.34 -9.05 -14.29
CA LEU B 499 33.92 -9.63 -13.08
C LEU B 499 35.28 -9.00 -12.79
N LYS B 500 35.39 -7.69 -13.04
CA LYS B 500 36.68 -7.02 -12.94
C LYS B 500 37.22 -7.04 -11.52
N LYS B 501 36.52 -6.39 -10.60
CA LYS B 501 36.96 -6.22 -9.22
C LYS B 501 36.05 -6.96 -8.24
N ARG B 502 35.65 -8.18 -8.61
CA ARG B 502 34.75 -8.97 -7.80
C ARG B 502 35.33 -10.37 -7.63
N GLN B 503 35.40 -10.83 -6.38
CA GLN B 503 36.00 -12.12 -6.06
C GLN B 503 34.99 -13.25 -6.21
N MET B 504 35.51 -14.46 -6.27
CA MET B 504 34.64 -15.64 -6.38
C MET B 504 33.84 -15.85 -5.11
N ILE B 505 34.49 -15.74 -3.95
CA ILE B 505 33.85 -16.06 -2.68
C ILE B 505 33.14 -14.84 -2.09
N THR B 506 33.67 -13.64 -2.29
CA THR B 506 33.08 -12.44 -1.70
C THR B 506 31.75 -12.07 -2.36
N ASN B 507 31.52 -12.47 -3.61
CA ASN B 507 30.31 -12.10 -4.36
C ASN B 507 29.69 -13.35 -4.96
N PRO B 508 29.06 -14.20 -4.14
CA PRO B 508 28.38 -15.38 -4.69
C PRO B 508 27.28 -15.01 -5.68
N LEU B 509 26.54 -13.93 -5.40
CA LEU B 509 25.40 -13.58 -6.23
C LEU B 509 25.83 -13.19 -7.64
N VAL B 510 26.91 -12.43 -7.75
CA VAL B 510 27.40 -12.02 -9.07
C VAL B 510 27.77 -13.23 -9.90
N TYR B 511 28.47 -14.19 -9.30
CA TYR B 511 28.89 -15.37 -10.06
C TYR B 511 27.71 -16.26 -10.40
N GLY B 512 26.73 -16.36 -9.50
CA GLY B 512 25.50 -17.08 -9.85
C GLY B 512 24.80 -16.47 -11.05
N GLN B 513 24.70 -15.14 -11.07
CA GLN B 513 24.10 -14.47 -12.22
C GLN B 513 24.94 -14.69 -13.47
N ASN B 514 26.27 -14.71 -13.34
CA ASN B 514 27.13 -15.00 -14.48
C ASN B 514 26.83 -16.37 -15.06
N PHE B 515 26.71 -17.38 -14.19
CA PHE B 515 26.38 -18.72 -14.65
C PHE B 515 25.03 -18.75 -15.34
N GLU B 516 24.04 -18.07 -14.75
CA GLU B 516 22.72 -18.03 -15.35
C GLU B 516 22.76 -17.43 -16.75
N TYR B 517 23.47 -16.31 -16.89
CA TYR B 517 23.57 -15.65 -18.20
C TYR B 517 24.26 -16.55 -19.21
N LYS B 518 25.37 -17.19 -18.81
CA LYS B 518 26.09 -18.05 -19.73
C LYS B 518 25.24 -19.22 -20.18
N ILE B 519 24.54 -19.86 -19.26
CA ILE B 519 23.69 -20.99 -19.63
C ILE B 519 22.58 -20.53 -20.55
N SER B 520 21.96 -19.38 -20.25
CA SER B 520 20.93 -18.86 -21.13
C SER B 520 21.45 -18.67 -22.54
N ASN B 521 22.56 -17.92 -22.68
CA ASN B 521 23.10 -17.65 -24.02
C ASN B 521 23.58 -18.90 -24.72
N ILE B 522 23.92 -19.96 -23.99
CA ILE B 522 24.44 -21.17 -24.63
C ILE B 522 23.34 -22.15 -25.01
N LEU B 523 22.23 -22.19 -24.28
CA LEU B 523 21.19 -23.18 -24.52
C LEU B 523 19.87 -22.58 -24.97
N ASP B 524 19.36 -21.55 -24.27
CA ASP B 524 18.03 -21.06 -24.56
C ASP B 524 18.00 -20.25 -25.85
N LYS B 525 18.85 -19.23 -25.95
CA LYS B 525 18.84 -18.37 -27.13
C LYS B 525 19.09 -19.14 -28.41
N PRO B 526 20.10 -20.01 -28.51
CA PRO B 526 20.33 -20.71 -29.78
C PRO B 526 19.16 -21.57 -30.22
N THR B 527 18.52 -22.29 -29.29
CA THR B 527 17.39 -23.13 -29.66
C THR B 527 16.22 -22.30 -30.19
N GLU B 528 15.89 -21.23 -29.47
CA GLU B 528 14.78 -20.37 -29.90
C GLU B 528 15.08 -19.72 -31.25
N SER B 529 16.33 -19.32 -31.46
CA SER B 529 16.72 -18.78 -32.77
C SER B 529 16.56 -19.83 -33.85
N SER B 530 16.96 -21.08 -33.56
CA SER B 530 16.81 -22.14 -34.55
C SER B 530 15.35 -22.34 -34.92
N PHE B 531 14.45 -22.28 -33.93
CA PHE B 531 13.03 -22.40 -34.22
C PHE B 531 12.47 -21.15 -34.88
N GLY B 532 13.17 -20.02 -34.80
CA GLY B 532 12.73 -18.80 -35.43
C GLY B 532 11.92 -17.86 -34.57
N PHE B 533 11.61 -18.25 -33.33
CA PHE B 533 10.83 -17.41 -32.43
C PHE B 533 11.55 -17.34 -31.09
N ILE B 534 11.96 -16.13 -30.70
CA ILE B 534 12.64 -15.88 -29.43
C ILE B 534 11.64 -15.25 -28.48
N SER B 535 11.49 -15.84 -27.30
CA SER B 535 10.49 -15.36 -26.36
C SER B 535 10.78 -13.93 -25.92
N VAL B 536 12.04 -13.61 -25.63
CA VAL B 536 12.42 -12.30 -25.13
C VAL B 536 13.68 -11.84 -25.87
N LEU B 537 13.66 -10.60 -26.34
CA LEU B 537 14.86 -9.95 -26.84
C LEU B 537 15.34 -8.95 -25.81
N PRO B 538 16.54 -9.11 -25.24
CA PRO B 538 16.94 -8.25 -24.13
C PRO B 538 16.84 -6.78 -24.47
N GLY B 539 16.20 -6.01 -23.59
CA GLY B 539 16.09 -4.59 -23.79
C GLY B 539 17.40 -3.85 -23.61
N ALA B 540 18.33 -4.42 -22.84
CA ALA B 540 19.62 -3.78 -22.65
C ALA B 540 20.43 -3.75 -23.94
N PHE B 541 20.27 -4.75 -24.79
CA PHE B 541 21.03 -4.83 -26.04
C PHE B 541 20.21 -5.61 -27.06
N SER B 542 19.65 -4.92 -28.04
CA SER B 542 18.85 -5.59 -29.05
C SER B 542 18.77 -4.70 -30.29
N ALA B 543 18.11 -5.21 -31.34
CA ALA B 543 17.93 -4.46 -32.56
C ALA B 543 16.66 -4.93 -33.26
N TYR B 544 15.97 -3.99 -33.89
CA TYR B 544 14.71 -4.25 -34.59
C TYR B 544 14.74 -3.61 -35.96
N ARG B 545 14.07 -4.25 -36.92
CA ARG B 545 13.88 -3.66 -38.23
C ARG B 545 12.69 -2.73 -38.20
N PHE B 546 12.90 -1.47 -38.61
CA PHE B 546 11.90 -0.44 -38.40
C PHE B 546 10.62 -0.73 -39.16
N ILE B 547 10.73 -1.16 -40.42
CA ILE B 547 9.53 -1.38 -41.24
C ILE B 547 8.67 -2.49 -40.66
N ALA B 548 9.30 -3.51 -40.07
CA ALA B 548 8.53 -4.63 -39.54
C ALA B 548 7.61 -4.20 -38.40
N LEU B 549 8.01 -3.18 -37.64
CA LEU B 549 7.23 -2.73 -36.49
C LEU B 549 6.06 -1.84 -36.87
N GLN B 550 6.00 -1.36 -38.11
CA GLN B 550 4.95 -0.41 -38.49
C GLN B 550 3.58 -1.07 -38.42
N ASN B 551 2.59 -0.29 -37.96
CA ASN B 551 1.23 -0.78 -37.83
C ASN B 551 0.57 -0.90 -39.20
N ASP B 552 -0.54 -1.63 -39.24
CA ASP B 552 -1.32 -1.78 -40.46
C ASP B 552 -2.19 -0.55 -40.70
N ILE B 553 -2.82 -0.51 -41.87
CA ILE B 553 -3.70 0.60 -42.19
C ILE B 553 -4.89 0.64 -41.23
N ASN B 554 -5.39 -0.53 -40.84
CA ASN B 554 -6.49 -0.58 -39.88
C ASN B 554 -6.12 0.03 -38.54
N GLY B 555 -4.82 0.15 -38.26
CA GLY B 555 -4.35 0.72 -37.00
C GLY B 555 -3.90 -0.29 -35.97
N VAL B 556 -3.97 -1.59 -36.28
CA VAL B 556 -3.53 -2.64 -35.37
C VAL B 556 -2.17 -3.13 -35.82
N GLY B 557 -1.24 -3.23 -34.87
CA GLY B 557 0.11 -3.66 -35.15
C GLY B 557 0.92 -3.85 -33.88
N PRO B 558 2.14 -4.36 -34.01
CA PRO B 558 2.96 -4.60 -32.81
C PRO B 558 3.16 -3.35 -31.96
N LEU B 559 3.39 -2.20 -32.59
CA LEU B 559 3.64 -0.98 -31.82
C LEU B 559 2.39 -0.54 -31.08
N GLU B 560 1.21 -0.69 -31.69
CA GLU B 560 -0.02 -0.35 -31.01
C GLU B 560 -0.20 -1.19 -29.75
N LYS B 561 0.02 -2.51 -29.89
CA LYS B 561 -0.08 -3.39 -28.73
C LYS B 561 0.92 -3.00 -27.66
N TYR B 562 2.16 -2.69 -28.05
CA TYR B 562 3.18 -2.34 -27.07
C TYR B 562 2.84 -1.05 -26.34
N PHE B 563 2.36 -0.05 -27.07
CA PHE B 563 2.10 1.26 -26.49
C PHE B 563 0.81 1.31 -25.68
N LYS B 564 -0.16 0.44 -25.97
CA LYS B 564 -1.42 0.49 -25.24
C LYS B 564 -1.21 0.29 -23.74
N GLY B 565 -0.17 -0.46 -23.36
CA GLY B 565 0.06 -0.74 -21.96
C GLY B 565 0.27 0.51 -21.13
N GLU B 566 1.04 1.46 -21.65
CA GLU B 566 1.32 2.69 -20.91
C GLU B 566 0.02 3.42 -20.58
N PHE B 567 -0.85 3.58 -21.58
CA PHE B 567 -2.09 4.33 -21.37
C PHE B 567 -3.04 3.58 -20.46
N LEU B 568 -3.16 2.26 -20.63
CA LEU B 568 -4.10 1.50 -19.81
C LEU B 568 -3.63 1.39 -18.37
N HIS B 569 -2.33 1.16 -18.15
CA HIS B 569 -1.78 0.99 -16.81
C HIS B 569 -1.34 2.35 -16.27
N SER B 570 -2.31 3.14 -15.84
CA SER B 570 -2.05 4.44 -15.25
C SER B 570 -3.34 4.96 -14.64
N SER B 571 -3.20 5.98 -13.80
CA SER B 571 -4.36 6.61 -13.18
C SER B 571 -5.25 7.24 -14.25
N GLY B 572 -6.55 7.05 -14.11
CA GLY B 572 -7.49 7.59 -15.07
C GLY B 572 -7.78 9.06 -14.84
N GLU B 573 -6.73 9.87 -14.75
CA GLU B 573 -6.84 11.31 -14.54
C GLU B 573 -6.12 12.00 -15.69
N LEU B 574 -6.88 12.35 -16.73
CA LEU B 574 -6.35 12.99 -17.92
C LEU B 574 -6.52 14.50 -17.82
N ASP B 575 -5.42 15.23 -18.03
CA ASP B 575 -5.48 16.68 -18.01
C ASP B 575 -6.14 17.19 -19.30
N PRO B 576 -7.19 17.99 -19.22
CA PRO B 576 -7.85 18.46 -20.46
C PRO B 576 -6.96 19.32 -21.33
N ASN B 577 -5.91 19.92 -20.77
CA ASN B 577 -5.04 20.81 -21.54
C ASN B 577 -4.03 20.07 -22.39
N ASP B 578 -3.83 18.77 -22.17
CA ASP B 578 -2.90 18.00 -23.00
C ASP B 578 -3.40 17.94 -24.43
N ASP B 579 -2.46 18.05 -25.37
CA ASP B 579 -2.81 17.97 -26.78
C ASP B 579 -3.07 16.53 -27.23
N GLU B 580 -2.64 15.54 -26.44
CA GLU B 580 -2.95 14.14 -26.69
C GLU B 580 -4.17 13.69 -25.91
N PHE B 581 -4.98 14.63 -25.42
CA PHE B 581 -6.15 14.27 -24.62
C PHE B 581 -7.12 13.42 -25.43
N GLN B 582 -7.33 13.76 -26.70
CA GLN B 582 -8.28 13.02 -27.52
C GLN B 582 -7.86 11.56 -27.66
N MET B 583 -6.59 11.32 -27.96
CA MET B 583 -6.10 9.96 -28.15
C MET B 583 -6.27 9.14 -26.87
N LYS B 584 -5.83 9.69 -25.74
CA LYS B 584 -5.93 8.95 -24.48
C LYS B 584 -7.38 8.69 -24.10
N HIS B 585 -8.24 9.70 -24.28
CA HIS B 585 -9.65 9.53 -23.95
C HIS B 585 -10.29 8.45 -24.82
N LEU B 586 -9.98 8.46 -26.12
CA LEU B 586 -10.51 7.42 -27.01
C LEU B 586 -10.02 6.05 -26.60
N MET B 587 -8.73 5.93 -26.26
CA MET B 587 -8.20 4.64 -25.86
C MET B 587 -8.87 4.13 -24.58
N LEU B 588 -9.04 5.01 -23.59
CA LEU B 588 -9.72 4.61 -22.37
C LEU B 588 -11.19 4.25 -22.63
N LYS B 589 -11.83 4.92 -23.59
CA LYS B 589 -13.21 4.62 -23.92
C LYS B 589 -13.36 3.25 -24.58
N GLU B 590 -12.30 2.70 -25.15
CA GLU B 590 -12.39 1.41 -25.80
C GLU B 590 -12.54 0.29 -24.77
N GLU B 591 -13.26 -0.76 -25.16
CA GLU B 591 -13.47 -1.91 -24.30
C GLU B 591 -12.21 -2.75 -24.25
N ALA B 592 -11.65 -2.91 -23.06
CA ALA B 592 -10.39 -3.63 -22.86
C ALA B 592 -10.65 -4.92 -22.10
N GLY B 593 -10.11 -6.03 -22.62
CA GLY B 593 -10.20 -7.31 -21.96
C GLY B 593 -9.09 -7.49 -20.94
N ILE B 594 -8.97 -8.73 -20.45
CA ILE B 594 -7.94 -9.04 -19.46
C ILE B 594 -6.55 -8.85 -20.06
N PHE B 595 -6.31 -9.45 -21.23
CA PHE B 595 -4.99 -9.36 -21.84
C PHE B 595 -4.66 -7.92 -22.24
N THR B 596 -5.62 -7.22 -22.85
CA THR B 596 -5.35 -5.86 -23.27
C THR B 596 -5.05 -4.96 -22.08
N SER B 597 -5.80 -5.12 -20.98
CA SER B 597 -5.59 -4.31 -19.80
C SER B 597 -4.39 -4.74 -18.98
N ASN B 598 -3.84 -5.92 -19.23
CA ASN B 598 -2.65 -6.41 -18.52
C ASN B 598 -1.43 -6.50 -19.42
N MET B 599 -1.48 -5.93 -20.63
CA MET B 599 -0.32 -5.96 -21.51
C MET B 599 0.93 -5.42 -20.84
N TYR B 600 0.79 -4.51 -19.87
CA TYR B 600 1.96 -3.84 -19.32
C TYR B 600 2.97 -4.82 -18.74
N LEU B 601 2.53 -6.01 -18.34
CA LEU B 601 3.46 -6.99 -17.78
C LEU B 601 4.44 -7.48 -18.84
N ALA B 602 3.97 -7.73 -20.06
CA ALA B 602 4.83 -8.30 -21.09
C ALA B 602 5.96 -7.34 -21.47
N GLU B 603 5.63 -6.08 -21.70
CA GLU B 603 6.59 -5.06 -22.13
C GLU B 603 7.15 -5.48 -23.49
N ASP B 604 8.45 -5.29 -23.74
CA ASP B 604 9.01 -5.55 -25.06
C ASP B 604 8.73 -6.97 -25.52
N ARG B 605 8.59 -7.91 -24.58
CA ARG B 605 8.34 -9.29 -24.94
C ARG B 605 7.18 -9.41 -25.92
N ILE B 606 6.11 -8.64 -25.68
CA ILE B 606 4.93 -8.76 -26.53
C ILE B 606 5.31 -8.56 -27.98
N LEU B 607 6.12 -7.54 -28.26
CA LEU B 607 6.50 -7.23 -29.63
C LEU B 607 6.96 -8.49 -30.35
N CYS B 608 7.81 -9.28 -29.69
CA CYS B 608 8.39 -10.44 -30.36
C CYS B 608 7.29 -11.30 -30.97
N PHE B 609 6.30 -11.68 -30.15
CA PHE B 609 5.24 -12.55 -30.67
C PHE B 609 4.56 -11.88 -31.86
N GLU B 610 4.19 -10.61 -31.71
CA GLU B 610 3.45 -9.93 -32.76
C GLU B 610 4.22 -9.90 -34.05
N LEU B 611 5.55 -9.99 -34.00
CA LEU B 611 6.33 -9.97 -35.23
C LEU B 611 6.25 -11.30 -35.96
N VAL B 612 6.30 -12.42 -35.22
CA VAL B 612 6.31 -13.72 -35.86
C VAL B 612 4.92 -14.05 -36.39
N ALA B 613 3.88 -13.82 -35.59
CA ALA B 613 2.51 -14.16 -35.95
C ALA B 613 1.77 -12.96 -36.53
N LYS B 614 2.31 -12.42 -37.61
CA LYS B 614 1.63 -11.35 -38.31
C LYS B 614 0.60 -11.92 -39.28
N ARG B 615 -0.33 -11.06 -39.70
CA ARG B 615 -1.47 -11.52 -40.49
C ARG B 615 -1.03 -12.10 -41.82
N GLY B 616 -0.14 -11.42 -42.52
CA GLY B 616 0.30 -11.87 -43.83
C GLY B 616 1.76 -11.64 -44.11
N CYS B 617 2.54 -11.42 -43.05
CA CYS B 617 3.96 -11.13 -43.17
C CYS B 617 4.78 -12.34 -42.74
N ASN B 618 6.00 -12.41 -43.27
CA ASN B 618 6.95 -13.48 -42.99
C ASN B 618 8.16 -12.86 -42.28
N TRP B 619 8.16 -12.92 -40.95
CA TRP B 619 9.23 -12.33 -40.15
C TRP B 619 9.80 -13.39 -39.21
N LEU B 620 11.08 -13.24 -38.88
CA LEU B 620 11.77 -14.15 -38.00
C LEU B 620 12.63 -13.37 -37.02
N LEU B 621 12.91 -13.99 -35.88
CA LEU B 621 13.79 -13.43 -34.86
C LEU B 621 15.03 -14.31 -34.78
N ARG B 622 16.21 -13.69 -34.79
CA ARG B 622 17.47 -14.41 -34.86
C ARG B 622 18.41 -13.93 -33.77
N TYR B 623 19.22 -14.86 -33.25
CA TYR B 623 20.23 -14.56 -32.24
C TYR B 623 21.61 -14.80 -32.82
N CYS B 624 22.50 -13.84 -32.64
CA CYS B 624 23.86 -13.91 -33.12
C CYS B 624 24.83 -13.88 -31.94
N LYS B 625 25.75 -14.84 -31.91
CA LYS B 625 26.74 -14.91 -30.85
C LYS B 625 27.98 -14.08 -31.15
N SER B 626 28.10 -13.56 -32.36
CA SER B 626 29.25 -12.70 -32.67
C SER B 626 29.14 -11.35 -31.97
N ALA B 627 27.93 -10.85 -31.77
CA ALA B 627 27.73 -9.59 -31.08
C ALA B 627 27.75 -9.82 -29.57
N ARG B 628 28.55 -9.03 -28.86
CA ARG B 628 28.71 -9.17 -27.42
C ARG B 628 28.62 -7.80 -26.75
N ALA B 629 28.00 -7.78 -25.58
CA ALA B 629 27.90 -6.56 -24.78
C ALA B 629 28.03 -6.93 -23.31
N GLU B 630 28.73 -6.07 -22.56
CA GLU B 630 29.03 -6.32 -21.15
C GLU B 630 28.22 -5.35 -20.30
N THR B 631 27.62 -5.88 -19.23
CA THR B 631 26.79 -5.08 -18.33
C THR B 631 27.11 -5.45 -16.89
N ASP B 632 26.80 -4.53 -15.99
CA ASP B 632 27.02 -4.74 -14.56
C ASP B 632 25.75 -5.26 -13.91
N VAL B 633 25.86 -6.36 -13.18
CA VAL B 633 24.71 -6.99 -12.53
C VAL B 633 24.54 -6.38 -11.15
N PRO B 634 23.34 -6.41 -10.57
CA PRO B 634 23.14 -5.84 -9.22
C PRO B 634 23.81 -6.71 -8.16
N GLU B 635 24.73 -6.11 -7.41
CA GLU B 635 25.41 -6.84 -6.34
C GLU B 635 24.50 -7.02 -5.13
N GLY B 636 23.71 -6.00 -4.81
CA GLY B 636 22.84 -6.09 -3.65
C GLY B 636 21.68 -7.04 -3.86
N LEU B 637 21.17 -7.57 -2.75
CA LEU B 637 20.06 -8.51 -2.83
C LEU B 637 18.75 -7.79 -3.15
N ALA B 638 18.53 -6.63 -2.54
CA ALA B 638 17.28 -5.90 -2.77
C ALA B 638 17.17 -5.46 -4.23
N GLU B 639 18.26 -4.92 -4.79
CA GLU B 639 18.23 -4.51 -6.19
C GLU B 639 18.01 -5.71 -7.10
N PHE B 640 18.63 -6.84 -6.78
CA PHE B 640 18.45 -8.05 -7.57
C PHE B 640 16.99 -8.50 -7.55
N ILE B 641 16.37 -8.48 -6.37
CA ILE B 641 14.96 -8.86 -6.27
C ILE B 641 14.09 -7.91 -7.07
N LEU B 642 14.35 -6.61 -6.96
CA LEU B 642 13.54 -5.63 -7.70
C LEU B 642 13.69 -5.82 -9.20
N GLN B 643 14.90 -6.09 -9.68
CA GLN B 643 15.11 -6.35 -11.09
C GLN B 643 14.37 -7.60 -11.54
N ARG B 644 14.48 -8.68 -10.77
CA ARG B 644 13.87 -9.95 -11.18
C ARG B 644 12.35 -9.92 -11.11
N ARG B 645 11.77 -9.02 -10.31
CA ARG B 645 10.31 -8.93 -10.23
C ARG B 645 9.70 -8.81 -11.61
N ARG B 646 10.06 -7.74 -12.33
CA ARG B 646 9.43 -7.48 -13.62
C ARG B 646 9.85 -8.50 -14.67
N TRP B 647 11.07 -9.03 -14.59
CA TRP B 647 11.47 -10.08 -15.51
C TRP B 647 10.55 -11.30 -15.38
N LEU B 648 10.33 -11.76 -14.15
CA LEU B 648 9.48 -12.92 -13.95
C LEU B 648 8.04 -12.65 -14.35
N ASN B 649 7.50 -11.49 -13.96
CA ASN B 649 6.13 -11.17 -14.32
C ASN B 649 5.96 -11.13 -15.84
N GLY B 650 6.90 -10.47 -16.53
CA GLY B 650 6.82 -10.40 -17.97
C GLY B 650 6.93 -11.75 -18.63
N SER B 651 7.86 -12.59 -18.15
CA SER B 651 8.01 -13.91 -18.74
C SER B 651 6.71 -14.70 -18.60
N PHE B 652 6.13 -14.71 -17.40
CA PHE B 652 4.89 -15.46 -17.19
C PHE B 652 3.78 -14.95 -18.10
N PHE B 653 3.55 -13.63 -18.10
CA PHE B 653 2.45 -13.10 -18.87
C PHE B 653 2.65 -13.32 -20.36
N ALA B 654 3.87 -13.13 -20.85
CA ALA B 654 4.15 -13.32 -22.27
C ALA B 654 3.93 -14.78 -22.66
N ALA B 655 4.38 -15.72 -21.83
CA ALA B 655 4.16 -17.13 -22.14
C ALA B 655 2.67 -17.44 -22.21
N ILE B 656 1.91 -16.94 -21.22
CA ILE B 656 0.47 -17.22 -21.21
C ILE B 656 -0.19 -16.63 -22.46
N TYR B 657 0.14 -15.37 -22.78
CA TYR B 657 -0.48 -14.72 -23.93
C TYR B 657 -0.14 -15.43 -25.23
N SER B 658 1.12 -15.82 -25.40
CA SER B 658 1.50 -16.51 -26.63
C SER B 658 0.81 -17.86 -26.74
N LEU B 659 0.73 -18.60 -25.63
CA LEU B 659 0.11 -19.92 -25.69
C LEU B 659 -1.39 -19.82 -25.97
N VAL B 660 -2.07 -18.84 -25.37
CA VAL B 660 -3.51 -18.72 -25.60
C VAL B 660 -3.80 -18.37 -27.05
N HIS B 661 -3.02 -17.48 -27.64
CA HIS B 661 -3.24 -16.99 -29.01
C HIS B 661 -2.32 -17.71 -30.00
N PHE B 662 -2.05 -19.00 -29.80
CA PHE B 662 -1.17 -19.72 -30.69
C PHE B 662 -1.73 -19.84 -32.11
N TYR B 663 -3.05 -19.70 -32.27
CA TYR B 663 -3.66 -19.89 -33.58
C TYR B 663 -3.37 -18.74 -34.53
N LYS B 664 -2.93 -17.59 -34.02
CA LYS B 664 -2.71 -16.44 -34.89
C LYS B 664 -1.63 -16.72 -35.94
N VAL B 665 -0.76 -17.70 -35.70
CA VAL B 665 0.29 -18.02 -36.67
C VAL B 665 -0.26 -18.77 -37.87
N TRP B 666 -1.49 -19.27 -37.80
CA TRP B 666 -2.06 -20.00 -38.93
C TRP B 666 -2.17 -19.10 -40.16
N THR B 667 -2.63 -17.86 -39.96
CA THR B 667 -2.83 -16.94 -41.07
C THR B 667 -1.54 -16.33 -41.58
N SER B 668 -0.45 -16.41 -40.82
CA SER B 668 0.81 -15.84 -41.25
C SER B 668 1.33 -16.56 -42.49
N SER B 669 2.02 -15.80 -43.35
CA SER B 669 2.55 -16.34 -44.59
C SER B 669 3.93 -16.97 -44.34
N HIS B 670 3.89 -18.14 -43.72
CA HIS B 670 5.07 -18.94 -43.46
C HIS B 670 4.94 -20.29 -44.16
N SER B 671 6.08 -20.93 -44.41
CA SER B 671 6.06 -22.26 -44.99
C SER B 671 5.37 -23.23 -44.04
N PHE B 672 4.76 -24.27 -44.60
CA PHE B 672 4.02 -25.22 -43.78
C PHE B 672 4.92 -25.88 -42.74
N GLY B 673 6.11 -26.30 -43.16
CA GLY B 673 7.06 -26.87 -42.21
C GLY B 673 7.45 -25.89 -41.12
N ARG B 674 7.60 -24.61 -41.49
CA ARG B 674 7.90 -23.59 -40.49
C ARG B 674 6.79 -23.52 -39.45
N LYS B 675 5.53 -23.58 -39.88
CA LYS B 675 4.43 -23.57 -38.94
C LYS B 675 4.45 -24.81 -38.05
N ILE B 676 4.77 -25.97 -38.63
CA ILE B 676 4.84 -27.19 -37.82
C ILE B 676 5.90 -27.05 -36.73
N PHE B 677 7.08 -26.55 -37.09
CA PHE B 677 8.13 -26.41 -36.09
C PHE B 677 7.80 -25.32 -35.07
N LEU B 678 7.10 -24.26 -35.49
CA LEU B 678 6.65 -23.26 -34.53
C LEU B 678 5.67 -23.88 -33.53
N HIS B 679 4.80 -24.77 -34.01
CA HIS B 679 3.90 -25.45 -33.09
C HIS B 679 4.66 -26.36 -32.13
N ILE B 680 5.71 -27.03 -32.61
CA ILE B 680 6.54 -27.82 -31.71
C ILE B 680 7.16 -26.93 -30.63
N GLU B 681 7.65 -25.75 -31.03
CA GLU B 681 8.19 -24.82 -30.05
C GLU B 681 7.13 -24.37 -29.06
N PHE B 682 5.91 -24.12 -29.53
CA PHE B 682 4.83 -23.73 -28.64
C PHE B 682 4.54 -24.82 -27.63
N PHE B 683 4.56 -26.08 -28.07
CA PHE B 683 4.35 -27.19 -27.14
C PHE B 683 5.46 -27.24 -26.09
N TYR B 684 6.71 -27.04 -26.51
CA TYR B 684 7.80 -27.00 -25.54
C TYR B 684 7.61 -25.87 -24.55
N GLN B 685 7.20 -24.69 -25.02
CA GLN B 685 6.98 -23.56 -24.12
C GLN B 685 5.84 -23.83 -23.17
N LEU B 686 4.79 -24.53 -23.62
CA LEU B 686 3.72 -24.92 -22.72
C LEU B 686 4.23 -25.83 -21.62
N ILE B 687 5.06 -26.82 -21.97
CA ILE B 687 5.64 -27.69 -20.96
C ILE B 687 6.47 -26.89 -19.98
N ASN B 688 7.28 -25.95 -20.49
CA ASN B 688 8.12 -25.13 -19.62
C ASN B 688 7.27 -24.29 -18.67
N LEU B 689 6.17 -23.71 -19.17
CA LEU B 689 5.29 -22.93 -18.31
C LEU B 689 4.67 -23.80 -17.23
N ILE B 690 4.22 -25.00 -17.59
CA ILE B 690 3.64 -25.90 -16.60
C ILE B 690 4.67 -26.23 -15.53
N VAL B 691 5.90 -26.52 -15.93
CA VAL B 691 6.95 -26.83 -14.96
C VAL B 691 7.21 -25.64 -14.06
N SER B 692 7.24 -24.43 -14.63
CA SER B 692 7.59 -23.25 -13.85
C SER B 692 6.47 -22.84 -12.91
N TRP B 693 5.21 -23.13 -13.24
CA TRP B 693 4.11 -22.76 -12.37
C TRP B 693 4.14 -23.55 -11.07
N PHE B 694 4.52 -24.83 -11.13
CA PHE B 694 4.59 -25.70 -9.96
C PHE B 694 5.99 -25.80 -9.38
N SER B 695 6.81 -24.75 -9.52
CA SER B 695 8.19 -24.84 -9.07
C SER B 695 8.27 -24.92 -7.55
N ILE B 696 7.55 -24.04 -6.85
CA ILE B 696 7.66 -23.98 -5.39
C ILE B 696 7.14 -25.27 -4.78
N GLY B 697 6.00 -25.76 -5.26
CA GLY B 697 5.47 -27.01 -4.74
C GLY B 697 6.38 -28.19 -5.01
N SER B 698 6.95 -28.24 -6.22
CA SER B 698 7.88 -29.32 -6.54
C SER B 698 9.11 -29.28 -5.65
N TYR B 699 9.65 -28.08 -5.41
CA TYR B 699 10.80 -27.95 -4.52
C TYR B 699 10.46 -28.44 -3.13
N PHE B 700 9.32 -28.02 -2.59
CA PHE B 700 8.94 -28.47 -1.25
C PHE B 700 8.78 -29.99 -1.22
N LEU B 701 8.14 -30.56 -2.24
CA LEU B 701 7.94 -32.01 -2.25
C LEU B 701 9.26 -32.75 -2.29
N VAL B 702 10.18 -32.32 -3.15
CA VAL B 702 11.47 -32.98 -3.24
C VAL B 702 12.21 -32.88 -1.91
N PHE B 703 12.22 -31.69 -1.31
CA PHE B 703 12.89 -31.51 -0.03
C PHE B 703 12.29 -32.43 1.03
N ARG B 704 10.96 -32.47 1.12
CA ARG B 704 10.32 -33.28 2.15
C ARG B 704 10.63 -34.76 1.94
N ILE B 705 10.53 -35.23 0.70
CA ILE B 705 10.79 -36.64 0.42
C ILE B 705 12.22 -37.00 0.80
N LEU B 706 13.19 -36.20 0.35
CA LEU B 706 14.58 -36.52 0.60
C LEU B 706 14.91 -36.47 2.10
N THR B 707 14.38 -35.47 2.81
CA THR B 707 14.67 -35.37 4.23
C THR B 707 14.01 -36.49 5.02
N THR B 708 12.78 -36.86 4.68
CA THR B 708 12.10 -37.93 5.41
C THR B 708 12.73 -39.29 5.10
N SER B 709 13.26 -39.49 3.90
CA SER B 709 13.88 -40.76 3.58
C SER B 709 15.06 -41.07 4.51
N LEU B 710 15.77 -40.03 4.97
CA LEU B 710 16.85 -40.24 5.92
C LEU B 710 16.34 -40.68 7.29
N GLY B 711 15.06 -40.42 7.59
CA GLY B 711 14.50 -40.85 8.86
C GLY B 711 14.27 -42.34 8.95
N ASP B 712 14.25 -43.04 7.81
CA ASP B 712 14.04 -44.48 7.82
C ASP B 712 15.14 -45.16 8.63
N LYS B 713 14.72 -46.09 9.49
CA LYS B 713 15.68 -46.81 10.32
C LYS B 713 16.54 -47.79 9.52
N ALA B 714 16.16 -48.09 8.27
CA ALA B 714 16.94 -49.04 7.49
C ALA B 714 18.37 -48.54 7.29
N LEU B 715 18.52 -47.28 6.93
CA LEU B 715 19.84 -46.67 6.80
C LEU B 715 20.31 -46.13 8.15
N GLY B 716 21.61 -46.19 8.37
CA GLY B 716 22.19 -45.83 9.65
C GLY B 716 22.52 -44.36 9.79
N PHE B 717 21.50 -43.52 9.94
CA PHE B 717 21.68 -42.09 10.17
C PHE B 717 20.82 -41.69 11.37
N ALA B 718 21.47 -41.37 12.49
CA ALA B 718 20.74 -41.11 13.72
C ALA B 718 20.03 -39.76 13.71
N PRO B 719 20.73 -38.64 13.51
CA PRO B 719 20.07 -37.33 13.63
C PRO B 719 19.03 -37.05 12.56
N GLY B 720 18.91 -37.88 11.53
CA GLY B 720 18.01 -37.62 10.43
C GLY B 720 16.63 -37.11 10.82
N LYS B 721 15.94 -37.83 11.71
CA LYS B 721 14.57 -37.45 12.07
C LYS B 721 14.51 -36.03 12.62
N ILE B 722 15.34 -35.74 13.63
CA ILE B 722 15.30 -34.43 14.27
C ILE B 722 15.65 -33.34 13.27
N LEU B 723 16.68 -33.57 12.46
CA LEU B 723 17.05 -32.60 11.45
C LEU B 723 15.90 -32.35 10.49
N SER B 724 15.21 -33.40 10.06
CA SER B 724 14.10 -33.22 9.14
C SER B 724 13.00 -32.38 9.78
N VAL B 725 12.67 -32.63 11.04
CA VAL B 725 11.64 -31.84 11.72
C VAL B 725 12.05 -30.38 11.78
N ILE B 726 13.30 -30.13 12.19
CA ILE B 726 13.77 -28.75 12.33
C ILE B 726 13.75 -28.05 10.98
N PHE B 727 14.22 -28.72 9.93
CA PHE B 727 14.24 -28.12 8.61
C PHE B 727 12.83 -27.84 8.12
N LEU B 728 11.87 -28.72 8.42
CA LEU B 728 10.49 -28.47 8.03
C LEU B 728 9.99 -27.20 8.69
N TRP B 729 10.20 -27.06 10.00
CA TRP B 729 9.74 -25.87 10.69
C TRP B 729 10.39 -24.61 10.12
N LEU B 730 11.70 -24.65 9.89
CA LEU B 730 12.39 -23.49 9.34
C LEU B 730 11.89 -23.15 7.94
N TYR B 731 11.64 -24.17 7.12
CA TYR B 731 11.14 -23.95 5.77
C TYR B 731 9.78 -23.25 5.80
N LEU B 732 8.86 -23.77 6.63
CA LEU B 732 7.54 -23.15 6.74
C LEU B 732 7.66 -21.71 7.22
N ALA B 733 8.49 -21.47 8.23
CA ALA B 733 8.65 -20.11 8.75
C ALA B 733 9.19 -19.18 7.68
N SER B 734 10.17 -19.64 6.92
CA SER B 734 10.77 -18.81 5.87
C SER B 734 9.74 -18.47 4.80
N ILE B 735 8.95 -19.45 4.37
CA ILE B 735 7.94 -19.17 3.34
C ILE B 735 6.92 -18.17 3.84
N VAL B 736 6.44 -18.36 5.07
CA VAL B 736 5.41 -17.47 5.61
C VAL B 736 5.95 -16.06 5.74
N THR B 737 7.16 -15.92 6.27
CA THR B 737 7.75 -14.60 6.42
C THR B 737 7.99 -13.95 5.06
N THR B 738 8.38 -14.75 4.06
CA THR B 738 8.58 -14.19 2.73
C THR B 738 7.28 -13.61 2.20
N PHE B 739 6.18 -14.34 2.35
CA PHE B 739 4.88 -13.82 1.91
C PHE B 739 4.53 -12.54 2.65
N VAL B 740 4.68 -12.54 3.98
CA VAL B 740 4.30 -11.37 4.77
C VAL B 740 5.11 -10.15 4.35
N LEU B 741 6.43 -10.32 4.19
CA LEU B 741 7.27 -9.20 3.78
C LEU B 741 6.93 -8.73 2.37
N SER B 742 6.70 -9.67 1.45
CA SER B 742 6.36 -9.31 0.08
C SER B 742 5.09 -8.47 0.02
N PHE B 743 4.13 -8.76 0.90
CA PHE B 743 2.91 -7.95 0.92
C PHE B 743 3.12 -6.64 1.68
N GLY B 744 3.88 -6.66 2.76
CA GLY B 744 3.92 -5.55 3.69
C GLY B 744 5.01 -4.52 3.47
N ASN B 745 6.25 -4.96 3.42
CA ASN B 745 7.40 -4.07 3.46
C ASN B 745 8.09 -4.02 2.09
N LYS B 746 9.12 -3.14 1.99
CA LYS B 746 9.91 -2.94 0.78
C LYS B 746 11.25 -3.67 0.89
N PRO B 747 11.77 -4.21 -0.21
CA PRO B 747 13.01 -5.01 -0.11
C PRO B 747 14.18 -4.22 0.46
N LYS B 748 14.31 -2.95 0.12
CA LYS B 748 15.45 -2.18 0.58
C LYS B 748 15.47 -2.06 2.10
N GLY B 749 14.30 -1.89 2.72
CA GLY B 749 14.21 -1.79 4.15
C GLY B 749 14.64 -3.05 4.87
N THR B 750 13.88 -4.13 4.66
CA THR B 750 14.13 -5.39 5.34
C THR B 750 14.96 -6.33 4.47
N GLU B 751 16.19 -5.92 4.19
CA GLU B 751 17.10 -6.75 3.39
C GLU B 751 17.69 -7.89 4.20
N LYS B 752 17.92 -7.68 5.50
CA LYS B 752 18.56 -8.71 6.32
C LYS B 752 17.69 -9.96 6.42
N PHE B 753 16.38 -9.79 6.46
CA PHE B 753 15.48 -10.94 6.48
C PHE B 753 15.68 -11.79 5.23
N TYR B 754 15.72 -11.15 4.06
CA TYR B 754 15.91 -11.89 2.82
C TYR B 754 17.28 -12.54 2.78
N VAL B 755 18.31 -11.86 3.28
CA VAL B 755 19.65 -12.45 3.31
C VAL B 755 19.65 -13.71 4.16
N THR B 756 19.03 -13.66 5.33
CA THR B 756 18.97 -14.82 6.20
C THR B 756 18.20 -15.96 5.54
N ILE B 757 17.09 -15.64 4.88
CA ILE B 757 16.30 -16.67 4.22
C ILE B 757 17.12 -17.33 3.11
N VAL B 758 17.85 -16.53 2.33
CA VAL B 758 18.66 -17.08 1.25
C VAL B 758 19.76 -17.99 1.81
N ILE B 759 20.41 -17.56 2.89
CA ILE B 759 21.45 -18.38 3.50
C ILE B 759 20.87 -19.71 3.97
N PHE B 760 19.71 -19.66 4.63
CA PHE B 760 19.09 -20.89 5.09
C PHE B 760 18.76 -21.81 3.92
N PHE B 761 18.23 -21.25 2.82
CA PHE B 761 17.90 -22.10 1.69
C PHE B 761 19.14 -22.72 1.07
N ALA B 762 20.25 -21.98 1.05
CA ALA B 762 21.51 -22.55 0.55
C ALA B 762 21.95 -23.73 1.42
N ILE B 763 21.89 -23.56 2.74
CA ILE B 763 22.26 -24.65 3.64
C ILE B 763 21.35 -25.85 3.41
N LEU B 764 20.05 -25.59 3.25
CA LEU B 764 19.10 -26.68 3.03
C LEU B 764 19.39 -27.40 1.72
N MET B 765 19.75 -26.66 0.67
CA MET B 765 20.10 -27.31 -0.60
C MET B 765 21.32 -28.20 -0.44
N ALA B 766 22.32 -27.73 0.30
CA ALA B 766 23.48 -28.57 0.55
C ALA B 766 23.08 -29.84 1.28
N TYR B 767 22.22 -29.72 2.30
CA TYR B 767 21.77 -30.89 3.03
C TYR B 767 21.00 -31.85 2.13
N MET B 768 20.16 -31.31 1.23
CA MET B 768 19.42 -32.16 0.30
C MET B 768 20.35 -32.93 -0.62
N ILE B 769 21.39 -32.25 -1.12
CA ILE B 769 22.36 -32.94 -1.98
C ILE B 769 23.03 -34.06 -1.20
N PHE B 770 23.44 -33.78 0.04
CA PHE B 770 24.07 -34.82 0.85
C PHE B 770 23.12 -36.00 1.05
N ALA B 771 21.85 -35.71 1.34
CA ALA B 771 20.88 -36.78 1.56
C ALA B 771 20.71 -37.63 0.32
N ALA B 772 20.61 -37.00 -0.85
CA ALA B 772 20.46 -37.76 -2.08
C ALA B 772 21.67 -38.65 -2.33
N ILE B 773 22.87 -38.12 -2.13
CA ILE B 773 24.07 -38.92 -2.33
C ILE B 773 24.09 -40.10 -1.36
N PHE B 774 23.74 -39.85 -0.09
CA PHE B 774 23.73 -40.92 0.90
C PHE B 774 22.74 -42.01 0.50
N MET B 775 21.55 -41.61 0.05
CA MET B 775 20.54 -42.59 -0.35
C MET B 775 21.02 -43.41 -1.53
N ALA B 776 21.62 -42.77 -2.53
CA ALA B 776 22.11 -43.51 -3.69
C ALA B 776 23.21 -44.50 -3.29
N VAL B 777 24.14 -44.07 -2.44
CA VAL B 777 25.21 -44.97 -2.00
C VAL B 777 24.62 -46.15 -1.24
N HIS B 778 23.63 -45.89 -0.38
CA HIS B 778 23.00 -46.98 0.35
C HIS B 778 22.32 -47.96 -0.61
N SER B 779 21.66 -47.44 -1.64
CA SER B 779 21.00 -48.33 -2.60
C SER B 779 22.02 -49.19 -3.34
N ILE B 780 23.15 -48.61 -3.73
CA ILE B 780 24.18 -49.39 -4.41
C ILE B 780 24.74 -50.47 -3.47
N GLN B 781 25.02 -50.11 -2.22
CA GLN B 781 25.50 -51.09 -1.27
C GLN B 781 24.49 -52.20 -1.05
N ASP B 782 23.20 -51.88 -1.05
CA ASP B 782 22.18 -52.91 -0.94
C ASP B 782 22.15 -53.80 -2.19
N ILE B 783 22.38 -53.21 -3.36
CA ILE B 783 22.50 -54.00 -4.58
C ILE B 783 23.58 -55.05 -4.40
N TYR B 784 24.75 -54.63 -3.92
CA TYR B 784 25.83 -55.59 -3.72
C TYR B 784 25.51 -56.59 -2.62
N ARG B 785 24.85 -56.12 -1.54
CA ARG B 785 24.51 -57.01 -0.44
C ARG B 785 23.57 -58.12 -0.89
N SER B 786 22.65 -57.82 -1.80
CA SER B 786 21.70 -58.83 -2.25
C SER B 786 22.42 -60.03 -2.85
N GLY B 787 23.51 -59.79 -3.57
CA GLY B 787 24.27 -60.87 -4.15
C GLY B 787 23.69 -61.33 -5.49
N THR B 788 24.11 -62.53 -5.89
CA THR B 788 23.73 -63.10 -7.19
C THR B 788 24.39 -62.38 -8.35
N ARG B 789 25.49 -61.67 -8.10
CA ARG B 789 26.22 -60.93 -9.12
C ARG B 789 25.51 -59.61 -9.40
N ILE B 790 26.08 -58.79 -10.28
CA ILE B 790 25.50 -57.50 -10.64
C ILE B 790 25.59 -57.34 -12.15
N THR B 791 24.54 -56.73 -12.73
CA THR B 791 24.50 -56.42 -14.15
C THR B 791 24.02 -54.98 -14.33
N VAL B 792 24.32 -54.41 -15.50
CA VAL B 792 23.86 -53.06 -15.81
C VAL B 792 22.34 -52.98 -15.71
N SER B 793 21.64 -54.09 -16.01
CA SER B 793 20.19 -54.09 -15.96
C SER B 793 19.70 -53.74 -14.56
N LEU B 794 20.29 -54.33 -13.53
CA LEU B 794 19.88 -54.03 -12.17
C LEU B 794 20.16 -52.58 -11.82
N PHE B 795 21.30 -52.04 -12.27
CA PHE B 795 21.61 -50.64 -12.01
C PHE B 795 20.57 -49.72 -12.63
N PHE B 796 20.14 -50.02 -13.86
CA PHE B 796 19.12 -49.20 -14.50
C PHE B 796 17.71 -49.53 -14.03
N GLN B 797 17.52 -50.60 -13.25
CA GLN B 797 16.21 -50.96 -12.73
C GLN B 797 15.97 -50.42 -11.33
N ASN B 798 17.01 -50.02 -10.61
CA ASN B 798 16.86 -49.52 -9.25
C ASN B 798 16.33 -48.09 -9.29
N SER B 799 15.12 -47.89 -8.77
CA SER B 799 14.49 -46.57 -8.86
C SER B 799 15.32 -45.51 -8.14
N GLU B 800 15.77 -45.83 -6.91
CA GLU B 800 16.54 -44.85 -6.14
C GLU B 800 17.77 -44.40 -6.91
N PHE B 801 18.67 -45.34 -7.21
CA PHE B 801 19.91 -44.99 -7.90
C PHE B 801 19.61 -44.31 -9.22
N ARG B 802 18.76 -44.92 -10.04
CA ARG B 802 18.47 -44.37 -11.35
C ARG B 802 18.02 -42.92 -11.23
N ASP B 803 16.87 -42.69 -10.59
CA ASP B 803 16.31 -41.35 -10.52
C ASP B 803 17.31 -40.37 -9.92
N LEU B 804 17.89 -40.70 -8.77
CA LEU B 804 18.68 -39.71 -8.04
C LEU B 804 19.98 -39.38 -8.76
N VAL B 805 20.66 -40.38 -9.33
CA VAL B 805 22.00 -40.19 -9.85
C VAL B 805 22.00 -40.00 -11.36
N VAL B 806 21.38 -40.91 -12.10
CA VAL B 806 21.55 -40.93 -13.55
C VAL B 806 20.98 -39.66 -14.17
N ALA B 807 19.79 -39.25 -13.74
CA ALA B 807 19.15 -38.07 -14.34
C ALA B 807 19.96 -36.81 -14.09
N THR B 808 20.37 -36.59 -12.84
CA THR B 808 21.13 -35.39 -12.52
C THR B 808 22.49 -35.40 -13.23
N SER B 809 23.15 -36.55 -13.27
CA SER B 809 24.43 -36.64 -13.95
C SER B 809 24.28 -36.37 -15.44
N SER B 810 23.19 -36.88 -16.05
CA SER B 810 22.95 -36.63 -17.46
C SER B 810 22.72 -35.15 -17.72
N THR B 811 21.94 -34.49 -16.88
CA THR B 811 21.70 -33.06 -17.05
C THR B 811 23.01 -32.28 -16.94
N TYR B 812 23.82 -32.61 -15.93
CA TYR B 812 25.10 -31.93 -15.77
C TYR B 812 26.02 -32.18 -16.96
N ALA B 813 26.04 -33.40 -17.47
CA ALA B 813 26.88 -33.72 -18.62
C ALA B 813 26.43 -32.96 -19.86
N LEU B 814 25.12 -32.83 -20.06
CA LEU B 814 24.63 -32.06 -21.19
C LEU B 814 25.04 -30.60 -21.08
N TYR B 815 24.91 -30.02 -19.88
CA TYR B 815 25.36 -28.65 -19.68
C TYR B 815 26.85 -28.52 -19.94
N PHE B 816 27.64 -29.49 -19.46
CA PHE B 816 29.09 -29.45 -19.62
C PHE B 816 29.47 -29.50 -21.10
N LEU B 817 28.87 -30.42 -21.84
CA LEU B 817 29.18 -30.54 -23.26
C LEU B 817 28.76 -29.28 -24.02
N ALA B 818 27.58 -28.73 -23.71
CA ALA B 818 27.15 -27.52 -24.37
C ALA B 818 28.11 -26.37 -24.10
N SER B 819 28.59 -26.26 -22.86
CA SER B 819 29.57 -25.22 -22.55
C SER B 819 30.86 -25.43 -23.32
N PHE B 820 31.34 -26.68 -23.39
CA PHE B 820 32.60 -26.93 -24.07
C PHE B 820 32.51 -26.61 -25.56
N LEU B 821 31.42 -27.00 -26.20
CA LEU B 821 31.32 -26.85 -27.65
C LEU B 821 31.32 -25.38 -28.07
N TYR B 822 30.89 -24.49 -27.19
CA TYR B 822 30.87 -23.05 -27.46
C TYR B 822 32.18 -22.36 -27.04
N PHE B 823 33.17 -23.13 -26.61
CA PHE B 823 34.47 -22.58 -26.21
C PHE B 823 34.31 -21.57 -25.08
N GLU B 824 33.37 -21.82 -24.18
CA GLU B 824 33.16 -21.01 -22.99
C GLU B 824 33.01 -21.94 -21.78
N PRO B 825 34.08 -22.64 -21.39
CA PRO B 825 33.97 -23.65 -20.34
C PRO B 825 34.19 -23.15 -18.92
N TRP B 826 34.72 -21.93 -18.75
CA TRP B 826 35.14 -21.49 -17.42
C TRP B 826 33.95 -21.41 -16.46
N HIS B 827 32.80 -20.94 -16.95
CA HIS B 827 31.65 -20.74 -16.06
C HIS B 827 31.19 -22.03 -15.42
N MET B 828 31.54 -23.19 -15.99
CA MET B 828 31.14 -24.46 -15.39
C MET B 828 31.92 -24.78 -14.12
N PHE B 829 33.04 -24.10 -13.88
CA PHE B 829 33.86 -24.33 -12.70
C PHE B 829 33.80 -23.19 -11.70
N THR B 830 34.02 -21.96 -12.15
CA THR B 830 34.09 -20.83 -11.23
C THR B 830 32.74 -20.54 -10.59
N SER B 831 31.66 -20.59 -11.37
CA SER B 831 30.37 -20.08 -10.94
C SER B 831 29.28 -21.13 -10.80
N PHE B 832 29.59 -22.41 -11.00
CA PHE B 832 28.56 -23.44 -10.94
C PHE B 832 28.02 -23.61 -9.52
N VAL B 833 28.92 -23.69 -8.54
CA VAL B 833 28.50 -23.99 -7.17
C VAL B 833 27.60 -22.89 -6.63
N GLN B 834 27.93 -21.63 -6.90
CA GLN B 834 27.10 -20.53 -6.42
C GLN B 834 25.68 -20.64 -6.97
N TYR B 835 25.56 -20.91 -8.27
CA TYR B 835 24.24 -21.05 -8.88
C TYR B 835 23.49 -22.22 -8.27
N ILE B 836 24.16 -23.35 -8.05
CA ILE B 836 23.48 -24.50 -7.46
C ILE B 836 22.96 -24.17 -6.07
N LEU B 837 23.79 -23.50 -5.26
CA LEU B 837 23.37 -23.17 -3.90
C LEU B 837 22.30 -22.09 -3.88
N LEU B 838 22.23 -21.23 -4.88
CA LEU B 838 21.20 -20.20 -4.93
C LEU B 838 19.94 -20.65 -5.66
N SER B 839 19.96 -21.83 -6.28
CA SER B 839 18.80 -22.31 -7.03
C SER B 839 17.49 -22.23 -6.25
N PRO B 840 17.37 -22.76 -5.03
CA PRO B 840 16.08 -22.68 -4.34
C PRO B 840 15.61 -21.26 -4.08
N SER B 841 16.54 -20.34 -3.85
CA SER B 841 16.16 -18.95 -3.60
C SER B 841 15.45 -18.36 -4.81
N TYR B 842 15.96 -18.62 -6.01
CA TYR B 842 15.31 -18.13 -7.22
C TYR B 842 13.84 -18.53 -7.25
N VAL B 843 13.56 -19.80 -6.96
CA VAL B 843 12.20 -20.29 -7.05
C VAL B 843 11.34 -19.72 -5.93
N ASN B 844 11.87 -19.67 -4.70
CA ASN B 844 11.03 -19.27 -3.58
C ASN B 844 10.93 -17.75 -3.45
N VAL B 845 12.04 -17.09 -3.15
CA VAL B 845 11.98 -15.68 -2.77
C VAL B 845 11.58 -14.81 -3.95
N LEU B 846 12.28 -14.97 -5.08
CA LEU B 846 12.00 -14.12 -6.23
C LEU B 846 10.59 -14.35 -6.74
N ASN B 847 10.17 -15.61 -6.85
CA ASN B 847 8.84 -15.90 -7.39
C ASN B 847 7.76 -15.37 -6.46
N ILE B 848 7.91 -15.55 -5.15
CA ILE B 848 6.92 -15.05 -4.20
C ILE B 848 6.83 -13.53 -4.29
N TYR B 849 7.98 -12.85 -4.30
CA TYR B 849 7.95 -11.40 -4.37
C TYR B 849 7.32 -10.92 -5.67
N ALA B 850 7.63 -11.60 -6.79
CA ALA B 850 7.08 -11.19 -8.08
C ALA B 850 5.56 -11.35 -8.10
N PHE B 851 5.05 -12.49 -7.62
CA PHE B 851 3.61 -12.70 -7.67
C PHE B 851 2.86 -11.81 -6.69
N CYS B 852 3.44 -11.55 -5.50
CA CYS B 852 2.78 -10.66 -4.55
C CYS B 852 2.70 -9.23 -5.08
N ASN B 853 3.59 -8.84 -5.99
CA ASN B 853 3.67 -7.47 -6.49
C ASN B 853 3.44 -7.43 -7.99
N ILE B 854 2.46 -8.18 -8.48
CA ILE B 854 2.10 -8.12 -9.89
C ILE B 854 1.65 -6.71 -10.25
N ASP B 855 0.82 -6.11 -9.42
CA ASP B 855 0.38 -4.74 -9.65
C ASP B 855 1.51 -3.79 -9.30
N ASP B 856 1.78 -2.84 -10.18
CA ASP B 856 2.81 -1.83 -9.98
C ASP B 856 2.09 -0.49 -9.89
N ILE B 857 1.66 -0.15 -8.67
CA ILE B 857 0.87 1.07 -8.44
C ILE B 857 1.87 2.17 -8.14
N SER B 858 2.39 2.78 -9.20
CA SER B 858 3.29 3.91 -9.04
C SER B 858 2.53 5.17 -8.65
N TRP B 859 1.37 5.38 -9.25
CA TRP B 859 0.58 6.59 -8.98
C TRP B 859 -0.02 6.53 -7.58
N GLY B 860 -0.22 7.71 -7.00
CA GLY B 860 -0.75 7.83 -5.65
C GLY B 860 -2.25 7.72 -5.60
N THR B 861 -2.84 8.40 -4.61
CA THR B 861 -4.27 8.37 -4.37
C THR B 861 -4.87 9.72 -4.75
N LYS B 862 -5.93 9.68 -5.55
CA LYS B 862 -6.66 10.88 -5.99
C LYS B 862 -5.63 11.85 -6.60
N GLY B 863 -5.60 13.12 -6.19
CA GLY B 863 -4.65 14.07 -6.74
C GLY B 863 -4.51 15.30 -5.87
N LYS B 868 -11.28 27.57 -3.62
CA LYS B 868 -11.58 28.99 -3.58
C LYS B 868 -11.50 29.53 -2.15
N SER B 869 -10.51 30.38 -1.91
CA SER B 869 -10.35 30.96 -0.59
C SER B 869 -11.55 31.85 -0.24
N LEU B 870 -12.03 31.72 0.99
CA LEU B 870 -13.23 32.44 1.40
C LEU B 870 -12.99 33.95 1.39
N GLY B 871 -11.86 34.40 1.92
CA GLY B 871 -11.58 35.81 1.98
C GLY B 871 -10.20 36.07 2.53
N GLU B 872 -9.83 37.35 2.55
CA GLU B 872 -8.53 37.80 3.06
C GLU B 872 -8.72 39.09 3.83
N ALA B 873 -8.45 39.05 5.13
CA ALA B 873 -8.55 40.23 5.98
C ALA B 873 -7.14 40.75 6.27
N LYS B 874 -6.88 41.99 5.88
CA LYS B 874 -5.59 42.62 6.07
C LYS B 874 -5.72 43.79 7.05
N LEU B 875 -4.92 43.78 8.10
CA LEU B 875 -4.94 44.86 9.06
C LEU B 875 -4.46 46.16 8.42
N ARG B 876 -5.20 47.24 8.67
CA ARG B 876 -4.88 48.53 8.09
C ARG B 876 -3.97 49.31 9.04
N GLU B 877 -3.75 50.59 8.76
CA GLU B 877 -2.92 51.41 9.63
C GLU B 877 -3.52 51.49 11.03
N ASP B 878 -4.83 51.69 11.12
CA ASP B 878 -5.52 51.68 12.39
C ASP B 878 -5.75 50.24 12.86
N GLY B 879 -6.19 50.10 14.11
CA GLY B 879 -6.44 48.77 14.66
C GLY B 879 -7.56 48.03 13.98
N THR B 880 -8.43 48.72 13.26
CA THR B 880 -9.55 48.08 12.60
C THR B 880 -9.07 47.13 11.51
N PHE B 881 -9.83 46.06 11.30
CA PHE B 881 -9.56 45.07 10.26
C PHE B 881 -10.49 45.31 9.08
N ASP B 882 -9.92 45.32 7.88
CA ASP B 882 -10.71 45.48 6.67
C ASP B 882 -11.35 44.13 6.32
N VAL B 883 -12.67 44.06 6.39
CA VAL B 883 -13.42 42.83 6.14
C VAL B 883 -14.58 43.12 5.20
N SER B 884 -15.04 42.07 4.54
CA SER B 884 -16.20 42.14 3.64
C SER B 884 -17.21 41.10 4.12
N VAL B 885 -18.23 41.56 4.84
CA VAL B 885 -19.26 40.68 5.38
C VAL B 885 -20.63 41.23 5.01
N PRO B 886 -21.66 40.40 4.91
CA PRO B 886 -22.99 40.91 4.57
C PRO B 886 -23.47 41.92 5.60
N ILE B 887 -24.13 42.97 5.12
CA ILE B 887 -24.61 44.07 5.96
C ILE B 887 -26.11 44.27 5.80
N SER B 888 -26.59 44.33 4.55
CA SER B 888 -27.99 44.62 4.31
C SER B 888 -28.89 43.53 4.89
N LYS B 889 -30.02 43.96 5.46
CA LYS B 889 -30.99 43.02 5.99
C LYS B 889 -31.50 42.07 4.91
N GLU B 890 -31.67 42.57 3.69
CA GLU B 890 -32.27 41.79 2.63
C GLU B 890 -31.44 40.54 2.31
N GLN B 891 -30.13 40.72 2.16
CA GLN B 891 -29.29 39.58 1.79
C GLN B 891 -29.19 38.57 2.93
N ILE B 892 -29.16 39.06 4.17
CA ILE B 892 -29.14 38.14 5.32
C ILE B 892 -30.40 37.29 5.34
N ASN B 893 -31.56 37.93 5.15
CA ASN B 893 -32.81 37.17 5.13
C ASN B 893 -32.83 36.19 3.96
N GLN B 894 -32.33 36.61 2.80
CA GLN B 894 -32.30 35.72 1.64
C GLN B 894 -31.43 34.51 1.92
N SER B 895 -30.25 34.73 2.53
CA SER B 895 -29.37 33.60 2.85
C SER B 895 -30.01 32.65 3.85
N TYR B 896 -30.69 33.21 4.86
CA TYR B 896 -31.37 32.34 5.83
C TYR B 896 -32.45 31.51 5.15
N LEU B 897 -33.24 32.13 4.27
CA LEU B 897 -34.26 31.38 3.54
C LEU B 897 -33.63 30.32 2.65
N ASP B 898 -32.50 30.64 2.02
CA ASP B 898 -31.81 29.66 1.19
C ASP B 898 -31.37 28.46 2.02
N GLN B 899 -30.84 28.71 3.22
CA GLN B 899 -30.44 27.60 4.09
C GLN B 899 -31.65 26.76 4.49
N LEU B 900 -32.76 27.42 4.85
CA LEU B 900 -33.97 26.69 5.18
C LEU B 900 -34.40 25.78 4.04
N GLU B 901 -34.44 26.33 2.82
CA GLU B 901 -34.83 25.53 1.66
C GLU B 901 -33.84 24.40 1.43
N LYS B 902 -32.55 24.66 1.64
CA LYS B 902 -31.54 23.63 1.44
C LYS B 902 -31.77 22.46 2.36
N ILE B 903 -32.12 22.73 3.62
CA ILE B 903 -32.33 21.63 4.58
C ILE B 903 -33.73 21.05 4.52
N ARG B 904 -34.68 21.73 3.88
CA ARG B 904 -36.06 21.24 3.88
C ARG B 904 -36.22 20.03 2.98
N ASP B 905 -35.52 20.00 1.85
CA ASP B 905 -35.81 19.00 0.84
C ASP B 905 -35.35 17.61 1.30
N PRO B 906 -35.96 16.55 0.78
CA PRO B 906 -35.51 15.20 1.11
C PRO B 906 -34.21 14.84 0.40
N ALA B 907 -33.56 13.80 0.92
CA ALA B 907 -32.27 13.39 0.38
C ALA B 907 -32.49 12.52 -0.87
N PRO B 908 -31.91 12.86 -2.02
CA PRO B 908 -32.03 12.01 -3.19
C PRO B 908 -31.03 10.87 -3.15
N PRO B 909 -31.36 9.71 -3.76
CA PRO B 909 -30.40 8.61 -3.79
C PRO B 909 -29.14 9.00 -4.56
N GLU B 910 -28.00 8.50 -4.09
CA GLU B 910 -26.73 8.81 -4.73
C GLU B 910 -26.69 8.28 -6.16
N GLU B 911 -26.73 6.95 -6.30
CA GLU B 911 -26.68 6.30 -7.61
C GLU B 911 -25.51 6.80 -8.45
N LYS B 912 -24.34 6.89 -7.80
CA LYS B 912 -23.16 7.41 -8.48
C LYS B 912 -22.77 6.53 -9.66
N VAL B 913 -22.63 5.22 -9.43
CA VAL B 913 -22.28 4.28 -10.49
C VAL B 913 -20.98 4.71 -11.16
N LEU B 914 -20.05 5.24 -10.37
CA LEU B 914 -18.79 5.71 -10.92
C LEU B 914 -17.91 4.57 -11.39
N VAL B 915 -17.04 4.86 -12.35
CA VAL B 915 -16.10 3.87 -12.86
C VAL B 915 -15.11 3.47 -11.77
N THR B 916 -14.72 4.41 -10.93
CA THR B 916 -13.73 4.19 -9.87
C THR B 916 -12.33 4.13 -10.45
N ASN B 917 -11.35 3.84 -9.60
CA ASN B 917 -9.94 3.86 -9.98
C ASN B 917 -9.45 2.47 -10.37
N THR B 918 -8.41 2.44 -11.20
CA THR B 918 -7.89 1.19 -11.74
C THR B 918 -6.97 0.47 -10.75
N GLU B 919 -6.43 1.18 -9.75
CA GLU B 919 -5.56 0.53 -8.78
C GLU B 919 -6.28 -0.62 -8.09
N ASP B 920 -7.56 -0.42 -7.77
CA ASP B 920 -8.34 -1.50 -7.19
C ASP B 920 -8.42 -2.69 -8.13
N TYR B 921 -8.63 -2.43 -9.43
CA TYR B 921 -8.69 -3.51 -10.41
C TYR B 921 -7.39 -4.30 -10.45
N TYR B 922 -6.26 -3.61 -10.48
CA TYR B 922 -4.98 -4.30 -10.56
C TYR B 922 -4.69 -5.07 -9.28
N ALA B 923 -5.02 -4.50 -8.12
CA ALA B 923 -4.85 -5.21 -6.87
C ALA B 923 -5.70 -6.48 -6.85
N PHE B 924 -6.94 -6.38 -7.33
CA PHE B 924 -7.80 -7.55 -7.39
C PHE B 924 -7.21 -8.62 -8.30
N ILE B 925 -6.69 -8.21 -9.47
CA ILE B 925 -6.07 -9.16 -10.38
C ILE B 925 -4.91 -9.89 -9.70
N ARG B 926 -4.05 -9.13 -9.02
CA ARG B 926 -2.90 -9.74 -8.36
C ARG B 926 -3.34 -10.70 -7.26
N SER B 927 -4.34 -10.32 -6.48
CA SER B 927 -4.81 -11.20 -5.41
C SER B 927 -5.38 -12.49 -5.97
N MET B 928 -6.19 -12.41 -7.03
CA MET B 928 -6.72 -13.62 -7.64
C MET B 928 -5.60 -14.51 -8.16
N THR B 929 -4.59 -13.90 -8.79
CA THR B 929 -3.48 -14.69 -9.32
C THR B 929 -2.78 -15.44 -8.20
N VAL B 930 -2.43 -14.75 -7.11
CA VAL B 930 -1.70 -15.41 -6.03
C VAL B 930 -2.56 -16.51 -5.40
N LEU B 931 -3.86 -16.26 -5.25
CA LEU B 931 -4.73 -17.27 -4.64
C LEU B 931 -4.78 -18.53 -5.50
N VAL B 932 -4.94 -18.36 -6.82
CA VAL B 932 -4.98 -19.52 -7.71
C VAL B 932 -3.65 -20.28 -7.65
N TRP B 933 -2.54 -19.55 -7.65
CA TRP B 933 -1.23 -20.17 -7.57
C TRP B 933 -1.12 -21.03 -6.31
N MET B 934 -1.46 -20.45 -5.16
CA MET B 934 -1.40 -21.19 -3.90
C MET B 934 -2.29 -22.43 -3.95
N PHE B 935 -3.52 -22.28 -4.46
CA PHE B 935 -4.45 -23.39 -4.46
C PHE B 935 -3.92 -24.55 -5.30
N THR B 936 -3.45 -24.26 -6.52
CA THR B 936 -2.96 -25.34 -7.37
C THR B 936 -1.75 -26.03 -6.74
N ASN B 937 -0.80 -25.24 -6.21
CA ASN B 937 0.38 -25.85 -5.61
C ASN B 937 0.00 -26.73 -4.42
N PHE B 938 -0.91 -26.27 -3.58
CA PHE B 938 -1.30 -27.05 -2.42
C PHE B 938 -2.06 -28.32 -2.83
N VAL B 939 -2.87 -28.24 -3.88
CA VAL B 939 -3.54 -29.44 -4.36
C VAL B 939 -2.52 -30.48 -4.78
N VAL B 940 -1.50 -30.06 -5.53
CA VAL B 940 -0.47 -31.00 -5.96
C VAL B 940 0.25 -31.60 -4.75
N ILE B 941 0.60 -30.75 -3.78
CA ILE B 941 1.33 -31.24 -2.60
C ILE B 941 0.48 -32.25 -1.85
N ALA B 942 -0.81 -31.94 -1.65
CA ALA B 942 -1.69 -32.85 -0.92
C ALA B 942 -1.83 -34.18 -1.65
N LEU B 943 -1.95 -34.13 -2.98
CA LEU B 943 -2.04 -35.39 -3.74
C LEU B 943 -0.78 -36.22 -3.55
N VAL B 944 0.40 -35.62 -3.54
CA VAL B 944 1.68 -36.40 -3.50
C VAL B 944 1.97 -36.96 -2.09
N LEU B 945 1.98 -36.13 -1.04
CA LEU B 945 2.36 -36.54 0.34
C LEU B 945 1.16 -36.92 1.21
N GLU B 946 -0.08 -36.88 0.69
CA GLU B 946 -1.32 -37.17 1.48
C GLU B 946 -1.31 -36.28 2.72
N THR B 947 -1.08 -34.97 2.50
CA THR B 947 -0.90 -33.90 3.52
C THR B 947 -2.21 -33.43 4.16
N GLY B 948 -3.34 -33.16 3.42
CA GLY B 948 -4.63 -32.68 3.87
C GLY B 948 -5.44 -33.76 4.55
N GLY B 949 -6.73 -33.85 4.22
CA GLY B 949 -7.58 -34.87 4.79
C GLY B 949 -7.51 -36.21 4.10
N PHE B 950 -6.75 -36.31 3.02
CA PHE B 950 -6.65 -37.57 2.28
C PHE B 950 -6.21 -38.71 3.19
N ASN B 951 -5.37 -38.42 4.17
CA ASN B 951 -4.87 -39.46 5.07
C ASN B 951 -6.00 -40.17 5.80
N GLN B 952 -7.16 -39.52 5.93
CA GLN B 952 -8.29 -40.16 6.61
C GLN B 952 -8.84 -41.33 5.81
N PHE B 953 -8.72 -41.30 4.49
CA PHE B 953 -9.25 -42.35 3.63
C PHE B 953 -8.35 -43.58 3.56
N VAL B 954 -7.27 -43.63 4.35
CA VAL B 954 -6.39 -44.78 4.43
C VAL B 954 -6.24 -45.17 5.90
N GLU B 955 -5.43 -46.20 6.14
CA GLU B 955 -5.34 -46.84 7.45
C GLU B 955 -3.97 -46.60 8.06
N ALA B 956 -3.75 -47.21 9.22
CA ALA B 956 -2.50 -46.98 9.96
C ALA B 956 -1.28 -47.44 9.16
N THR B 957 -1.37 -48.61 8.51
CA THR B 957 -0.23 -49.19 7.83
C THR B 957 -0.18 -48.90 6.34
N ASP B 958 -1.34 -48.73 5.69
CA ASP B 958 -1.35 -48.52 4.24
C ASP B 958 -0.80 -47.14 3.88
N LEU B 959 -0.98 -46.15 4.75
CA LEU B 959 -0.58 -44.79 4.42
C LEU B 959 0.91 -44.70 4.11
N ALA B 960 1.74 -45.38 4.90
CA ALA B 960 3.19 -45.29 4.70
C ALA B 960 3.58 -45.78 3.31
N ASN B 961 3.12 -46.98 2.94
CA ASN B 961 3.50 -47.55 1.66
C ASN B 961 2.93 -46.73 0.50
N LEU B 962 1.67 -46.30 0.61
CA LEU B 962 1.08 -45.50 -0.46
C LEU B 962 1.84 -44.20 -0.65
N LYS B 963 2.17 -43.53 0.46
CA LYS B 963 2.92 -42.27 0.38
C LYS B 963 4.29 -42.49 -0.23
N SER B 964 4.97 -43.58 0.15
CA SER B 964 6.28 -43.87 -0.41
C SER B 964 6.19 -44.07 -1.92
N ASN B 965 5.21 -44.85 -2.36
CA ASN B 965 5.05 -45.11 -3.80
C ASN B 965 4.78 -43.81 -4.55
N ARG B 966 3.87 -42.98 -4.04
CA ARG B 966 3.57 -41.72 -4.72
C ARG B 966 4.79 -40.82 -4.76
N ALA B 967 5.56 -40.77 -3.67
CA ALA B 967 6.76 -39.95 -3.64
C ALA B 967 7.77 -40.41 -4.69
N ALA B 968 7.98 -41.72 -4.78
CA ALA B 968 8.92 -42.23 -5.78
C ALA B 968 8.47 -41.87 -7.18
N VAL B 969 7.17 -42.02 -7.48
CA VAL B 969 6.67 -41.68 -8.80
C VAL B 969 6.90 -40.21 -9.10
N PHE B 970 6.59 -39.35 -8.13
CA PHE B 970 6.77 -37.92 -8.34
C PHE B 970 8.24 -37.58 -8.60
N LEU B 971 9.15 -38.18 -7.82
CA LEU B 971 10.56 -37.88 -7.99
C LEU B 971 11.02 -38.27 -9.39
N THR B 972 10.69 -39.49 -9.83
CA THR B 972 11.14 -39.90 -11.16
C THR B 972 10.54 -38.99 -12.23
N VAL B 973 9.26 -38.64 -12.09
CA VAL B 973 8.62 -37.77 -13.08
C VAL B 973 9.36 -36.44 -13.19
N ILE B 974 9.60 -35.79 -12.06
CA ILE B 974 10.17 -34.44 -12.10
C ILE B 974 11.60 -34.49 -12.63
N LEU B 975 12.41 -35.43 -12.13
CA LEU B 975 13.80 -35.47 -12.54
C LEU B 975 13.93 -35.75 -14.03
N TRP B 976 13.13 -36.70 -14.54
CA TRP B 976 13.25 -37.01 -15.96
C TRP B 976 12.64 -35.90 -16.83
N THR B 977 11.64 -35.18 -16.33
CA THR B 977 11.17 -34.01 -17.06
C THR B 977 12.30 -33.00 -17.24
N VAL B 978 13.03 -32.71 -16.16
CA VAL B 978 14.13 -31.77 -16.24
C VAL B 978 15.19 -32.27 -17.22
N ALA B 979 15.53 -33.56 -17.13
CA ALA B 979 16.57 -34.11 -17.99
C ALA B 979 16.16 -34.02 -19.46
N PHE B 980 14.90 -34.33 -19.78
CA PHE B 980 14.46 -34.28 -21.17
C PHE B 980 14.43 -32.86 -21.69
N MET B 981 14.03 -31.89 -20.86
CA MET B 981 14.11 -30.51 -21.30
C MET B 981 15.54 -30.10 -21.61
N ALA B 982 16.49 -30.53 -20.76
CA ALA B 982 17.89 -30.23 -21.01
C ALA B 982 18.35 -30.84 -22.33
N LEU B 983 17.94 -32.09 -22.60
CA LEU B 983 18.33 -32.73 -23.86
C LEU B 983 17.75 -31.99 -25.06
N PHE B 984 16.50 -31.54 -24.95
CA PHE B 984 15.88 -30.78 -26.03
C PHE B 984 16.68 -29.52 -26.32
N ARG B 985 17.03 -28.77 -25.28
CA ARG B 985 17.79 -27.54 -25.49
C ARG B 985 19.18 -27.84 -26.06
N PHE B 986 19.79 -28.94 -25.62
CA PHE B 986 21.11 -29.32 -26.13
C PHE B 986 21.06 -29.60 -27.62
N ILE B 987 20.08 -30.40 -28.06
CA ILE B 987 19.95 -30.66 -29.50
C ILE B 987 19.74 -29.35 -30.24
N GLY B 988 18.93 -28.46 -29.66
CA GLY B 988 18.69 -27.18 -30.31
C GLY B 988 19.96 -26.39 -30.52
N CYS B 989 20.80 -26.31 -29.49
CA CYS B 989 22.02 -25.52 -29.61
C CYS B 989 23.03 -26.16 -30.55
N ILE B 990 23.09 -27.50 -30.58
CA ILE B 990 23.95 -28.14 -31.56
C ILE B 990 23.51 -27.81 -32.97
N TYR B 991 22.21 -27.86 -33.23
CA TYR B 991 21.70 -27.49 -34.55
C TYR B 991 22.03 -26.04 -34.87
N TYR B 992 21.91 -25.15 -33.88
CA TYR B 992 22.26 -23.75 -34.11
C TYR B 992 23.72 -23.61 -34.53
N LEU B 993 24.62 -24.30 -33.82
CA LEU B 993 26.04 -24.21 -34.17
C LEU B 993 26.28 -24.71 -35.59
N ILE B 994 25.68 -25.85 -35.94
CA ILE B 994 25.92 -26.42 -37.26
C ILE B 994 25.41 -25.48 -38.35
N THR B 995 24.20 -24.95 -38.17
CA THR B 995 23.64 -24.08 -39.21
C THR B 995 24.41 -22.77 -39.31
N ARG B 996 24.84 -22.22 -38.19
CA ARG B 996 25.64 -20.98 -38.24
C ARG B 996 26.97 -21.22 -38.92
N LEU B 997 27.62 -22.35 -38.65
CA LEU B 997 28.87 -22.66 -39.34
C LEU B 997 28.64 -22.80 -40.84
N GLY B 998 27.56 -23.49 -41.23
CA GLY B 998 27.25 -23.61 -42.64
C GLY B 998 27.01 -22.27 -43.30
N ARG B 999 26.28 -21.39 -42.61
CA ARG B 999 26.05 -20.04 -43.13
C ARG B 999 27.36 -19.29 -43.29
N GLU B 1000 28.26 -19.40 -42.30
CA GLU B 1000 29.54 -18.72 -42.38
C GLU B 1000 30.36 -19.21 -43.55
N ILE B 1001 30.34 -20.53 -43.80
CA ILE B 1001 31.05 -21.06 -44.96
C ILE B 1001 30.47 -20.47 -46.24
N LYS B 1002 29.15 -20.41 -46.34
CA LYS B 1002 28.49 -19.84 -47.51
C LYS B 1002 28.84 -18.37 -47.66
P 3PE C . -16.30 -13.42 24.37
N 3PE C . -16.59 -9.24 22.17
O11 3PE C . -14.90 -14.29 24.28
O12 3PE C . -16.28 -12.58 25.62
O13 3PE C . -16.43 -12.44 23.05
O14 3PE C . -17.47 -14.37 24.40
C11 3PE C . -15.62 -11.31 22.92
C12 3PE C . -16.08 -10.51 21.71
C1 3PE C . -14.71 -15.01 23.10
C2 3PE C . -13.71 -16.13 23.33
C3 3PE C . -14.22 -17.04 24.45
O31 3PE C . -14.83 -18.19 23.93
O32 3PE C . -16.85 -17.19 23.88
C31 3PE C . -16.18 -18.11 23.57
C32 3PE C . -16.78 -19.24 22.74
C33 3PE C . -18.26 -18.99 22.49
C34 3PE C . -18.88 -20.24 21.88
C35 3PE C . -20.41 -20.16 21.93
C36 3PE C . -20.99 -21.57 21.83
C37 3PE C . -22.48 -21.52 22.19
C38 3PE C . -23.10 -22.91 22.09
C39 3PE C . -24.56 -22.84 22.54
C3A 3PE C . -25.23 -24.19 22.32
O21 3PE C . -13.55 -16.85 22.13
O22 3PE C . -11.82 -17.96 23.03
C21 3PE C . -12.69 -17.95 22.21
C22 3PE C . -12.86 -19.12 21.26
C23 3PE C . -12.65 -20.44 21.99
C24 3PE C . -13.07 -21.60 21.10
C25 3PE C . -14.60 -21.64 20.97
C26 3PE C . -15.06 -23.03 20.56
C27 3PE C . -16.59 -23.02 20.47
C28 3PE C . -17.10 -24.46 20.44
C29 3PE C . -18.61 -24.47 20.34
C2A 3PE C . -19.15 -25.82 20.82
C2B 3PE C . -20.68 -25.77 20.88
C2C 3PE C . -21.20 -26.94 21.70
C2D 3PE C . -22.71 -26.81 21.88
C2E 3PE C . -23.22 -27.88 22.83
C2F 3PE C . -24.71 -27.65 23.09
C2G 3PE C . -25.23 -28.72 24.05
HN1 3PE C . -17.25 -9.41 22.91
HN2 3PE C . -17.05 -8.77 21.41
H111 3PE C . -14.57 -11.59 22.82
H112 3PE C . -15.75 -10.70 23.81
H121 3PE C . -15.25 -10.35 21.02
H122 3PE C . -16.86 -11.06 21.19
H11 3PE C . -14.32 -14.33 22.34
H12 3PE C . -15.66 -15.42 22.77
H2 3PE C . -12.75 -15.71 23.62
H31 3PE C . -14.94 -16.49 25.05
H32 3PE C . -13.38 -17.33 25.09
H321 3PE C . -16.67 -20.17 23.29
H322 3PE C . -16.26 -19.32 21.79
H331 3PE C . -18.39 -18.15 21.82
H332 3PE C . -18.76 -18.78 23.43
H341 3PE C . -18.55 -21.11 22.45
H342 3PE C . -18.55 -20.34 20.85
H351 3PE C . -20.78 -19.56 21.10
H352 3PE C . -20.73 -19.72 22.86
H361 3PE C . -20.49 -22.22 22.53
H362 3PE C . -20.87 -21.96 20.83
H371 3PE C . -23.00 -20.85 21.51
H372 3PE C . -22.59 -21.16 23.20
H381 3PE C . -22.55 -23.60 22.73
H382 3PE C . -23.05 -23.26 21.07
H391 3PE C . -25.07 -22.07 21.98
H392 3PE C . -24.58 -22.60 23.60
H221 3PE C . -12.17 -19.03 20.44
H222 3PE C . -13.88 -19.08 20.87
H231 3PE C . -13.24 -20.45 22.91
H232 3PE C . -11.59 -20.54 22.25
H241 3PE C . -12.73 -22.54 21.53
H242 3PE C . -12.64 -21.49 20.11
H251 3PE C . -14.91 -20.93 20.23
H252 3PE C . -15.04 -21.38 21.93
H261 3PE C . -14.74 -23.76 21.30
H262 3PE C . -14.65 -23.28 19.59
H271 3PE C . -16.91 -22.51 19.57
H272 3PE C . -17.01 -22.52 21.33
H281 3PE C . -16.78 -24.99 21.33
H282 3PE C . -16.69 -24.98 19.56
H291 3PE C . -18.92 -24.30 19.31
H292 3PE C . -19.02 -23.68 20.96
H2A1 3PE C . -18.76 -26.03 21.81
H2A2 3PE C . -18.84 -26.60 20.14
H2B1 3PE C . -21.08 -25.81 19.88
H2B2 3PE C . -20.98 -24.84 21.35
H2C1 3PE C . -20.72 -26.96 22.67
H2C2 3PE C . -20.98 -27.87 21.18
H2D1 3PE C . -23.19 -26.92 20.91
H2D2 3PE C . -22.94 -25.83 22.27
H2E1 3PE C . -22.68 -27.80 23.78
H2E2 3PE C . -23.06 -28.86 22.40
H2F1 3PE C . -25.25 -27.72 22.14
H2F2 3PE C . -24.86 -26.68 23.52
P 3PE D . -11.56 1.96 49.48
O11 3PE D . -11.61 0.52 50.31
O12 3PE D . -12.96 2.51 49.37
O13 3PE D . -10.61 3.02 50.31
O14 3PE D . -11.00 1.73 48.10
C11 3PE D . -11.00 3.38 51.61
C1 3PE D . -12.64 -0.39 50.01
C2 3PE D . -12.20 -1.29 48.86
C3 3PE D . -11.00 -2.13 49.28
O31 3PE D . -11.42 -3.39 49.73
O32 3PE D . -11.37 -2.67 51.88
C31 3PE D . -11.77 -3.47 51.09
C32 3PE D . -12.66 -4.62 51.59
C33 3PE D . -13.91 -4.74 50.71
C34 3PE D . -14.49 -6.15 50.84
C35 3PE D . -15.52 -6.41 49.75
C36 3PE D . -15.75 -7.91 49.60
C37 3PE D . -16.65 -8.18 48.40
C38 3PE D . -16.83 -9.69 48.14
C39 3PE D . -15.54 -10.38 47.71
C3A 3PE D . -15.71 -11.89 47.82
C3B 3PE D . -16.71 -12.43 46.81
C3C 3PE D . -16.72 -13.96 46.88
C3D 3PE D . -17.69 -14.53 45.86
C3E 3PE D . -17.60 -16.04 45.86
O21 3PE D . -13.25 -2.15 48.54
O22 3PE D . -12.43 -2.35 46.45
C21 3PE D . -13.27 -2.65 47.23
C22 3PE D . -14.39 -3.60 46.84
C23 3PE D . -14.07 -4.30 45.52
C24 3PE D . -15.08 -5.43 45.35
C25 3PE D . -14.97 -6.05 43.96
C26 3PE D . -15.76 -7.36 43.97
C27 3PE D . -15.77 -7.97 42.58
C28 3PE D . -15.80 -9.48 42.71
C29 3PE D . -15.84 -10.13 41.32
C2A 3PE D . -14.94 -11.36 41.30
C2B 3PE D . -15.42 -12.43 42.28
C2C 3PE D . -14.54 -13.67 42.16
H11 3PE D . -13.53 0.16 49.72
H12 3PE D . -12.84 -0.99 50.88
H2 3PE D . -11.94 -0.69 48.00
H31 3PE D . -10.44 -1.61 50.06
H32 3PE D . -10.35 -2.28 48.42
H321 3PE D . -12.95 -4.43 52.62
H322 3PE D . -12.10 -5.54 51.54
H331 3PE D . -13.64 -4.55 49.68
H332 3PE D . -14.66 -4.01 51.02
H341 3PE D . -14.96 -6.25 51.82
H342 3PE D . -13.69 -6.88 50.75
H351 3PE D . -15.18 -6.00 48.81
H352 3PE D . -16.46 -5.94 50.02
H361 3PE D . -16.22 -8.29 50.51
H362 3PE D . -14.79 -8.39 49.47
H371 3PE D . -16.24 -7.70 47.52
H372 3PE D . -17.63 -7.75 48.61
H381 3PE D . -17.58 -9.82 47.37
H382 3PE D . -17.19 -10.16 49.05
H391 3PE D . -14.72 -10.07 48.33
H392 3PE D . -15.32 -10.13 46.67
H3A1 3PE D . -16.04 -12.14 48.82
H3A2 3PE D . -14.75 -12.37 47.65
H3B1 3PE D . -16.42 -12.10 45.81
H3B2 3PE D . -17.71 -12.06 47.05
H3C1 3PE D . -17.02 -14.27 47.88
H3C2 3PE D . -15.71 -14.32 46.67
H3D1 3PE D . -17.43 -14.15 44.86
H3D2 3PE D . -18.69 -14.22 46.10
H221 3PE D . -15.31 -3.05 46.72
H222 3PE D . -14.51 -4.35 47.61
H231 3PE D . -13.06 -4.71 45.55
H232 3PE D . -14.15 -3.59 44.70
H241 3PE D . -16.08 -5.04 45.49
H242 3PE D . -14.87 -6.19 46.09
H251 3PE D . -13.93 -6.25 43.72
H252 3PE D . -15.39 -5.37 43.21
H261 3PE D . -16.77 -7.18 44.30
H262 3PE D . -15.27 -8.04 44.65
H271 3PE D . -14.89 -7.66 42.04
H272 3PE D . -16.65 -7.63 42.03
H281 3PE D . -16.68 -9.77 43.27
H282 3PE D . -14.92 -9.82 43.24
H291 3PE D . -15.51 -9.43 40.57
H292 3PE D . -16.86 -10.43 41.12
H2A1 3PE D . -13.93 -11.07 41.54
H2A2 3PE D . -14.95 -11.78 40.30
H2B1 3PE D . -16.44 -12.69 42.05
H2B2 3PE D . -15.36 -12.05 43.30
P 3PE E . -4.60 -32.95 11.09
N 3PE E . -0.99 -36.45 11.13
O11 3PE E . -4.55 -32.65 9.46
O12 3PE E . -5.63 -34.01 11.37
O13 3PE E . -3.12 -33.51 11.56
O14 3PE E . -4.93 -31.70 11.85
C11 3PE E . -2.75 -34.78 11.10
C12 3PE E . -1.42 -35.19 11.71
C1 3PE E . -4.72 -31.36 8.97
C2 3PE E . -3.52 -30.47 9.28
C3 3PE E . -2.27 -30.90 8.50
O31 3PE E . -1.91 -29.93 7.55
O32 3PE E . -3.43 -30.81 6.17
C31 3PE E . -2.57 -30.02 6.31
C32 3PE E . -2.19 -29.13 5.13
C33 3PE E . -2.05 -27.68 5.57
C34 3PE E . -1.62 -26.81 4.39
C35 3PE E . -0.76 -25.67 4.93
C36 3PE E . -0.36 -24.68 3.84
C37 3PE E . 0.87 -23.90 4.33
C38 3PE E . 1.19 -22.73 3.40
C39 3PE E . 2.06 -21.72 4.15
C3A 3PE E . 2.32 -20.50 3.26
C3B 3PE E . 1.03 -19.75 2.98
O21 3PE E . -3.83 -29.15 8.93
O22 3PE E . -2.02 -28.40 10.00
C21 3PE E . -3.14 -28.19 9.67
C22 3PE E . -3.82 -26.89 10.07
C23 3PE E . -2.89 -25.72 9.72
C24 3PE E . -3.06 -24.59 10.73
C25 3PE E . -4.28 -23.72 10.45
C26 3PE E . -4.37 -22.70 11.59
C27 3PE E . -5.04 -21.40 11.13
C28 3PE E . -4.81 -20.23 12.11
C29 3PE E . -3.35 -19.95 12.50
C2A 3PE E . -2.49 -19.58 11.29
C2B 3PE E . -1.04 -20.06 11.48
C2C 3PE E . -0.23 -19.63 10.26
C2D 3PE E . 0.90 -20.61 9.94
C2E 3PE E . 2.16 -20.28 10.74
C2F 3PE E . 3.25 -21.28 10.36
C2G 3PE E . 4.55 -20.94 11.10
HN1 3PE E . -1.18 -36.44 10.13
HN2 3PE E . -0.01 -36.55 11.26
H111 3PE E . -2.66 -34.75 10.02
H112 3PE E . -3.53 -35.49 11.37
H121 3PE E . -0.66 -34.43 11.51
H122 3PE E . -1.51 -35.32 12.79
H11 3PE E . -5.61 -30.92 9.39
H12 3PE E . -4.84 -31.43 7.88
H2 3PE E . -3.31 -30.51 10.35
H31 3PE E . -2.47 -31.85 8.02
H32 3PE E . -1.46 -31.03 9.20
H321 3PE E . -2.95 -29.21 4.37
H322 3PE E . -1.24 -29.47 4.73
H331 3PE E . -1.32 -27.60 6.37
H332 3PE E . -3.01 -27.32 5.94
H341 3PE E . -2.49 -26.42 3.89
H342 3PE E . -1.03 -27.40 3.70
H351 3PE E . 0.13 -26.08 5.38
H352 3PE E . -1.34 -25.14 5.67
H361 3PE E . -1.18 -23.98 3.66
H362 3PE E . -0.12 -25.20 2.92
H371 3PE E . 1.73 -24.56 4.38
H372 3PE E . 0.67 -23.50 5.32
H381 3PE E . 0.27 -22.25 3.11
H382 3PE E . 1.71 -23.08 2.52
H391 3PE E . 3.00 -22.18 4.41
H392 3PE E . 1.55 -21.39 5.05
H3A1 3PE E . 2.77 -20.83 2.33
H3A2 3PE E . 3.02 -19.83 3.77
H221 3PE E . -4.02 -26.90 11.13
H222 3PE E . -4.74 -26.78 9.51
H231 3PE E . -3.15 -25.36 8.73
H232 3PE E . -1.86 -26.06 9.74
H241 3PE E . -2.17 -23.97 10.71
H242 3PE E . -3.15 -25.02 11.73
H251 3PE E . -5.17 -24.33 10.43
H252 3PE E . -4.15 -23.21 9.50
H261 3PE E . -3.37 -22.51 11.94
H262 3PE E . -4.96 -23.12 12.39
H271 3PE E . -6.10 -21.58 11.06
H272 3PE E . -4.67 -21.12 10.14
H281 3PE E . -5.36 -20.46 13.01
H282 3PE E . -5.22 -19.33 11.67
H291 3PE E . -2.92 -20.83 12.98
H292 3PE E . -3.32 -19.13 13.20
H2A1 3PE E . -2.50 -18.50 11.17
H2A2 3PE E . -2.88 -20.04 10.39
H2B1 3PE E . -1.04 -21.13 11.56
H2B2 3PE E . -0.62 -19.61 12.37
H2C1 3PE E . 0.18 -18.64 10.41
H2C2 3PE E . -0.90 -19.59 9.40
H2D1 3PE E . 1.15 -20.55 8.89
H2D2 3PE E . 0.58 -21.62 10.17
H2E1 3PE E . 1.95 -20.34 11.80
H2E2 3PE E . 2.49 -19.28 10.49
H2F1 3PE E . 3.42 -21.24 9.29
H2F2 3PE E . 2.93 -22.28 10.64
P 3PE F . 15.58 -2.89 11.70
N 3PE F . 12.93 -0.63 8.85
O11 3PE F . 15.37 -4.52 11.67
O12 3PE F . 15.67 -2.42 13.13
O13 3PE F . 14.30 -2.18 10.97
O14 3PE F . 16.85 -2.51 10.96
C11 3PE F . 14.24 -0.78 10.90
C12 3PE F . 12.89 -0.40 10.28
C1 3PE F . 16.42 -5.36 12.08
C2 3PE F . 15.91 -6.81 11.99
C3 3PE F . 16.98 -7.80 12.43
O31 3PE F . 17.34 -8.57 11.32
O32 3PE F . 18.97 -9.73 12.32
C31 3PE F . 18.02 -9.76 11.61
C32 3PE F . 17.55 -11.09 11.02
C33 3PE F . 16.17 -11.47 11.57
C34 3PE F . 15.82 -12.89 11.17
C35 3PE F . 14.46 -13.26 11.76
C36 3PE F . 14.12 -14.74 11.52
C37 3PE F . 13.98 -15.05 10.03
C38 3PE F . 13.46 -16.48 9.86
C39 3PE F . 13.53 -16.89 8.40
O21 3PE F . 14.72 -6.97 12.72
O22 3PE F . 15.66 -6.35 14.69
C21 3PE F . 14.77 -6.88 14.12
C22 3PE F . 13.61 -7.50 14.91
C23 3PE F . 14.15 -8.71 15.67
C24 3PE F . 13.24 -9.91 15.51
C25 3PE F . 11.78 -9.63 15.89
C26 3PE F . 10.96 -10.92 15.87
C27 3PE F . 10.81 -11.45 14.44
C28 3PE F . 10.16 -12.82 14.42
C29 3PE F . 10.04 -13.25 12.95
C2A 3PE F . 9.94 -14.77 12.84
C2B 3PE F . 8.67 -15.29 13.49
C2C 3PE F . 8.45 -16.73 13.06
C2D 3PE F . 7.85 -16.78 11.65
HN1 3PE F . 13.41 -1.49 8.67
HN2 3PE F . 12.01 -0.67 8.47
H111 3PE F . 15.04 -0.44 10.24
H112 3PE F . 14.36 -0.33 11.87
H121 3PE F . 12.11 -1.00 10.74
H122 3PE F . 12.70 0.65 10.47
H11 3PE F . 16.71 -5.13 13.10
H12 3PE F . 17.27 -5.24 11.43
H2 3PE F . 15.68 -7.00 10.95
H31 3PE F . 16.61 -8.44 13.22
H32 3PE F . 17.86 -7.24 12.79
H321 3PE F . 18.26 -11.86 11.29
H322 3PE F . 17.50 -11.01 9.93
H331 3PE F . 15.42 -10.79 11.19
H332 3PE F . 16.19 -11.41 12.66
H341 3PE F . 16.58 -13.58 11.54
H342 3PE F . 15.77 -12.96 10.08
H351 3PE F . 13.69 -12.63 11.34
H352 3PE F . 14.51 -13.10 12.84
H361 3PE F . 13.18 -14.95 12.01
H362 3PE F . 14.90 -15.37 11.94
H371 3PE F . 14.93 -14.95 9.53
H372 3PE F . 13.27 -14.36 9.57
H381 3PE F . 12.44 -16.53 10.22
H382 3PE F . 14.07 -17.15 10.45
H221 3PE F . 12.84 -7.80 14.21
H222 3PE F . 13.21 -6.77 15.61
H231 3PE F . 14.24 -8.46 16.72
H232 3PE F . 15.14 -8.95 15.27
H241 3PE F . 13.61 -10.73 16.11
H242 3PE F . 13.27 -10.21 14.46
H251 3PE F . 11.33 -8.93 15.19
H252 3PE F . 11.75 -9.20 16.89
H261 3PE F . 9.98 -10.74 16.30
H262 3PE F . 11.48 -11.67 16.47
H271 3PE F . 11.78 -11.54 13.96
H272 3PE F . 10.21 -10.75 13.86
H281 3PE F . 9.16 -12.76 14.85
H282 3PE F . 10.75 -13.54 14.97
H291 3PE F . 10.91 -12.91 12.40
H292 3PE F . 9.16 -12.80 12.53
H2A1 3PE F . 10.81 -15.23 13.32
H2A2 3PE F . 9.93 -15.04 11.79
H2B1 3PE F . 7.83 -14.69 13.14
H2B2 3PE F . 8.73 -15.23 14.57
H2C1 3PE F . 7.77 -17.22 13.75
H2C2 3PE F . 9.40 -17.26 13.06
P 3PE G . 15.92 -23.69 -14.99
N 3PE G . 16.30 -18.97 -15.04
O11 3PE G . 14.50 -24.39 -14.51
O12 3PE G . 15.91 -23.54 -16.49
O13 3PE G . 16.07 -22.21 -14.30
O14 3PE G . 17.07 -24.56 -14.56
C11 3PE G . 15.29 -21.14 -14.73
C12 3PE G . 15.76 -19.87 -14.03
C1 3PE G . 14.30 -24.45 -13.13
C2 3PE G . 13.28 -25.54 -12.80
C3 3PE G . 13.77 -26.88 -13.36
O31 3PE G . 14.36 -27.66 -12.35
O32 3PE G . 16.40 -26.79 -12.78
C31 3PE G . 15.71 -27.43 -12.06
C32 3PE G . 16.30 -28.05 -10.80
C33 3PE G . 17.79 -27.74 -10.69
C34 3PE G . 18.38 -28.57 -9.55
C35 3PE G . 19.91 -28.55 -9.62
C36 3PE G . 20.47 -29.75 -8.87
C37 3PE G . 21.96 -29.90 -9.20
C38 3PE G . 22.55 -31.10 -8.46
C39 3PE G . 24.00 -31.27 -8.88
C3A 3PE G . 24.65 -32.38 -8.04
O21 3PE G . 13.12 -25.61 -11.42
O22 3PE G . 11.36 -26.96 -11.68
C21 3PE G . 12.24 -26.59 -10.97
C22 3PE G . 12.40 -27.16 -9.56
C23 3PE G . 12.14 -28.67 -9.58
C24 3PE G . 12.56 -29.29 -8.25
C25 3PE G . 14.08 -29.28 -8.12
C26 3PE G . 14.52 -30.31 -7.09
C27 3PE G . 16.04 -30.31 -7.00
C28 3PE G . 16.52 -31.56 -6.28
C29 3PE G . 18.06 -31.55 -6.19
C2A 3PE G . 18.55 -32.97 -5.97
C2B 3PE G . 20.08 -32.98 -6.04
C2C 3PE G . 20.58 -34.42 -6.20
C2D 3PE G . 22.08 -34.41 -6.41
C2E 3PE G . 22.56 -35.82 -6.75
C2F 3PE G . 24.06 -35.77 -7.07
C2G 3PE G . 24.56 -37.18 -7.41
HN1 3PE G . 16.96 -19.48 -15.61
HN2 3PE G . 16.78 -18.21 -14.59
H111 3PE G . 14.24 -21.31 -14.51
H112 3PE G . 15.43 -21.03 -15.80
H121 3PE G . 14.95 -19.38 -13.51
H122 3PE G . 16.54 -20.12 -13.32
H11 3PE G . 13.94 -23.49 -12.78
H12 3PE G . 15.25 -24.68 -12.64
H2 3PE G . 12.33 -25.28 -13.26
H31 3PE G . 14.50 -26.70 -14.14
H32 3PE G . 12.92 -27.42 -13.78
H321 3PE G . 16.16 -29.13 -10.84
H322 3PE G . 15.79 -27.66 -9.93
H331 3PE G . 17.94 -26.68 -10.50
H332 3PE G . 18.29 -28.01 -11.62
H341 3PE G . 18.03 -29.59 -9.64
H342 3PE G . 18.06 -28.16 -8.60
H351 3PE G . 20.30 -27.63 -9.18
H352 3PE G . 20.22 -28.60 -10.66
H361 3PE G . 19.94 -30.65 -9.19
H362 3PE G . 20.34 -29.61 -7.80
H371 3PE G . 22.49 -29.00 -8.93
H372 3PE G . 22.07 -30.07 -10.27
H381 3PE G . 21.99 -32.00 -8.69
H382 3PE G . 22.50 -30.92 -7.38
H391 3PE G . 24.54 -30.35 -8.74
H392 3PE G . 24.04 -31.57 -9.92
H221 3PE G . 11.70 -26.69 -8.89
H222 3PE G . 13.41 -26.97 -9.24
H231 3PE G . 12.73 -29.14 -10.38
H232 3PE G . 11.10 -28.86 -9.77
H241 3PE G . 12.19 -30.30 -8.19
H242 3PE G . 12.13 -28.70 -7.44
H251 3PE G . 14.41 -28.30 -7.79
H252 3PE G . 14.52 -29.52 -9.08
H261 3PE G . 14.18 -31.30 -7.39
H262 3PE G . 14.10 -30.06 -6.11
H271 3PE G . 16.37 -29.43 -6.45
H272 3PE G . 16.46 -30.28 -8.00
H281 3PE G . 16.20 -32.44 -6.83
H282 3PE G . 16.12 -31.59 -5.28
H291 3PE G . 18.36 -30.92 -5.36
H292 3PE G . 18.46 -31.16 -7.11
H2A1 3PE G . 18.15 -33.62 -6.75
H2A2 3PE G . 18.23 -33.33 -5.00
H2B1 3PE G . 20.48 -32.55 -5.13
H2B2 3PE G . 20.40 -32.40 -6.89
H2C1 3PE G . 20.10 -34.89 -7.05
H2C2 3PE G . 20.34 -34.99 -5.31
H2D1 3PE G . 22.58 -34.06 -5.51
H2D2 3PE G . 22.32 -33.74 -7.24
H2E1 3PE G . 22.03 -36.20 -7.62
H2E2 3PE G . 22.40 -36.47 -5.90
H2F1 3PE G . 24.60 -35.39 -6.21
H2F2 3PE G . 24.23 -35.12 -7.92
P 3PE H . 11.35 -22.00 -44.42
O11 3PE H . 11.37 -23.65 -44.47
O12 3PE H . 12.76 -21.49 -44.58
O13 3PE H . 10.42 -21.44 -45.66
O14 3PE H . 10.80 -21.52 -43.11
C11 3PE H . 10.81 -21.74 -46.97
C1 3PE H . 12.38 -24.32 -43.76
C2 3PE H . 11.93 -24.57 -42.32
C3 3PE H . 10.72 -25.49 -42.31
O31 3PE H . 11.11 -26.82 -42.12
O32 3PE H . 11.06 -27.20 -44.32
C31 3PE H . 11.45 -27.55 -43.26
C32 3PE H . 12.32 -28.80 -43.15
C33 3PE H . 13.57 -28.52 -42.31
C34 3PE H . 14.11 -29.83 -41.76
C35 3PE H . 15.15 -29.56 -40.66
C36 3PE H . 15.34 -30.82 -39.82
C37 3PE H . 16.25 -30.50 -38.63
C38 3PE H . 16.41 -31.70 -37.69
C39 3PE H . 15.11 -32.09 -36.98
C3A 3PE H . 15.23 -33.48 -36.36
C3B 3PE H . 16.23 -33.49 -35.21
C3C 3PE H . 16.21 -34.86 -34.55
C3D 3PE H . 17.18 -34.89 -33.37
C3E 3PE H . 17.06 -36.23 -32.65
O21 3PE H . 12.98 -25.20 -41.64
O22 3PE H . 12.15 -24.36 -39.70
C21 3PE H . 12.98 -25.02 -40.24
C22 3PE H . 14.08 -25.68 -39.44
C23 3PE H . 13.76 -25.67 -37.95
C24 3PE H . 14.75 -26.60 -37.25
C25 3PE H . 14.64 -26.48 -35.75
C26 3PE H . 15.40 -27.65 -35.13
C27 3PE H . 15.41 -27.53 -33.62
C28 3PE H . 15.41 -28.93 -33.00
C29 3PE H . 15.43 -28.84 -31.48
C2A 3PE H . 14.52 -29.90 -30.88
C2B 3PE H . 14.97 -31.31 -31.23
C2C 3PE H . 14.07 -32.32 -30.54
H11 3PE H . 13.28 -23.73 -43.77
H12 3PE H . 12.57 -25.27 -44.25
H2 3PE H . 11.69 -23.62 -41.86
H31 3PE H . 10.16 -25.39 -43.24
H32 3PE H . 10.07 -25.19 -41.48
H321 3PE H . 12.61 -29.13 -44.14
H322 3PE H . 11.73 -29.58 -42.67
H331 3PE H . 13.31 -27.86 -41.49
H332 3PE H . 14.32 -28.04 -42.93
H341 3PE H . 14.58 -30.40 -42.56
H342 3PE H . 13.30 -30.41 -41.33
H351 3PE H . 14.83 -28.75 -40.03
H352 3PE H . 16.10 -29.30 -41.13
H361 3PE H . 15.81 -31.59 -40.43
H362 3PE H . 14.38 -31.16 -39.48
H371 3PE H . 15.86 -29.66 -38.08
H372 3PE H . 17.24 -30.25 -39.01
H381 3PE H . 17.15 -31.48 -36.94
H382 3PE H . 16.75 -32.56 -38.26
H391 3PE H . 14.28 -32.10 -37.68
H392 3PE H . 14.89 -31.36 -36.20
H3A1 3PE H . 15.56 -34.18 -37.13
H3A2 3PE H . 14.28 -33.80 -35.99
H3B1 3PE H . 15.97 -32.72 -34.49
H3B2 3PE H . 17.24 -33.29 -35.59
H3C1 3PE H . 16.50 -35.61 -35.28
H3C2 3PE H . 15.20 -35.07 -34.20
H3D1 3PE H . 16.93 -34.09 -32.68
H3D2 3PE H . 18.19 -34.76 -33.73
H221 3PE H . 15.02 -25.16 -39.60
H222 3PE H . 14.19 -26.71 -39.78
H231 3PE H . 12.75 -26.03 -37.78
H232 3PE H . 13.86 -24.66 -37.56
H241 3PE H . 15.75 -26.35 -37.56
H242 3PE H . 14.52 -27.62 -37.55
H251 3PE H . 13.59 -26.53 -35.44
H252 3PE H . 15.08 -25.54 -35.41
H261 3PE H . 16.42 -27.67 -35.51
H262 3PE H . 14.89 -28.57 -35.40
H271 3PE H . 14.53 -26.99 -33.28
H272 3PE H . 16.29 -27.00 -33.29
H281 3PE H . 16.28 -29.47 -33.35
H282 3PE H . 14.51 -29.46 -33.32
H291 3PE H . 15.13 -27.85 -31.16
H292 3PE H . 16.46 -29.03 -31.15
H2A1 3PE H . 13.51 -29.74 -31.23
H2A2 3PE H . 14.53 -29.79 -29.80
H2B1 3PE H . 15.99 -31.46 -30.90
H2B2 3PE H . 14.91 -31.46 -32.31
P 3PE I . 3.91 -34.35 5.91
N 3PE I . 0.24 -37.38 7.53
O11 3PE I . 3.88 -33.32 7.20
O12 3PE I . 4.93 -35.44 6.16
O13 3PE I . 2.42 -35.03 5.75
O14 3PE I . 4.26 -33.62 4.64
C11 3PE I . 2.04 -35.93 6.75
C12 3PE I . 0.68 -36.56 6.41
C1 3PE I . 4.08 -31.94 7.03
C2 3PE I . 2.90 -31.29 6.32
C3 3PE I . 1.64 -31.28 7.20
O31 3PE I . 1.31 -29.96 7.58
O32 3PE I . 2.82 -30.12 9.22
C31 3PE I . 1.96 -29.47 8.72
C32 3PE I . 1.61 -28.12 9.33
C33 3PE I . 1.51 -27.04 8.25
C34 3PE I . 1.08 -25.71 8.87
C35 3PE I . 0.26 -24.95 7.86
C36 3PE I . -0.13 -23.54 8.34
C37 3PE I . -1.35 -23.07 7.54
C38 3PE I . -1.64 -21.60 7.78
C39 3PE I . -2.50 -21.05 6.65
C3A 3PE I . -2.73 -19.55 6.85
C3B 3PE I . -1.42 -18.78 6.74
O21 3PE I . 3.24 -29.96 6.01
O22 3PE I . 1.43 -29.78 4.70
C21 3PE I . 2.56 -29.46 4.90
C22 3PE I . 3.26 -28.51 3.92
C23 3PE I . 2.36 -27.31 3.67
C24 3PE I . 2.54 -26.79 2.24
C25 3PE I . 3.77 -25.92 2.08
C26 3PE I . 3.88 -25.56 0.61
C27 3PE I . 4.57 -24.21 0.40
C28 3PE I . 4.36 -23.64 -1.02
C29 3PE I . 2.91 -23.56 -1.50
C2A 3PE I . 2.06 -22.63 -0.62
C2B 3PE I . 0.61 -23.12 -0.57
C2C 3PE I . -0.19 -22.15 0.30
C2D 3PE I . -1.34 -22.85 1.04
C2E 3PE I . -2.59 -22.90 0.17
C2F 3PE I . -3.70 -23.58 0.98
C2G 3PE I . -5.00 -23.61 0.16
HN1 3PE I . 0.44 -36.91 8.39
HN2 3PE I . -0.75 -37.50 7.45
H111 3PE I . 1.96 -35.38 7.69
H112 3PE I . 2.80 -36.71 6.86
H121 3PE I . -0.05 -35.78 6.22
H122 3PE I . 0.77 -37.18 5.52
H11 3PE I . 4.99 -31.78 6.45
H12 3PE I . 4.20 -31.50 8.01
H2 3PE I . 2.68 -31.82 5.40
H31 3PE I . 1.82 -31.88 8.08
H32 3PE I . 0.82 -31.70 6.64
H321 3PE I . 2.38 -27.83 10.04
H322 3PE I . 0.65 -28.20 9.84
H331 3PE I . 0.77 -27.34 7.51
H332 3PE I . 2.46 -26.92 7.76
H341 3PE I . 1.97 -25.14 9.14
H342 3PE I . 0.49 -25.89 9.75
H351 3PE I . -0.64 -25.51 7.64
H352 3PE I . 0.84 -24.84 6.96
H361 3PE I . 0.71 -22.87 8.18
H362 3PE I . -0.38 -23.57 9.40
H371 3PE I . -2.21 -23.67 7.81
H372 3PE I . -1.15 -23.20 6.48
H381 3PE I . -0.70 -21.06 7.83
H382 3PE I . -2.16 -21.48 8.73
H391 3PE I . -3.44 -21.57 6.63
H392 3PE I . -1.98 -21.20 5.70
H3A1 3PE I . -3.17 -19.38 7.82
H3A2 3PE I . -3.42 -19.19 6.09
H221 3PE I . 3.45 -29.03 3.00
H222 3PE I . 4.19 -28.18 4.37
H231 3PE I . 2.61 -26.52 4.37
H232 3PE I . 1.32 -27.59 3.82
H241 3PE I . 1.66 -26.21 1.97
H242 3PE I . 2.61 -27.64 1.57
H251 3PE I . 4.66 -26.47 2.40
H252 3PE I . 3.66 -25.02 2.68
H261 3PE I . 2.87 -25.54 0.20
H262 3PE I . 4.46 -26.32 0.09
H271 3PE I . 5.63 -24.35 0.54
H272 3PE I . 4.21 -23.50 1.13
H281 3PE I . 4.90 -24.29 -1.71
H282 3PE I . 4.79 -22.66 -1.06
H291 3PE I . 2.46 -24.54 -1.52
H292 3PE I . 2.90 -23.17 -2.51
H2A1 3PE I . 2.08 -21.63 -1.03
H2A2 3PE I . 2.45 -22.62 0.39
H2B1 3PE I . 0.59 -24.11 -0.13
H2B2 3PE I . 0.19 -23.15 -1.57
H2C1 3PE I . -0.59 -21.35 -0.31
H2C2 3PE I . 0.48 -21.72 1.03
H2D1 3PE I . -1.57 -22.28 1.93
H2D2 3PE I . -1.04 -23.85 1.32
H2E1 3PE I . -2.40 -23.47 -0.74
H2E2 3PE I . -2.91 -21.90 -0.09
H2F1 3PE I . -3.87 -23.04 1.89
H2F2 3PE I . -3.40 -24.61 1.21
P 3PE J . -15.69 -7.81 -9.00
N 3PE J . -12.98 -4.51 -7.55
O11 3PE J . -15.52 -9.23 -8.20
O12 3PE J . -15.77 -8.07 -10.48
O13 3PE J . -14.38 -6.85 -8.68
O14 3PE J . -16.94 -7.10 -8.53
C11 3PE J . -14.31 -5.59 -9.27
C12 3PE J . -12.95 -4.99 -8.92
C1 3PE J . -16.57 -10.15 -8.16
C2 3PE J . -16.09 -11.38 -7.39
C3 3PE J . -17.19 -12.44 -7.32
O31 3PE J . -17.55 -12.59 -5.97
O32 3PE J . -19.21 -14.06 -6.31
C31 3PE J . -18.26 -13.76 -5.67
C32 3PE J . -17.81 -14.66 -4.51
C33 3PE J . -16.44 -15.28 -4.81
C34 3PE J . -16.12 -16.35 -3.77
C35 3PE J . -14.77 -16.98 -4.12
C36 3PE J . -14.46 -18.17 -3.20
C37 3PE J . -14.31 -17.74 -1.74
C38 3PE J . -13.82 -18.93 -0.91
C39 3PE J . -13.89 -18.59 0.57
O21 3PE J . -14.91 -11.89 -7.95
O22 3PE J . -15.85 -12.26 -9.99
C21 3PE J . -14.96 -12.48 -9.22
C22 3PE J . -13.82 -13.42 -9.62
C23 3PE J . -14.39 -14.83 -9.72
C24 3PE J . -13.50 -15.83 -9.00
C25 3PE J . -12.04 -15.79 -9.46
C26 3PE J . -11.25 -16.94 -8.83
C27 3PE J . -11.10 -16.73 -7.32
C28 3PE J . -10.47 -17.93 -6.64
C29 3PE J . -10.36 -17.62 -5.16
C2A 3PE J . -10.28 -18.91 -4.33
C2B 3PE J . -9.02 -19.69 -4.64
C2C 3PE J . -8.82 -20.77 -3.58
C2D 3PE J . -8.22 -20.15 -2.32
HN1 3PE J . -13.47 -5.18 -6.98
HN2 3PE J . -12.06 -4.39 -7.19
H111 3PE J . -15.09 -4.97 -8.87
H112 3PE J . -14.43 -5.66 -10.36
H121 3PE J . -12.18 -5.75 -9.04
H122 3PE J . -12.74 -4.16 -9.58
H11 3PE J . -16.86 -10.42 -9.17
H12 3PE J . -17.42 -9.71 -7.65
H2 3PE J . -15.86 -11.06 -6.38
H31 3PE J . -16.83 -13.39 -7.70
H32 3PE J . -18.05 -12.11 -7.89
H321 3PE J . -18.54 -15.45 -4.38
H322 3PE J . -17.75 -14.08 -3.59
H331 3PE J . -15.68 -14.52 -4.80
H332 3PE J . -16.47 -15.74 -5.80
H341 3PE J . -16.89 -17.11 -3.78
H342 3PE J . -16.06 -15.89 -2.78
H351 3PE J . -13.98 -16.24 -4.04
H352 3PE J . -14.82 -17.34 -5.15
H361 3PE J . -13.52 -18.61 -3.53
H362 3PE J . -15.24 -18.91 -3.28
H371 3PE J . -15.26 -17.39 -1.36
H372 3PE J . -13.59 -16.93 -1.67
H381 3PE J . -12.80 -19.16 -1.19
H382 3PE J . -14.45 -19.79 -1.12
H221 3PE J . -13.06 -13.37 -8.85
H222 3PE J . -13.41 -13.12 -10.58
H231 3PE J . -14.49 -15.11 -10.76
H232 3PE J . -15.37 -14.84 -9.26
H241 3PE J . -13.88 -16.84 -9.14
H242 3PE J . -13.54 -15.60 -7.93
H251 3PE J . -11.58 -14.86 -9.18
H252 3PE J . -12.01 -15.89 -10.55
H261 3PE J . -10.27 -17.00 -9.29
H262 3PE J . -11.78 -17.87 -9.00
H271 3PE J . -12.07 -16.56 -6.87
H272 3PE J . -10.48 -15.85 -7.14
H281 3PE J . -9.48 -18.11 -7.06
H282 3PE J . -11.08 -18.82 -6.80
H291 3PE J . -11.22 -17.04 -4.83
H292 3PE J . -9.46 -17.04 -4.99
H2A1 3PE J . -11.16 -19.52 -4.54
H2A2 3PE J . -10.27 -18.64 -3.28
H2B1 3PE J . -8.17 -19.02 -4.62
H2B2 3PE J . -9.08 -20.15 -5.63
H2C1 3PE J . -8.16 -21.54 -3.95
H2C2 3PE J . -9.78 -21.21 -3.33
#